data_7WJH
# 
_entry.id   7WJH 
# 
_audit_conform.dict_name       mmcif_pdbx.dic 
_audit_conform.dict_version    5.380 
_audit_conform.dict_location   http://mmcif.pdb.org/dictionaries/ascii/mmcif_pdbx.dic 
# 
loop_
_database_2.database_id 
_database_2.database_code 
_database_2.pdbx_database_accession 
_database_2.pdbx_DOI 
PDB   7WJH         pdb_00007wjh 10.2210/pdb7wjh/pdb 
WWPDB D_1300026843 ?            ?                   
# 
_pdbx_database_status.status_code                     REL 
_pdbx_database_status.status_code_sf                  REL 
_pdbx_database_status.status_code_mr                  ? 
_pdbx_database_status.entry_id                        7WJH 
_pdbx_database_status.recvd_initial_deposition_date   2022-01-06 
_pdbx_database_status.SG_entry                        N 
_pdbx_database_status.deposit_site                    PDBJ 
_pdbx_database_status.process_site                    PDBJ 
_pdbx_database_status.status_code_cs                  ? 
_pdbx_database_status.status_code_nmr_data            ? 
_pdbx_database_status.methods_development_category    ? 
_pdbx_database_status.pdb_format_compatible           Y 
# 
loop_
_audit_author.name 
_audit_author.pdbx_ordinal 
_audit_author.identifier_ORCID 
'Lim, D.' 1 ? 
'Ku, B.'  2 ? 
# 
_citation.abstract                  ? 
_citation.abstract_id_CAS           ? 
_citation.book_id_ISBN              ? 
_citation.book_publisher            ? 
_citation.book_publisher_city       ? 
_citation.book_title                ? 
_citation.coordinate_linkage        ? 
_citation.country                   US 
_citation.database_id_Medline       ? 
_citation.details                   ? 
_citation.id                        primary 
_citation.journal_abbrev            Biochem.Biophys.Res.Commun. 
_citation.journal_id_ASTM           BBRCA9 
_citation.journal_id_CSD            0146 
_citation.journal_id_ISSN           1090-2104 
_citation.journal_full              ? 
_citation.journal_issue             ? 
_citation.journal_volume            625 
_citation.language                  ? 
_citation.page_first                174 
_citation.page_last                 180 
_citation.title                     
'Structural and biochemical analyses of Bcl-xL in complex with the BH3 domain of peroxisomal testis-specific 1.' 
_citation.year                      2022 
_citation.database_id_CSD           ? 
_citation.pdbx_database_id_DOI      10.1016/j.bbrc.2022.08.009 
_citation.pdbx_database_id_PubMed   35964379 
_citation.pdbx_database_id_patent   ? 
_citation.unpublished_flag          ? 
# 
loop_
_citation_author.citation_id 
_citation_author.name 
_citation_author.ordinal 
_citation_author.identifier_ORCID 
primary 'Lim, D.'    1 ? 
primary 'Jin, S.'    2 ? 
primary 'Shin, H.C.' 3 ? 
primary 'Kim, W.'    4 ? 
primary 'Choi, J.S.' 5 ? 
primary 'Oh, D.B.'   6 ? 
primary 'Kim, S.J.'  7 ? 
primary 'Seo, J.'    8 ? 
primary 'Ku, B.'     9 ? 
# 
_cell.angle_alpha                  90.00 
_cell.angle_alpha_esd              ? 
_cell.angle_beta                   90.00 
_cell.angle_beta_esd               ? 
_cell.angle_gamma                  90.00 
_cell.angle_gamma_esd              ? 
_cell.entry_id                     7WJH 
_cell.details                      ? 
_cell.formula_units_Z              ? 
_cell.length_a                     56.658 
_cell.length_a_esd                 ? 
_cell.length_b                     60.675 
_cell.length_b_esd                 ? 
_cell.length_c                     97.763 
_cell.length_c_esd                 ? 
_cell.volume                       ? 
_cell.volume_esd                   ? 
_cell.Z_PDB                        8 
_cell.reciprocal_angle_alpha       ? 
_cell.reciprocal_angle_beta        ? 
_cell.reciprocal_angle_gamma       ? 
_cell.reciprocal_angle_alpha_esd   ? 
_cell.reciprocal_angle_beta_esd    ? 
_cell.reciprocal_angle_gamma_esd   ? 
_cell.reciprocal_length_a          ? 
_cell.reciprocal_length_b          ? 
_cell.reciprocal_length_c          ? 
_cell.reciprocal_length_a_esd      ? 
_cell.reciprocal_length_b_esd      ? 
_cell.reciprocal_length_c_esd      ? 
_cell.pdbx_unique_axis             ? 
# 
_symmetry.entry_id                         7WJH 
_symmetry.cell_setting                     ? 
_symmetry.Int_Tables_number                20 
_symmetry.space_group_name_Hall            ? 
_symmetry.space_group_name_H-M             'C 2 2 21' 
_symmetry.pdbx_full_space_group_name_H-M   ? 
# 
loop_
_entity.id 
_entity.type 
_entity.src_method 
_entity.pdbx_description 
_entity.formula_weight 
_entity.pdbx_number_of_molecules 
_entity.pdbx_ec 
_entity.pdbx_mutation 
_entity.pdbx_fragment 
_entity.details 
1 polymer     man 'Bcl-2-like protein 1'                  18124.922 1   ? ? ? ? 
2 polymer     syn 'Peroxisomal testis-specific protein 1' 3176.652  1   ? ? ? ? 
3 non-polymer syn 'SULFATE ION'                           96.063    1   ? ? ? ? 
4 non-polymer syn 'MAGNESIUM ION'                         24.305    1   ? ? ? ? 
5 water       nat water                                   18.015    185 ? ? ? ? 
# 
loop_
_entity_name_com.entity_id 
_entity_name_com.name 
1 'Bcl2-L-1,Apoptosis regulator Bcl-X'        
2 'Small testis-specific peroxisomal protein' 
# 
loop_
_entity_poly.entity_id 
_entity_poly.type 
_entity_poly.nstd_linkage 
_entity_poly.nstd_monomer 
_entity_poly.pdbx_seq_one_letter_code 
_entity_poly.pdbx_seq_one_letter_code_can 
_entity_poly.pdbx_strand_id 
_entity_poly.pdbx_target_identifier 
1 'polypeptide(L)' no no 
;GSHMSQSNRELVVDFLSYKLSQKGYSWSQFSDVEENRTEAPEETESAVKQALREAGDEFELRYRRAFSDLTSQLHITPGT
AYQSFEQVVNELFRDGVNWGRIVAFFSFGGALCVESVDKEMQVLVSRIASWMATYLNDHLEPWIQENGGWDTFVDLYG
;
;GSHMSQSNRELVVDFLSYKLSQKGYSWSQFSDVEENRTEAPEETESAVKQALREAGDEFELRYRRAFSDLTSQLHITPGT
AYQSFEQVVNELFRDGVNWGRIVAFFSFGGALCVESVDKEMQVLVSRIASWMATYLNDHLEPWIQENGGWDTFVDLYG
;
A ? 
2 'polypeptide(L)' no no EEIIHKLAMQLRHIGDNIDHRMVRED EEIIHKLAMQLRHIGDNIDHRMVRED B ? 
# 
loop_
_entity_poly_seq.entity_id 
_entity_poly_seq.num 
_entity_poly_seq.mon_id 
_entity_poly_seq.hetero 
1 1   GLY n 
1 2   SER n 
1 3   HIS n 
1 4   MET n 
1 5   SER n 
1 6   GLN n 
1 7   SER n 
1 8   ASN n 
1 9   ARG n 
1 10  GLU n 
1 11  LEU n 
1 12  VAL n 
1 13  VAL n 
1 14  ASP n 
1 15  PHE n 
1 16  LEU n 
1 17  SER n 
1 18  TYR n 
1 19  LYS n 
1 20  LEU n 
1 21  SER n 
1 22  GLN n 
1 23  LYS n 
1 24  GLY n 
1 25  TYR n 
1 26  SER n 
1 27  TRP n 
1 28  SER n 
1 29  GLN n 
1 30  PHE n 
1 31  SER n 
1 32  ASP n 
1 33  VAL n 
1 34  GLU n 
1 35  GLU n 
1 36  ASN n 
1 37  ARG n 
1 38  THR n 
1 39  GLU n 
1 40  ALA n 
1 41  PRO n 
1 42  GLU n 
1 43  GLU n 
1 44  THR n 
1 45  GLU n 
1 46  SER n 
1 47  ALA n 
1 48  VAL n 
1 49  LYS n 
1 50  GLN n 
1 51  ALA n 
1 52  LEU n 
1 53  ARG n 
1 54  GLU n 
1 55  ALA n 
1 56  GLY n 
1 57  ASP n 
1 58  GLU n 
1 59  PHE n 
1 60  GLU n 
1 61  LEU n 
1 62  ARG n 
1 63  TYR n 
1 64  ARG n 
1 65  ARG n 
1 66  ALA n 
1 67  PHE n 
1 68  SER n 
1 69  ASP n 
1 70  LEU n 
1 71  THR n 
1 72  SER n 
1 73  GLN n 
1 74  LEU n 
1 75  HIS n 
1 76  ILE n 
1 77  THR n 
1 78  PRO n 
1 79  GLY n 
1 80  THR n 
1 81  ALA n 
1 82  TYR n 
1 83  GLN n 
1 84  SER n 
1 85  PHE n 
1 86  GLU n 
1 87  GLN n 
1 88  VAL n 
1 89  VAL n 
1 90  ASN n 
1 91  GLU n 
1 92  LEU n 
1 93  PHE n 
1 94  ARG n 
1 95  ASP n 
1 96  GLY n 
1 97  VAL n 
1 98  ASN n 
1 99  TRP n 
1 100 GLY n 
1 101 ARG n 
1 102 ILE n 
1 103 VAL n 
1 104 ALA n 
1 105 PHE n 
1 106 PHE n 
1 107 SER n 
1 108 PHE n 
1 109 GLY n 
1 110 GLY n 
1 111 ALA n 
1 112 LEU n 
1 113 CYS n 
1 114 VAL n 
1 115 GLU n 
1 116 SER n 
1 117 VAL n 
1 118 ASP n 
1 119 LYS n 
1 120 GLU n 
1 121 MET n 
1 122 GLN n 
1 123 VAL n 
1 124 LEU n 
1 125 VAL n 
1 126 SER n 
1 127 ARG n 
1 128 ILE n 
1 129 ALA n 
1 130 SER n 
1 131 TRP n 
1 132 MET n 
1 133 ALA n 
1 134 THR n 
1 135 TYR n 
1 136 LEU n 
1 137 ASN n 
1 138 ASP n 
1 139 HIS n 
1 140 LEU n 
1 141 GLU n 
1 142 PRO n 
1 143 TRP n 
1 144 ILE n 
1 145 GLN n 
1 146 GLU n 
1 147 ASN n 
1 148 GLY n 
1 149 GLY n 
1 150 TRP n 
1 151 ASP n 
1 152 THR n 
1 153 PHE n 
1 154 VAL n 
1 155 ASP n 
1 156 LEU n 
1 157 TYR n 
1 158 GLY n 
2 1   GLU n 
2 2   GLU n 
2 3   ILE n 
2 4   ILE n 
2 5   HIS n 
2 6   LYS n 
2 7   LEU n 
2 8   ALA n 
2 9   MET n 
2 10  GLN n 
2 11  LEU n 
2 12  ARG n 
2 13  HIS n 
2 14  ILE n 
2 15  GLY n 
2 16  ASP n 
2 17  ASN n 
2 18  ILE n 
2 19  ASP n 
2 20  HIS n 
2 21  ARG n 
2 22  MET n 
2 23  VAL n 
2 24  ARG n 
2 25  GLU n 
2 26  ASP n 
# 
loop_
_entity_src_gen.entity_id 
_entity_src_gen.pdbx_src_id 
_entity_src_gen.pdbx_alt_source_flag 
_entity_src_gen.pdbx_seq_type 
_entity_src_gen.pdbx_beg_seq_num 
_entity_src_gen.pdbx_end_seq_num 
_entity_src_gen.gene_src_common_name 
_entity_src_gen.gene_src_genus 
_entity_src_gen.pdbx_gene_src_gene 
_entity_src_gen.gene_src_species 
_entity_src_gen.gene_src_strain 
_entity_src_gen.gene_src_tissue 
_entity_src_gen.gene_src_tissue_fraction 
_entity_src_gen.gene_src_details 
_entity_src_gen.pdbx_gene_src_fragment 
_entity_src_gen.pdbx_gene_src_scientific_name 
_entity_src_gen.pdbx_gene_src_ncbi_taxonomy_id 
_entity_src_gen.pdbx_gene_src_variant 
_entity_src_gen.pdbx_gene_src_cell_line 
_entity_src_gen.pdbx_gene_src_atcc 
_entity_src_gen.pdbx_gene_src_organ 
_entity_src_gen.pdbx_gene_src_organelle 
_entity_src_gen.pdbx_gene_src_cell 
_entity_src_gen.pdbx_gene_src_cellular_location 
_entity_src_gen.host_org_common_name 
_entity_src_gen.pdbx_host_org_scientific_name 
_entity_src_gen.pdbx_host_org_ncbi_taxonomy_id 
_entity_src_gen.host_org_genus 
_entity_src_gen.pdbx_host_org_gene 
_entity_src_gen.pdbx_host_org_organ 
_entity_src_gen.host_org_species 
_entity_src_gen.pdbx_host_org_tissue 
_entity_src_gen.pdbx_host_org_tissue_fraction 
_entity_src_gen.pdbx_host_org_strain 
_entity_src_gen.pdbx_host_org_variant 
_entity_src_gen.pdbx_host_org_cell_line 
_entity_src_gen.pdbx_host_org_atcc 
_entity_src_gen.pdbx_host_org_culture_collection 
_entity_src_gen.pdbx_host_org_cell 
_entity_src_gen.pdbx_host_org_organelle 
_entity_src_gen.pdbx_host_org_cellular_location 
_entity_src_gen.pdbx_host_org_vector_type 
_entity_src_gen.pdbx_host_org_vector 
_entity_src_gen.host_org_details 
_entity_src_gen.expression_system_id 
_entity_src_gen.plasmid_name 
_entity_src_gen.plasmid_details 
_entity_src_gen.pdbx_description 
1 1 sample 'Biological sequence' 1  45  'house mouse' ? 'Bcl2l1, Bcl2l, Bclx' ? ? ? ? ? ? 'Mus musculus' 10090 ? ? ? ? ? ? ? ? 
'Escherichia coli' 562 ? ? ? ? ? ? ? ? ? ? ? ? ? ? ? ? ? ? ? ? ? 
1 2 sample 'Biological sequence' 46 158 'house mouse' ? 'Bcl2l1, Bcl2l, Bclx' ? ? ? ? ? ? 'Mus musculus' 10090 ? ? ? ? ? ? ? ? 
'Escherichia coli' 562 ? ? ? ? ? ? ? ? ? ? ? ? ? ? ? ? ? ? ? ? ? 
# 
_pdbx_entity_src_syn.entity_id              2 
_pdbx_entity_src_syn.pdbx_src_id            1 
_pdbx_entity_src_syn.pdbx_alt_source_flag   sample 
_pdbx_entity_src_syn.pdbx_beg_seq_num       1 
_pdbx_entity_src_syn.pdbx_end_seq_num       26 
_pdbx_entity_src_syn.organism_scientific    'Homo sapiens' 
_pdbx_entity_src_syn.organism_common_name   human 
_pdbx_entity_src_syn.ncbi_taxonomy_id       9606 
_pdbx_entity_src_syn.details                ? 
# 
loop_
_struct_ref.id 
_struct_ref.db_name 
_struct_ref.db_code 
_struct_ref.pdbx_db_accession 
_struct_ref.pdbx_db_isoform 
_struct_ref.entity_id 
_struct_ref.pdbx_seq_one_letter_code 
_struct_ref.pdbx_align_begin 
1 UNP B2CL1_MOUSE Q64373 ? 1 MSQSNRELVVDFLSYKLSQKGYSWSQFSDVEENRTEAPEETE 1  
2 UNP B2CL1_MOUSE Q64373 ? 1 
;AVKQALREAGDEFELRYRRAFSDLTSQLHITPGTAYQSFEQVVNELFRDGVNWGRIVAFFSFGGALCVESVDKEMQVLVS
RIASWMATYLNDHLEPWIQENGGWDTFVDLYG
;
85 
3 UNP PXT1_HUMAN  Q8NFP0 ? 2 EEIIHKLAMQLRHIGDNIDHRMVRED 76 
# 
loop_
_struct_ref_seq.align_id 
_struct_ref_seq.ref_id 
_struct_ref_seq.pdbx_PDB_id_code 
_struct_ref_seq.pdbx_strand_id 
_struct_ref_seq.seq_align_beg 
_struct_ref_seq.pdbx_seq_align_beg_ins_code 
_struct_ref_seq.seq_align_end 
_struct_ref_seq.pdbx_seq_align_end_ins_code 
_struct_ref_seq.pdbx_db_accession 
_struct_ref_seq.db_align_beg 
_struct_ref_seq.pdbx_db_align_beg_ins_code 
_struct_ref_seq.db_align_end 
_struct_ref_seq.pdbx_db_align_end_ins_code 
_struct_ref_seq.pdbx_auth_seq_align_beg 
_struct_ref_seq.pdbx_auth_seq_align_end 
1 1 7WJH A 4  ? 45  ? Q64373 1  ? 42  ? 1  42  
2 2 7WJH A 47 ? 158 ? Q64373 85 ? 196 ? 85 196 
3 3 7WJH B 1  ? 26  ? Q8NFP0 76 ? 101 ? 76 101 
# 
loop_
_struct_ref_seq_dif.align_id 
_struct_ref_seq_dif.pdbx_pdb_id_code 
_struct_ref_seq_dif.mon_id 
_struct_ref_seq_dif.pdbx_pdb_strand_id 
_struct_ref_seq_dif.seq_num 
_struct_ref_seq_dif.pdbx_pdb_ins_code 
_struct_ref_seq_dif.pdbx_seq_db_name 
_struct_ref_seq_dif.pdbx_seq_db_accession_code 
_struct_ref_seq_dif.db_mon_id 
_struct_ref_seq_dif.pdbx_seq_db_seq_num 
_struct_ref_seq_dif.details 
_struct_ref_seq_dif.pdbx_auth_seq_num 
_struct_ref_seq_dif.pdbx_ordinal 
1 7WJH GLY A 1  ? UNP Q64373 ? ? 'expression tag' -2 1 
1 7WJH SER A 2  ? UNP Q64373 ? ? 'expression tag' -1 2 
1 7WJH HIS A 3  ? UNP Q64373 ? ? 'expression tag' 0  3 
1 7WJH SER A 46 ? UNP Q64373 ? ? linker           84 4 
# 
loop_
_chem_comp.id 
_chem_comp.type 
_chem_comp.mon_nstd_flag 
_chem_comp.name 
_chem_comp.pdbx_synonyms 
_chem_comp.formula 
_chem_comp.formula_weight 
ALA 'L-peptide linking' y ALANINE         ? 'C3 H7 N O2'     89.093  
ARG 'L-peptide linking' y ARGININE        ? 'C6 H15 N4 O2 1' 175.209 
ASN 'L-peptide linking' y ASPARAGINE      ? 'C4 H8 N2 O3'    132.118 
ASP 'L-peptide linking' y 'ASPARTIC ACID' ? 'C4 H7 N O4'     133.103 
CYS 'L-peptide linking' y CYSTEINE        ? 'C3 H7 N O2 S'   121.158 
GLN 'L-peptide linking' y GLUTAMINE       ? 'C5 H10 N2 O3'   146.144 
GLU 'L-peptide linking' y 'GLUTAMIC ACID' ? 'C5 H9 N O4'     147.129 
GLY 'peptide linking'   y GLYCINE         ? 'C2 H5 N O2'     75.067  
HIS 'L-peptide linking' y HISTIDINE       ? 'C6 H10 N3 O2 1' 156.162 
HOH non-polymer         . WATER           ? 'H2 O'           18.015  
ILE 'L-peptide linking' y ISOLEUCINE      ? 'C6 H13 N O2'    131.173 
LEU 'L-peptide linking' y LEUCINE         ? 'C6 H13 N O2'    131.173 
LYS 'L-peptide linking' y LYSINE          ? 'C6 H15 N2 O2 1' 147.195 
MET 'L-peptide linking' y METHIONINE      ? 'C5 H11 N O2 S'  149.211 
MG  non-polymer         . 'MAGNESIUM ION' ? 'Mg 2'           24.305  
PHE 'L-peptide linking' y PHENYLALANINE   ? 'C9 H11 N O2'    165.189 
PRO 'L-peptide linking' y PROLINE         ? 'C5 H9 N O2'     115.130 
SER 'L-peptide linking' y SERINE          ? 'C3 H7 N O3'     105.093 
SO4 non-polymer         . 'SULFATE ION'   ? 'O4 S -2'        96.063  
THR 'L-peptide linking' y THREONINE       ? 'C4 H9 N O3'     119.119 
TRP 'L-peptide linking' y TRYPTOPHAN      ? 'C11 H12 N2 O2'  204.225 
TYR 'L-peptide linking' y TYROSINE        ? 'C9 H11 N O3'    181.189 
VAL 'L-peptide linking' y VALINE          ? 'C5 H11 N O2'    117.146 
# 
_exptl.absorpt_coefficient_mu     ? 
_exptl.absorpt_correction_T_max   ? 
_exptl.absorpt_correction_T_min   ? 
_exptl.absorpt_correction_type    ? 
_exptl.absorpt_process_details    ? 
_exptl.entry_id                   7WJH 
_exptl.crystals_number            1 
_exptl.details                    ? 
_exptl.method                     'X-RAY DIFFRACTION' 
_exptl.method_details             ? 
# 
_exptl_crystal.colour                      ? 
_exptl_crystal.density_diffrn              ? 
_exptl_crystal.density_Matthews            1.90 
_exptl_crystal.density_method              ? 
_exptl_crystal.density_percent_sol         35.32 
_exptl_crystal.description                 ? 
_exptl_crystal.F_000                       ? 
_exptl_crystal.id                          1 
_exptl_crystal.preparation                 ? 
_exptl_crystal.size_max                    ? 
_exptl_crystal.size_mid                    ? 
_exptl_crystal.size_min                    ? 
_exptl_crystal.size_rad                    ? 
_exptl_crystal.colour_lustre               ? 
_exptl_crystal.colour_modifier             ? 
_exptl_crystal.colour_primary              ? 
_exptl_crystal.density_meas                ? 
_exptl_crystal.density_meas_esd            ? 
_exptl_crystal.density_meas_gt             ? 
_exptl_crystal.density_meas_lt             ? 
_exptl_crystal.density_meas_temp           ? 
_exptl_crystal.density_meas_temp_esd       ? 
_exptl_crystal.density_meas_temp_gt        ? 
_exptl_crystal.density_meas_temp_lt        ? 
_exptl_crystal.pdbx_crystal_image_url      ? 
_exptl_crystal.pdbx_crystal_image_format   ? 
_exptl_crystal.pdbx_mosaicity              ? 
_exptl_crystal.pdbx_mosaicity_esd          ? 
# 
_exptl_crystal_grow.apparatus       ? 
_exptl_crystal_grow.atmosphere      ? 
_exptl_crystal_grow.crystal_id      1 
_exptl_crystal_grow.details         ? 
_exptl_crystal_grow.method          'VAPOR DIFFUSION, SITTING DROP' 
_exptl_crystal_grow.method_ref      ? 
_exptl_crystal_grow.pH              ? 
_exptl_crystal_grow.pressure        ? 
_exptl_crystal_grow.pressure_esd    ? 
_exptl_crystal_grow.seeding         ? 
_exptl_crystal_grow.seeding_ref     ? 
_exptl_crystal_grow.temp            291 
_exptl_crystal_grow.temp_details    ? 
_exptl_crystal_grow.temp_esd        ? 
_exptl_crystal_grow.time            ? 
_exptl_crystal_grow.pdbx_details    '0.2 M ammonium sulfate and 30% (w/v) polyethylene glycol 8,000' 
_exptl_crystal_grow.pdbx_pH_range   ? 
# 
_diffrn.ambient_environment              ? 
_diffrn.ambient_temp                     93 
_diffrn.ambient_temp_details             ? 
_diffrn.ambient_temp_esd                 ? 
_diffrn.crystal_id                       1 
_diffrn.crystal_support                  ? 
_diffrn.crystal_treatment                ? 
_diffrn.details                          ? 
_diffrn.id                               1 
_diffrn.ambient_pressure                 ? 
_diffrn.ambient_pressure_esd             ? 
_diffrn.ambient_pressure_gt              ? 
_diffrn.ambient_pressure_lt              ? 
_diffrn.ambient_temp_gt                  ? 
_diffrn.ambient_temp_lt                  ? 
_diffrn.pdbx_serial_crystal_experiment   N 
# 
_diffrn_detector.details                      ? 
_diffrn_detector.detector                     CCD 
_diffrn_detector.diffrn_id                    1 
_diffrn_detector.type                         'ADSC QUANTUM 270' 
_diffrn_detector.area_resol_mean              ? 
_diffrn_detector.dtime                        ? 
_diffrn_detector.pdbx_frames_total            ? 
_diffrn_detector.pdbx_collection_time_total   ? 
_diffrn_detector.pdbx_collection_date         2019-12-10 
_diffrn_detector.pdbx_frequency               ? 
# 
_diffrn_radiation.collimation                      ? 
_diffrn_radiation.diffrn_id                        1 
_diffrn_radiation.filter_edge                      ? 
_diffrn_radiation.inhomogeneity                    ? 
_diffrn_radiation.monochromator                    ? 
_diffrn_radiation.polarisn_norm                    ? 
_diffrn_radiation.polarisn_ratio                   ? 
_diffrn_radiation.probe                            ? 
_diffrn_radiation.type                             ? 
_diffrn_radiation.xray_symbol                      ? 
_diffrn_radiation.wavelength_id                    1 
_diffrn_radiation.pdbx_monochromatic_or_laue_m_l   M 
_diffrn_radiation.pdbx_wavelength_list             ? 
_diffrn_radiation.pdbx_wavelength                  ? 
_diffrn_radiation.pdbx_diffrn_protocol             'SINGLE WAVELENGTH' 
_diffrn_radiation.pdbx_analyzer                    ? 
_diffrn_radiation.pdbx_scattering_type             x-ray 
# 
_diffrn_radiation_wavelength.id           1 
_diffrn_radiation_wavelength.wavelength   0.987 
_diffrn_radiation_wavelength.wt           1.0 
# 
_diffrn_source.current                     ? 
_diffrn_source.details                     ? 
_diffrn_source.diffrn_id                   1 
_diffrn_source.power                       ? 
_diffrn_source.size                        ? 
_diffrn_source.source                      SYNCHROTRON 
_diffrn_source.target                      ? 
_diffrn_source.type                        'PAL/PLS BEAMLINE 7A (6B, 6C1)' 
_diffrn_source.voltage                     ? 
_diffrn_source.take-off_angle              ? 
_diffrn_source.pdbx_wavelength_list        0.987 
_diffrn_source.pdbx_wavelength             ? 
_diffrn_source.pdbx_synchrotron_beamline   '7A (6B, 6C1)' 
_diffrn_source.pdbx_synchrotron_site       PAL/PLS 
# 
_reflns.B_iso_Wilson_estimate                          ? 
_reflns.entry_id                                       7WJH 
_reflns.data_reduction_details                         ? 
_reflns.data_reduction_method                          ? 
_reflns.d_resolution_high                              1.698 
_reflns.d_resolution_low                               50 
_reflns.details                                        ? 
_reflns.limit_h_max                                    ? 
_reflns.limit_h_min                                    ? 
_reflns.limit_k_max                                    ? 
_reflns.limit_k_min                                    ? 
_reflns.limit_l_max                                    ? 
_reflns.limit_l_min                                    ? 
_reflns.number_all                                     ? 
_reflns.number_obs                                     18530 
_reflns.observed_criterion                             ? 
_reflns.observed_criterion_F_max                       ? 
_reflns.observed_criterion_F_min                       ? 
_reflns.observed_criterion_I_max                       ? 
_reflns.observed_criterion_I_min                       ? 
_reflns.observed_criterion_sigma_F                     ? 
_reflns.observed_criterion_sigma_I                     ? 
_reflns.percent_possible_obs                           97.5 
_reflns.R_free_details                                 ? 
_reflns.Rmerge_F_all                                   ? 
_reflns.Rmerge_F_obs                                   ? 
_reflns.Friedel_coverage                               ? 
_reflns.number_gt                                      ? 
_reflns.threshold_expression                           ? 
_reflns.pdbx_redundancy                                4.7 
_reflns.pdbx_Rmerge_I_obs                              0.076 
_reflns.pdbx_Rmerge_I_all                              ? 
_reflns.pdbx_Rsym_value                                ? 
_reflns.pdbx_netI_over_av_sigmaI                       ? 
_reflns.pdbx_netI_over_sigmaI                          33.7 
_reflns.pdbx_res_netI_over_av_sigmaI_2                 ? 
_reflns.pdbx_res_netI_over_sigmaI_2                    ? 
_reflns.pdbx_chi_squared                               ? 
_reflns.pdbx_scaling_rejects                           ? 
_reflns.pdbx_d_res_high_opt                            ? 
_reflns.pdbx_d_res_low_opt                             ? 
_reflns.pdbx_d_res_opt_method                          ? 
_reflns.phase_calculation_details                      ? 
_reflns.pdbx_Rrim_I_all                                ? 
_reflns.pdbx_Rpim_I_all                                ? 
_reflns.pdbx_d_opt                                     ? 
_reflns.pdbx_number_measured_all                       ? 
_reflns.pdbx_diffrn_id                                 1 
_reflns.pdbx_ordinal                                   1 
_reflns.pdbx_CC_half                                   ? 
_reflns.pdbx_CC_star                                   ? 
_reflns.pdbx_R_split                                   ? 
_reflns.pdbx_aniso_diffraction_limit_axis_1_ortho[1]   ? 
_reflns.pdbx_aniso_diffraction_limit_axis_1_ortho[2]   ? 
_reflns.pdbx_aniso_diffraction_limit_axis_1_ortho[3]   ? 
_reflns.pdbx_aniso_diffraction_limit_axis_2_ortho[1]   ? 
_reflns.pdbx_aniso_diffraction_limit_axis_2_ortho[2]   ? 
_reflns.pdbx_aniso_diffraction_limit_axis_2_ortho[3]   ? 
_reflns.pdbx_aniso_diffraction_limit_axis_3_ortho[1]   ? 
_reflns.pdbx_aniso_diffraction_limit_axis_3_ortho[2]   ? 
_reflns.pdbx_aniso_diffraction_limit_axis_3_ortho[3]   ? 
_reflns.pdbx_aniso_diffraction_limit_1                 ? 
_reflns.pdbx_aniso_diffraction_limit_2                 ? 
_reflns.pdbx_aniso_diffraction_limit_3                 ? 
_reflns.pdbx_aniso_B_tensor_eigenvector_1_ortho[1]     ? 
_reflns.pdbx_aniso_B_tensor_eigenvector_1_ortho[2]     ? 
_reflns.pdbx_aniso_B_tensor_eigenvector_1_ortho[3]     ? 
_reflns.pdbx_aniso_B_tensor_eigenvector_2_ortho[1]     ? 
_reflns.pdbx_aniso_B_tensor_eigenvector_2_ortho[2]     ? 
_reflns.pdbx_aniso_B_tensor_eigenvector_2_ortho[3]     ? 
_reflns.pdbx_aniso_B_tensor_eigenvector_3_ortho[1]     ? 
_reflns.pdbx_aniso_B_tensor_eigenvector_3_ortho[2]     ? 
_reflns.pdbx_aniso_B_tensor_eigenvector_3_ortho[3]     ? 
_reflns.pdbx_aniso_B_tensor_eigenvalue_1               ? 
_reflns.pdbx_aniso_B_tensor_eigenvalue_2               ? 
_reflns.pdbx_aniso_B_tensor_eigenvalue_3               ? 
_reflns.pdbx_orthogonalization_convention              ? 
_reflns.pdbx_percent_possible_ellipsoidal              ? 
_reflns.pdbx_percent_possible_spherical                ? 
_reflns.pdbx_percent_possible_ellipsoidal_anomalous    ? 
_reflns.pdbx_percent_possible_spherical_anomalous      ? 
_reflns.pdbx_redundancy_anomalous                      ? 
_reflns.pdbx_CC_half_anomalous                         ? 
_reflns.pdbx_absDiff_over_sigma_anomalous              ? 
_reflns.pdbx_percent_possible_anomalous                ? 
_reflns.pdbx_observed_signal_threshold                 ? 
_reflns.pdbx_signal_type                               ? 
_reflns.pdbx_signal_details                            ? 
_reflns.pdbx_signal_software_id                        ? 
# 
_reflns_shell.d_res_high                                    1.698 
_reflns_shell.d_res_low                                     1.73 
_reflns_shell.meanI_over_sigI_all                           ? 
_reflns_shell.meanI_over_sigI_obs                           ? 
_reflns_shell.number_measured_all                           ? 
_reflns_shell.number_measured_obs                           ? 
_reflns_shell.number_possible                               ? 
_reflns_shell.number_unique_all                             ? 
_reflns_shell.number_unique_obs                             948 
_reflns_shell.percent_possible_all                          ? 
_reflns_shell.percent_possible_obs                          ? 
_reflns_shell.Rmerge_F_all                                  ? 
_reflns_shell.Rmerge_F_obs                                  ? 
_reflns_shell.Rmerge_I_all                                  ? 
_reflns_shell.Rmerge_I_obs                                  ? 
_reflns_shell.meanI_over_sigI_gt                            ? 
_reflns_shell.meanI_over_uI_all                             ? 
_reflns_shell.meanI_over_uI_gt                              ? 
_reflns_shell.number_measured_gt                            ? 
_reflns_shell.number_unique_gt                              ? 
_reflns_shell.percent_possible_gt                           ? 
_reflns_shell.Rmerge_F_gt                                   ? 
_reflns_shell.Rmerge_I_gt                                   ? 
_reflns_shell.pdbx_redundancy                               ? 
_reflns_shell.pdbx_Rsym_value                               ? 
_reflns_shell.pdbx_chi_squared                              ? 
_reflns_shell.pdbx_netI_over_sigmaI_all                     ? 
_reflns_shell.pdbx_netI_over_sigmaI_obs                     ? 
_reflns_shell.pdbx_Rrim_I_all                               ? 
_reflns_shell.pdbx_Rpim_I_all                               ? 
_reflns_shell.pdbx_rejects                                  ? 
_reflns_shell.pdbx_ordinal                                  1 
_reflns_shell.pdbx_diffrn_id                                1 
_reflns_shell.pdbx_CC_half                                  0.371 
_reflns_shell.pdbx_CC_star                                  ? 
_reflns_shell.pdbx_R_split                                  ? 
_reflns_shell.pdbx_percent_possible_ellipsoidal             ? 
_reflns_shell.pdbx_percent_possible_spherical               ? 
_reflns_shell.pdbx_percent_possible_ellipsoidal_anomalous   ? 
_reflns_shell.pdbx_percent_possible_spherical_anomalous     ? 
_reflns_shell.pdbx_redundancy_anomalous                     ? 
_reflns_shell.pdbx_CC_half_anomalous                        ? 
_reflns_shell.pdbx_absDiff_over_sigma_anomalous             ? 
_reflns_shell.pdbx_percent_possible_anomalous               ? 
# 
_refine.aniso_B[1][1]                            ? 
_refine.aniso_B[1][2]                            ? 
_refine.aniso_B[1][3]                            ? 
_refine.aniso_B[2][2]                            ? 
_refine.aniso_B[2][3]                            ? 
_refine.aniso_B[3][3]                            ? 
_refine.B_iso_max                                ? 
_refine.B_iso_mean                               ? 
_refine.B_iso_min                                ? 
_refine.correlation_coeff_Fo_to_Fc               ? 
_refine.correlation_coeff_Fo_to_Fc_free          ? 
_refine.details                                  ? 
_refine.diff_density_max                         ? 
_refine.diff_density_max_esd                     ? 
_refine.diff_density_min                         ? 
_refine.diff_density_min_esd                     ? 
_refine.diff_density_rms                         ? 
_refine.diff_density_rms_esd                     ? 
_refine.entry_id                                 7WJH 
_refine.pdbx_refine_id                           'X-RAY DIFFRACTION' 
_refine.ls_abs_structure_details                 ? 
_refine.ls_abs_structure_Flack                   ? 
_refine.ls_abs_structure_Flack_esd               ? 
_refine.ls_abs_structure_Rogers                  ? 
_refine.ls_abs_structure_Rogers_esd              ? 
_refine.ls_d_res_high                            1.698 
_refine.ls_d_res_low                             25.6119 
_refine.ls_extinction_coef                       ? 
_refine.ls_extinction_coef_esd                   ? 
_refine.ls_extinction_expression                 ? 
_refine.ls_extinction_method                     ? 
_refine.ls_goodness_of_fit_all                   ? 
_refine.ls_goodness_of_fit_all_esd               ? 
_refine.ls_goodness_of_fit_obs                   ? 
_refine.ls_goodness_of_fit_obs_esd               ? 
_refine.ls_hydrogen_treatment                    ? 
_refine.ls_matrix_type                           ? 
_refine.ls_number_constraints                    ? 
_refine.ls_number_parameters                     ? 
_refine.ls_number_reflns_all                     ? 
_refine.ls_number_reflns_obs                     18528 
_refine.ls_number_reflns_R_free                  1869 
_refine.ls_number_reflns_R_work                  ? 
_refine.ls_number_restraints                     ? 
_refine.ls_percent_reflns_obs                    97.62 
_refine.ls_percent_reflns_R_free                 10.09 
_refine.ls_R_factor_all                          ? 
_refine.ls_R_factor_obs                          0.1751 
_refine.ls_R_factor_R_free                       0.2068 
_refine.ls_R_factor_R_free_error                 ? 
_refine.ls_R_factor_R_free_error_details         ? 
_refine.ls_R_factor_R_work                       0.1716 
_refine.ls_R_Fsqd_factor_obs                     ? 
_refine.ls_R_I_factor_obs                        ? 
_refine.ls_redundancy_reflns_all                 ? 
_refine.ls_redundancy_reflns_obs                 ? 
_refine.ls_restrained_S_all                      ? 
_refine.ls_restrained_S_obs                      ? 
_refine.ls_shift_over_esd_max                    ? 
_refine.ls_shift_over_esd_mean                   ? 
_refine.ls_structure_factor_coef                 ? 
_refine.ls_weighting_details                     ? 
_refine.ls_weighting_scheme                      ? 
_refine.ls_wR_factor_all                         ? 
_refine.ls_wR_factor_obs                         ? 
_refine.ls_wR_factor_R_free                      ? 
_refine.ls_wR_factor_R_work                      ? 
_refine.occupancy_max                            ? 
_refine.occupancy_min                            ? 
_refine.solvent_model_details                    'FLAT BULK SOLVENT MODEL' 
_refine.solvent_model_param_bsol                 ? 
_refine.solvent_model_param_ksol                 ? 
_refine.pdbx_R_complete                          ? 
_refine.ls_R_factor_gt                           ? 
_refine.ls_goodness_of_fit_gt                    ? 
_refine.ls_goodness_of_fit_ref                   ? 
_refine.ls_shift_over_su_max                     ? 
_refine.ls_shift_over_su_max_lt                  ? 
_refine.ls_shift_over_su_mean                    ? 
_refine.ls_shift_over_su_mean_lt                 ? 
_refine.pdbx_ls_sigma_I                          ? 
_refine.pdbx_ls_sigma_F                          1.35 
_refine.pdbx_ls_sigma_Fsqd                       ? 
_refine.pdbx_data_cutoff_high_absF               ? 
_refine.pdbx_data_cutoff_high_rms_absF           ? 
_refine.pdbx_data_cutoff_low_absF                ? 
_refine.pdbx_isotropic_thermal_model             ? 
_refine.pdbx_ls_cross_valid_method               'FREE R-VALUE' 
_refine.pdbx_method_to_determine_struct          'MOLECULAR REPLACEMENT' 
_refine.pdbx_starting_model                      2BZW 
_refine.pdbx_stereochemistry_target_values       ML 
_refine.pdbx_R_Free_selection_details            ? 
_refine.pdbx_stereochem_target_val_spec_case     ? 
_refine.pdbx_overall_ESU_R                       ? 
_refine.pdbx_overall_ESU_R_Free                  ? 
_refine.pdbx_solvent_vdw_probe_radii             1.11 
_refine.pdbx_solvent_ion_probe_radii             ? 
_refine.pdbx_solvent_shrinkage_radii             0.90 
_refine.pdbx_real_space_R                        ? 
_refine.pdbx_density_correlation                 ? 
_refine.pdbx_pd_number_of_powder_patterns        ? 
_refine.pdbx_pd_number_of_points                 ? 
_refine.pdbx_pd_meas_number_of_points            ? 
_refine.pdbx_pd_proc_ls_prof_R_factor            ? 
_refine.pdbx_pd_proc_ls_prof_wR_factor           ? 
_refine.pdbx_pd_Marquardt_correlation_coeff      ? 
_refine.pdbx_pd_Fsqrd_R_factor                   ? 
_refine.pdbx_pd_ls_matrix_band_width             ? 
_refine.pdbx_overall_phase_error                 19.31 
_refine.pdbx_overall_SU_R_free_Cruickshank_DPI   ? 
_refine.pdbx_overall_SU_R_free_Blow_DPI          ? 
_refine.pdbx_overall_SU_R_Blow_DPI               ? 
_refine.pdbx_TLS_residual_ADP_flag               ? 
_refine.pdbx_diffrn_id                           1 
_refine.overall_SU_B                             ? 
_refine.overall_SU_ML                            0.16 
_refine.overall_SU_R_Cruickshank_DPI             ? 
_refine.overall_SU_R_free                        ? 
_refine.overall_FOM_free_R_set                   ? 
_refine.overall_FOM_work_R_set                   ? 
_refine.pdbx_average_fsc_overall                 ? 
_refine.pdbx_average_fsc_work                    ? 
_refine.pdbx_average_fsc_free                    ? 
# 
_refine_hist.pdbx_refine_id                   'X-RAY DIFFRACTION' 
_refine_hist.cycle_id                         LAST 
_refine_hist.details                          ? 
_refine_hist.d_res_high                       1.698 
_refine_hist.d_res_low                        25.6119 
_refine_hist.number_atoms_solvent             185 
_refine_hist.number_atoms_total               1616 
_refine_hist.number_reflns_all                ? 
_refine_hist.number_reflns_obs                ? 
_refine_hist.number_reflns_R_free             ? 
_refine_hist.number_reflns_R_work             ? 
_refine_hist.R_factor_all                     ? 
_refine_hist.R_factor_obs                     ? 
_refine_hist.R_factor_R_free                  ? 
_refine_hist.R_factor_R_work                  ? 
_refine_hist.pdbx_number_residues_total       ? 
_refine_hist.pdbx_B_iso_mean_ligand           ? 
_refine_hist.pdbx_B_iso_mean_solvent          ? 
_refine_hist.pdbx_number_atoms_protein        1425 
_refine_hist.pdbx_number_atoms_nucleic_acid   0 
_refine_hist.pdbx_number_atoms_ligand         6 
_refine_hist.pdbx_number_atoms_lipid          ? 
_refine_hist.pdbx_number_atoms_carb           ? 
_refine_hist.pdbx_pseudo_atom_details         ? 
# 
loop_
_refine_ls_restr.pdbx_refine_id 
_refine_ls_restr.criterion 
_refine_ls_restr.dev_ideal 
_refine_ls_restr.dev_ideal_target 
_refine_ls_restr.number 
_refine_ls_restr.rejects 
_refine_ls_restr.type 
_refine_ls_restr.weight 
_refine_ls_restr.pdbx_restraint_function 
'X-RAY DIFFRACTION' ? 0.006  ? 1460 ? f_bond_d           ? ? 
'X-RAY DIFFRACTION' ? 0.750  ? 1973 ? f_angle_d          ? ? 
'X-RAY DIFFRACTION' ? 16.481 ? 853  ? f_dihedral_angle_d ? ? 
'X-RAY DIFFRACTION' ? 0.047  ? 205  ? f_chiral_restr     ? ? 
'X-RAY DIFFRACTION' ? 0.005  ? 259  ? f_plane_restr      ? ? 
# 
loop_
_refine_ls_shell.pdbx_refine_id 
_refine_ls_shell.d_res_high 
_refine_ls_shell.d_res_low 
_refine_ls_shell.number_reflns_all 
_refine_ls_shell.number_reflns_obs 
_refine_ls_shell.number_reflns_R_free 
_refine_ls_shell.number_reflns_R_work 
_refine_ls_shell.percent_reflns_obs 
_refine_ls_shell.percent_reflns_R_free 
_refine_ls_shell.R_factor_all 
_refine_ls_shell.R_factor_obs 
_refine_ls_shell.R_factor_R_free 
_refine_ls_shell.R_factor_R_free_error 
_refine_ls_shell.R_factor_R_work 
_refine_ls_shell.redundancy_reflns_all 
_refine_ls_shell.redundancy_reflns_obs 
_refine_ls_shell.wR_factor_all 
_refine_ls_shell.wR_factor_obs 
_refine_ls_shell.wR_factor_R_free 
_refine_ls_shell.wR_factor_R_work 
_refine_ls_shell.pdbx_R_complete 
_refine_ls_shell.pdbx_total_number_of_bins_used 
_refine_ls_shell.pdbx_phase_error 
_refine_ls_shell.pdbx_fsc_work 
_refine_ls_shell.pdbx_fsc_free 
'X-RAY DIFFRACTION' 1.6982 1.7441  . . 159 1261 98.00 . . . 0.2460 . 0.2069 . . . . . . . . . . . 
'X-RAY DIFFRACTION' 1.7441 1.7954  . . 141 1296 99.00 . . . 0.2350 . 0.1893 . . . . . . . . . . . 
'X-RAY DIFFRACTION' 1.7954 1.8533  . . 137 1255 99.00 . . . 0.2087 . 0.1778 . . . . . . . . . . . 
'X-RAY DIFFRACTION' 1.8533 1.9196  . . 135 1293 99.00 . . . 0.2303 . 0.1749 . . . . . . . . . . . 
'X-RAY DIFFRACTION' 1.9196 1.9964  . . 149 1283 99.00 . . . 0.2112 . 0.1745 . . . . . . . . . . . 
'X-RAY DIFFRACTION' 1.9964 2.0872  . . 143 1290 99.00 . . . 0.2041 . 0.1691 . . . . . . . . . . . 
'X-RAY DIFFRACTION' 2.0872 2.1972  . . 147 1281 99.00 . . . 0.1903 . 0.1657 . . . . . . . . . . . 
'X-RAY DIFFRACTION' 2.1972 2.3348  . . 138 1279 98.00 . . . 0.2218 . 0.1604 . . . . . . . . . . . 
'X-RAY DIFFRACTION' 2.3348 2.5149  . . 142 1278 98.00 . . . 0.2300 . 0.1759 . . . . . . . . . . . 
'X-RAY DIFFRACTION' 2.5149 2.7677  . . 151 1289 98.00 . . . 0.1941 . 0.1699 . . . . . . . . . . . 
'X-RAY DIFFRACTION' 2.7677 3.1676  . . 145 1280 97.00 . . . 0.2229 . 0.1769 . . . . . . . . . . . 
'X-RAY DIFFRACTION' 3.1676 3.9884  . . 137 1278 96.00 . . . 0.1813 . 0.1520 . . . . . . . . . . . 
'X-RAY DIFFRACTION' 3.9884 25.6119 . . 145 1296 92.00 . . . 0.1998 . 0.1827 . . . . . . . . . . . 
# 
_struct.entry_id                     7WJH 
_struct.title                        'Crystal structure of Bcl-xL bound to the BH3 domain of human Pxt1' 
_struct.pdbx_model_details           ? 
_struct.pdbx_formula_weight          ? 
_struct.pdbx_formula_weight_method   ? 
_struct.pdbx_model_type_details      ? 
_struct.pdbx_CASP_flag               N 
# 
_struct_keywords.entry_id        7WJH 
_struct_keywords.text            'Peroxisomal testis-specific 1, Pxt1, Bcl-XL, BH3, APOPTOSIS' 
_struct_keywords.pdbx_keywords   APOPTOSIS 
# 
loop_
_struct_asym.id 
_struct_asym.pdbx_blank_PDB_chainid_flag 
_struct_asym.pdbx_modified 
_struct_asym.entity_id 
_struct_asym.details 
A N N 1 ? 
B N N 2 ? 
C N N 3 ? 
D N N 4 ? 
E N N 5 ? 
F N N 5 ? 
# 
loop_
_struct_conf.conf_type_id 
_struct_conf.id 
_struct_conf.pdbx_PDB_helix_id 
_struct_conf.beg_label_comp_id 
_struct_conf.beg_label_asym_id 
_struct_conf.beg_label_seq_id 
_struct_conf.pdbx_beg_PDB_ins_code 
_struct_conf.end_label_comp_id 
_struct_conf.end_label_asym_id 
_struct_conf.end_label_seq_id 
_struct_conf.pdbx_end_PDB_ins_code 
_struct_conf.beg_auth_comp_id 
_struct_conf.beg_auth_asym_id 
_struct_conf.beg_auth_seq_id 
_struct_conf.end_auth_comp_id 
_struct_conf.end_auth_asym_id 
_struct_conf.end_auth_seq_id 
_struct_conf.pdbx_PDB_helix_class 
_struct_conf.details 
_struct_conf.pdbx_PDB_helix_length 
HELX_P HELX_P1 AA1 SER A 7   ? LYS A 23  ? SER A 4   LYS A 20  1 ? 17 
HELX_P HELX_P2 AA2 SER A 26  ? PHE A 30  ? SER A 23  PHE A 27  5 ? 5  
HELX_P HELX_P3 AA3 GLU A 43  ? PHE A 67  ? GLU A 40  PHE A 105 1 ? 25 
HELX_P HELX_P4 AA4 THR A 80  ? ARG A 94  ? THR A 118 ARG A 132 1 ? 15 
HELX_P HELX_P5 AA5 ASN A 98  ? LYS A 119 ? ASN A 136 LYS A 157 1 ? 22 
HELX_P HELX_P6 AA6 VAL A 123 ? LEU A 140 ? VAL A 161 LEU A 178 1 ? 18 
HELX_P HELX_P7 AA7 LEU A 140 ? ASN A 147 ? LEU A 178 ASN A 185 1 ? 8  
HELX_P HELX_P8 AA8 GLY A 148 ? GLY A 158 ? GLY A 186 GLY A 196 1 ? 11 
HELX_P HELX_P9 AA9 ILE B 3   ? ASP B 19  ? ILE B 78  ASP B 94  1 ? 17 
# 
_struct_conf_type.id          HELX_P 
_struct_conf_type.criteria    ? 
_struct_conf_type.reference   ? 
# 
_struct_conn.id                            metalc1 
_struct_conn.conn_type_id                  metalc 
_struct_conn.pdbx_leaving_atom_flag        ? 
_struct_conn.pdbx_PDB_id                   ? 
_struct_conn.ptnr1_label_asym_id           D 
_struct_conn.ptnr1_label_comp_id           MG 
_struct_conn.ptnr1_label_seq_id            . 
_struct_conn.ptnr1_label_atom_id           MG 
_struct_conn.pdbx_ptnr1_label_alt_id       ? 
_struct_conn.pdbx_ptnr1_PDB_ins_code       ? 
_struct_conn.pdbx_ptnr1_standard_comp_id   ? 
_struct_conn.ptnr1_symmetry                1_555 
_struct_conn.ptnr2_label_asym_id           F 
_struct_conn.ptnr2_label_comp_id           HOH 
_struct_conn.ptnr2_label_seq_id            . 
_struct_conn.ptnr2_label_atom_id           O 
_struct_conn.pdbx_ptnr2_label_alt_id       ? 
_struct_conn.pdbx_ptnr2_PDB_ins_code       ? 
_struct_conn.ptnr1_auth_asym_id            B 
_struct_conn.ptnr1_auth_comp_id            MG 
_struct_conn.ptnr1_auth_seq_id             201 
_struct_conn.ptnr2_auth_asym_id            B 
_struct_conn.ptnr2_auth_comp_id            HOH 
_struct_conn.ptnr2_auth_seq_id             318 
_struct_conn.ptnr2_symmetry                1_555 
_struct_conn.pdbx_ptnr3_label_atom_id      ? 
_struct_conn.pdbx_ptnr3_label_seq_id       ? 
_struct_conn.pdbx_ptnr3_label_comp_id      ? 
_struct_conn.pdbx_ptnr3_label_asym_id      ? 
_struct_conn.pdbx_ptnr3_label_alt_id       ? 
_struct_conn.pdbx_ptnr3_PDB_ins_code       ? 
_struct_conn.details                       ? 
_struct_conn.pdbx_dist_value               2.958 
_struct_conn.pdbx_value_order              ? 
_struct_conn.pdbx_role                     ? 
# 
_struct_conn_type.id          metalc 
_struct_conn_type.criteria    ? 
_struct_conn_type.reference   ? 
# 
_atom_sites.entry_id                    7WJH 
_atom_sites.Cartn_transf_matrix[1][1]   ? 
_atom_sites.Cartn_transf_matrix[1][2]   ? 
_atom_sites.Cartn_transf_matrix[1][3]   ? 
_atom_sites.Cartn_transf_matrix[2][1]   ? 
_atom_sites.Cartn_transf_matrix[2][2]   ? 
_atom_sites.Cartn_transf_matrix[2][3]   ? 
_atom_sites.Cartn_transf_matrix[3][1]   ? 
_atom_sites.Cartn_transf_matrix[3][2]   ? 
_atom_sites.Cartn_transf_matrix[3][3]   ? 
_atom_sites.Cartn_transf_vector[1]      ? 
_atom_sites.Cartn_transf_vector[2]      ? 
_atom_sites.Cartn_transf_vector[3]      ? 
_atom_sites.fract_transf_matrix[1][1]   0.01017610 
_atom_sites.fract_transf_matrix[1][2]   0.01022398 
_atom_sites.fract_transf_matrix[1][3]   -0.01017053 
_atom_sites.fract_transf_matrix[2][1]   -0.01261185 
_atom_sites.fract_transf_matrix[2][2]   0.00223557 
_atom_sites.fract_transf_matrix[2][3]   -0.01037144 
_atom_sites.fract_transf_matrix[3][1]   -0.00292922 
_atom_sites.fract_transf_matrix[3][2]   0.00822182 
_atom_sites.fract_transf_matrix[3][3]   0.00533420 
_atom_sites.fract_transf_vector[1]      -0.338230 
_atom_sites.fract_transf_vector[2]      -0.097564 
_atom_sites.fract_transf_vector[3]      0.128747 
_atom_sites.solution_primary            ? 
_atom_sites.solution_secondary          ? 
_atom_sites.solution_hydrogens          ? 
_atom_sites.special_details             ? 
# 
loop_
_atom_type.symbol 
C  
MG 
N  
O  
S  
# 
loop_
_atom_site.group_PDB 
_atom_site.id 
_atom_site.type_symbol 
_atom_site.label_atom_id 
_atom_site.label_alt_id 
_atom_site.label_comp_id 
_atom_site.label_asym_id 
_atom_site.label_entity_id 
_atom_site.label_seq_id 
_atom_site.pdbx_PDB_ins_code 
_atom_site.Cartn_x 
_atom_site.Cartn_y 
_atom_site.Cartn_z 
_atom_site.occupancy 
_atom_site.B_iso_or_equiv 
_atom_site.pdbx_formal_charge 
_atom_site.auth_seq_id 
_atom_site.auth_comp_id 
_atom_site.auth_asym_id 
_atom_site.auth_atom_id 
_atom_site.pdbx_PDB_model_num 
ATOM   1    N  N   . SER A 1 5   ? -5.045  -19.254 -2.291  1.00 24.06 ? 2   SER A N   1 
ATOM   2    C  CA  . SER A 1 5   ? -3.988  -18.249 -2.378  1.00 21.70 ? 2   SER A CA  1 
ATOM   3    C  C   . SER A 1 5   ? -4.564  -16.830 -2.380  1.00 22.42 ? 2   SER A C   1 
ATOM   4    O  O   . SER A 1 5   ? -5.579  -16.568 -3.024  1.00 23.79 ? 2   SER A O   1 
ATOM   5    C  CB  . SER A 1 5   ? -3.149  -18.477 -3.637  1.00 29.25 ? 2   SER A CB  1 
ATOM   6    O  OG  . SER A 1 5   ? -3.963  -18.413 -4.797  1.00 32.88 ? 2   SER A OG  1 
ATOM   7    N  N   . GLN A 1 6   ? -3.914  -15.912 -1.676  1.00 16.36 ? 3   GLN A N   1 
ATOM   8    C  CA  . GLN A 1 6   ? -4.467  -14.568 -1.546  1.00 15.08 ? 3   GLN A CA  1 
ATOM   9    C  C   . GLN A 1 6   ? -4.146  -13.769 -2.800  1.00 15.72 ? 3   GLN A C   1 
ATOM   10   O  O   . GLN A 1 6   ? -2.993  -13.743 -3.246  1.00 16.79 ? 3   GLN A O   1 
ATOM   11   C  CB  . GLN A 1 6   ? -3.908  -13.867 -0.309  1.00 17.68 ? 3   GLN A CB  1 
ATOM   12   C  CG  . GLN A 1 6   ? -4.304  -12.398 -0.181  1.00 14.53 ? 3   GLN A CG  1 
ATOM   13   C  CD  . GLN A 1 6   ? -5.809  -12.195 -0.034  1.00 17.21 ? 3   GLN A CD  1 
ATOM   14   O  OE1 . GLN A 1 6   ? -6.449  -12.819 0.821   1.00 20.30 ? 3   GLN A OE1 1 
ATOM   15   N  NE2 . GLN A 1 6   ? -6.378  -11.313 -0.858  1.00 13.43 ? 3   GLN A NE2 1 
ATOM   16   N  N   . SER A 1 7   ? -5.171  -13.134 -3.368  1.00 12.15 ? 4   SER A N   1 
ATOM   17   C  CA  . SER A 1 7   ? -4.979  -12.208 -4.479  1.00 11.19 ? 4   SER A CA  1 
ATOM   18   C  C   . SER A 1 7   ? -4.378  -10.893 -3.995  1.00 11.48 ? 4   SER A C   1 
ATOM   19   O  O   . SER A 1 7   ? -4.928  -10.236 -3.105  1.00 13.62 ? 4   SER A O   1 
ATOM   20   C  CB  . SER A 1 7   ? -6.310  -11.917 -5.165  1.00 12.05 ? 4   SER A CB  1 
ATOM   21   O  OG  . SER A 1 7   ? -6.185  -10.832 -6.083  1.00 10.61 ? 4   SER A OG  1 
ATOM   22   N  N   . ASN A 1 8   ? -3.265  -10.490 -4.609  1.00 11.55 ? 5   ASN A N   1 
ATOM   23   C  CA  . ASN A 1 8   ? -2.720  -9.173  -4.295  1.00 9.73  ? 5   ASN A CA  1 
ATOM   24   C  C   . ASN A 1 8   ? -3.499  -8.057  -4.987  1.00 11.17 ? 5   ASN A C   1 
ATOM   25   O  O   . ASN A 1 8   ? -3.656  -6.963  -4.421  1.00 12.15 ? 5   ASN A O   1 
ATOM   26   C  CB  . ASN A 1 8   ? -1.235  -9.119  -4.671  1.00 10.20 ? 5   ASN A CB  1 
ATOM   27   C  CG  . ASN A 1 8   ? -0.360  -9.814  -3.648  1.00 14.85 ? 5   ASN A CG  1 
ATOM   28   O  OD1 . ASN A 1 8   ? -0.598  -9.708  -2.442  1.00 13.74 ? 5   ASN A OD1 1 
ATOM   29   N  ND2 . ASN A 1 8   ? 0.635   -10.554 -4.120  1.00 12.22 ? 5   ASN A ND2 1 
ATOM   30   N  N   . ARG A 1 9   ? -3.981  -8.306  -6.209  1.00 9.95  ? 6   ARG A N   1 
ATOM   31   C  CA  . ARG A 1 9   ? -4.930  -7.398  -6.859  1.00 10.16 ? 6   ARG A CA  1 
ATOM   32   C  C   . ARG A 1 9   ? -6.077  -7.003  -5.927  1.00 11.66 ? 6   ARG A C   1 
ATOM   33   O  O   . ARG A 1 9   ? -6.416  -5.816  -5.788  1.00 11.78 ? 6   ARG A O   1 
ATOM   34   C  CB  . ARG A 1 9   ? -5.489  -8.073  -8.119  1.00 12.80 ? 6   ARG A CB  1 
ATOM   35   C  CG  . ARG A 1 9   ? -6.579  -7.270  -8.823  1.00 13.50 ? 6   ARG A CG  1 
ATOM   36   C  CD  . ARG A 1 9   ? -7.350  -8.131  -9.813  1.00 14.07 ? 6   ARG A CD  1 
ATOM   37   N  NE  . ARG A 1 9   ? -8.334  -8.986  -9.141  1.00 17.47 ? 6   ARG A NE  1 
ATOM   38   C  CZ  . ARG A 1 9   ? -8.223  -10.306 -8.996  1.00 19.60 ? 6   ARG A CZ  1 
ATOM   39   N  NH1 . ARG A 1 9   ? -7.172  -10.962 -9.479  1.00 17.00 ? 6   ARG A NH1 1 
ATOM   40   N  NH2 . ARG A 1 9   ? -9.175  -10.982 -8.372  1.00 19.41 ? 6   ARG A NH2 1 
ATOM   41   N  N   . GLU A 1 10  ? -6.689  -7.998  -5.285  1.00 10.76 ? 7   GLU A N   1 
ATOM   42   C  CA  . GLU A 1 10  ? -7.857  -7.740  -4.461  1.00 11.10 ? 7   GLU A CA  1 
ATOM   43   C  C   . GLU A 1 10  ? -7.510  -6.805  -3.306  1.00 12.30 ? 7   GLU A C   1 
ATOM   44   O  O   . GLU A 1 10  ? -8.298  -5.918  -2.957  1.00 12.36 ? 7   GLU A O   1 
ATOM   45   C  CB  . GLU A 1 10  ? -8.410  -9.064  -3.954  1.00 14.76 ? 7   GLU A CB  1 
ATOM   46   C  CG  . GLU A 1 10  ? -9.664  -8.952  -3.132  1.00 17.07 ? 7   GLU A CG  1 
ATOM   47   C  CD  . GLU A 1 10  ? -10.923 -8.833  -3.982  1.00 20.97 ? 7   GLU A CD  1 
ATOM   48   O  OE1 . GLU A 1 10  ? -10.838 -8.889  -5.237  1.00 23.92 ? 7   GLU A OE1 1 
ATOM   49   O  OE2 . GLU A 1 10  ? -12.003 -8.708  -3.387  1.00 25.29 ? 7   GLU A OE2 1 
ATOM   50   N  N   . LEU A 1 11  ? -6.321  -6.979  -2.716  1.00 9.41  ? 8   LEU A N   1 
ATOM   51   C  CA  . LEU A 1 11  ? -5.916  -6.108  -1.616  1.00 12.06 ? 8   LEU A CA  1 
ATOM   52   C  C   . LEU A 1 11  ? -5.625  -4.695  -2.106  1.00 13.95 ? 8   LEU A C   1 
ATOM   53   O  O   . LEU A 1 11  ? -5.977  -3.717  -1.433  1.00 12.51 ? 8   LEU A O   1 
ATOM   54   C  CB  . LEU A 1 11  ? -4.696  -6.688  -0.912  1.00 10.05 ? 8   LEU A CB  1 
ATOM   55   C  CG  . LEU A 1 11  ? -4.930  -8.088  -0.355  1.00 11.00 ? 8   LEU A CG  1 
ATOM   56   C  CD1 . LEU A 1 11  ? -3.646  -8.598  0.304   1.00 14.31 ? 8   LEU A CD1 1 
ATOM   57   C  CD2 . LEU A 1 11  ? -6.115  -8.128  0.636   1.00 13.79 ? 8   LEU A CD2 1 
ATOM   58   N  N   . VAL A 1 12  ? -4.985  -4.567  -3.276  1.00 11.02 ? 9   VAL A N   1 
ATOM   59   C  CA  . VAL A 1 12  ? -4.733  -3.239  -3.844  1.00 11.83 ? 9   VAL A CA  1 
ATOM   60   C  C   . VAL A 1 12  ? -6.047  -2.514  -4.118  1.00 12.25 ? 9   VAL A C   1 
ATOM   61   O  O   . VAL A 1 12  ? -6.228  -1.340  -3.759  1.00 9.91  ? 9   VAL A O   1 
ATOM   62   C  CB  . VAL A 1 12  ? -3.897  -3.359  -5.127  1.00 8.89  ? 9   VAL A CB  1 
ATOM   63   C  CG1 . VAL A 1 12  ? -3.840  -2.001  -5.862  1.00 10.76 ? 9   VAL A CG1 1 
ATOM   64   C  CG2 . VAL A 1 12  ? -2.502  -3.878  -4.790  1.00 10.48 ? 9   VAL A CG2 1 
ATOM   65   N  N   . VAL A 1 13  ? -6.970  -3.199  -4.791  1.00 12.22 ? 10  VAL A N   1 
ATOM   66   C  CA  . VAL A 1 13  ? -8.251  -2.585  -5.127  1.00 10.13 ? 10  VAL A CA  1 
ATOM   67   C  C   . VAL A 1 13  ? -8.989  -2.178  -3.856  1.00 12.03 ? 10  VAL A C   1 
ATOM   68   O  O   . VAL A 1 13  ? -9.545  -1.078  -3.776  1.00 12.36 ? 10  VAL A O   1 
ATOM   69   C  CB  . VAL A 1 13  ? -9.091  -3.531  -6.000  1.00 11.72 ? 10  VAL A CB  1 
ATOM   70   C  CG1 . VAL A 1 13  ? -10.521 -2.998  -6.147  1.00 14.19 ? 10  VAL A CG1 1 
ATOM   71   C  CG2 . VAL A 1 13  ? -8.435  -3.704  -7.374  1.00 12.27 ? 10  VAL A CG2 1 
ATOM   72   N  N   . ASP A 1 14  ? -8.980  -3.042  -2.835  1.00 10.70 ? 11  ASP A N   1 
ATOM   73   C  CA  . ASP A 1 14  ? -9.694  -2.723  -1.601  1.00 11.49 ? 11  ASP A CA  1 
ATOM   74   C  C   . ASP A 1 14  ? -9.088  -1.509  -0.918  1.00 10.54 ? 11  ASP A C   1 
ATOM   75   O  O   . ASP A 1 14  ? -9.800  -0.598  -0.475  1.00 12.87 ? 11  ASP A O   1 
ATOM   76   C  CB  . ASP A 1 14  ? -9.665  -3.900  -0.636  1.00 11.34 ? 11  ASP A CB  1 
ATOM   77   C  CG  . ASP A 1 14  ? -10.410 -3.583  0.647   1.00 14.37 ? 11  ASP A CG  1 
ATOM   78   O  OD1 . ASP A 1 14  ? -11.643 -3.726  0.650   1.00 19.14 ? 11  ASP A OD1 1 
ATOM   79   O  OD2 . ASP A 1 14  ? -9.778  -3.132  1.623   1.00 16.79 ? 11  ASP A OD2 1 
ATOM   80   N  N   . PHE A 1 15  ? -7.761  -1.491  -0.808  1.00 10.34 ? 12  PHE A N   1 
ATOM   81   C  CA  . PHE A 1 15  ? -7.100  -0.409  -0.098  1.00 9.76  ? 12  PHE A CA  1 
ATOM   82   C  C   . PHE A 1 15  ? -7.273  0.908   -0.841  1.00 10.57 ? 12  PHE A C   1 
ATOM   83   O  O   . PHE A 1 15  ? -7.585  1.943   -0.230  1.00 10.67 ? 12  PHE A O   1 
ATOM   84   C  CB  . PHE A 1 15  ? -5.622  -0.745  0.089   1.00 9.28  ? 12  PHE A CB  1 
ATOM   85   C  CG  . PHE A 1 15  ? -4.879  0.244   0.955   1.00 10.86 ? 12  PHE A CG  1 
ATOM   86   C  CD1 . PHE A 1 15  ? -4.336  1.397   0.415   1.00 9.81  ? 12  PHE A CD1 1 
ATOM   87   C  CD2 . PHE A 1 15  ? -4.742  0.012   2.318   1.00 12.44 ? 12  PHE A CD2 1 
ATOM   88   C  CE1 . PHE A 1 15  ? -3.655  2.307   1.217   1.00 11.35 ? 12  PHE A CE1 1 
ATOM   89   C  CE2 . PHE A 1 15  ? -4.064  0.909   3.119   1.00 12.81 ? 12  PHE A CE2 1 
ATOM   90   C  CZ  . PHE A 1 15  ? -3.521  2.053   2.572   1.00 12.37 ? 12  PHE A CZ  1 
ATOM   91   N  N   . LEU A 1 16  ? -7.056  0.900   -2.164  1.00 10.52 ? 13  LEU A N   1 
ATOM   92   C  CA  . LEU A 1 16  ? -7.202  2.141   -2.923  1.00 12.14 ? 13  LEU A CA  1 
ATOM   93   C  C   . LEU A 1 16  ? -8.659  2.597   -2.948  1.00 10.41 ? 13  LEU A C   1 
ATOM   94   O  O   . LEU A 1 16  ? -8.940  3.803   -2.918  1.00 12.91 ? 13  LEU A O   1 
ATOM   95   C  CB  . LEU A 1 16  ? -6.657  1.966   -4.346  1.00 8.78  ? 13  LEU A CB  1 
ATOM   96   C  CG  . LEU A 1 16  ? -5.164  1.656   -4.417  1.00 7.79  ? 13  LEU A CG  1 
ATOM   97   C  CD1 . LEU A 1 16  ? -4.752  1.463   -5.895  1.00 11.70 ? 13  LEU A CD1 1 
ATOM   98   C  CD2 . LEU A 1 16  ? -4.344  2.773   -3.786  1.00 9.81  ? 13  LEU A CD2 1 
ATOM   99   N  N   . SER A 1 17  ? -9.602  1.651   -3.015  1.00 12.21 ? 14  SER A N   1 
ATOM   100  C  CA  . SER A 1 17  ? -11.018 2.005   -2.900  1.00 14.19 ? 14  SER A CA  1 
ATOM   101  C  C   . SER A 1 17  ? -11.292 2.729   -1.587  1.00 13.41 ? 14  SER A C   1 
ATOM   102  O  O   . SER A 1 17  ? -12.002 3.742   -1.559  1.00 12.59 ? 14  SER A O   1 
ATOM   103  C  CB  . SER A 1 17  ? -11.902 0.757   -2.997  1.00 15.32 ? 14  SER A CB  1 
ATOM   104  O  OG  . SER A 1 17  ? -11.794 0.129   -4.272  1.00 20.63 ? 14  SER A OG  1 
ATOM   105  N  N   . TYR A 1 18  ? -10.719 2.223   -0.494  1.00 11.81 ? 15  TYR A N   1 
ATOM   106  C  CA  . TYR A 1 18  ? -10.902 2.827   0.824   1.00 10.64 ? 15  TYR A CA  1 
ATOM   107  C  C   . TYR A 1 18  ? -10.328 4.238   0.863   1.00 14.48 ? 15  TYR A C   1 
ATOM   108  O  O   . TYR A 1 18  ? -10.998 5.183   1.292   1.00 14.27 ? 15  TYR A O   1 
ATOM   109  C  CB  . TYR A 1 18  ? -10.244 1.939   1.879   1.00 9.95  ? 15  TYR A CB  1 
ATOM   110  C  CG  . TYR A 1 18  ? -10.344 2.463   3.292   1.00 12.05 ? 15  TYR A CG  1 
ATOM   111  C  CD1 . TYR A 1 18  ? -11.579 2.752   3.856   1.00 19.08 ? 15  TYR A CD1 1 
ATOM   112  C  CD2 . TYR A 1 18  ? -9.207  2.628   4.073   1.00 12.65 ? 15  TYR A CD2 1 
ATOM   113  C  CE1 . TYR A 1 18  ? -11.677 3.214   5.149   1.00 17.25 ? 15  TYR A CE1 1 
ATOM   114  C  CE2 . TYR A 1 18  ? -9.293  3.083   5.383   1.00 14.17 ? 15  TYR A CE2 1 
ATOM   115  C  CZ  . TYR A 1 18  ? -10.538 3.370   5.915   1.00 17.11 ? 15  TYR A CZ  1 
ATOM   116  O  OH  . TYR A 1 18  ? -10.642 3.835   7.211   1.00 18.40 ? 15  TYR A OH  1 
ATOM   117  N  N   . LYS A 1 19  ? -9.080  4.400   0.404   1.00 12.31 ? 16  LYS A N   1 
ATOM   118  C  CA  . LYS A 1 19  ? -8.441  5.711   0.458   1.00 12.46 ? 16  LYS A CA  1 
ATOM   119  C  C   . LYS A 1 19  ? -9.148  6.715   -0.436  1.00 14.62 ? 16  LYS A C   1 
ATOM   120  O  O   . LYS A 1 19  ? -9.278  7.894   -0.077  1.00 16.46 ? 16  LYS A O   1 
ATOM   121  C  CB  . LYS A 1 19  ? -6.973  5.588   0.060   1.00 12.99 ? 16  LYS A CB  1 
ATOM   122  C  CG  . LYS A 1 19  ? -6.180  4.797   1.025   1.00 23.65 ? 16  LYS A CG  1 
ATOM   123  C  CD  . LYS A 1 19  ? -6.129  5.511   2.312   1.00 21.86 ? 16  LYS A CD  1 
ATOM   124  C  CE  . LYS A 1 19  ? -6.043  4.551   3.469   1.00 23.14 ? 16  LYS A CE  1 
ATOM   125  N  NZ  . LYS A 1 19  ? -6.127  5.425   4.666   1.00 14.48 ? 16  LYS A NZ  1 
ATOM   126  N  N   . LEU A 1 20  ? -9.594  6.278   -1.614  1.00 11.79 ? 17  LEU A N   1 
ATOM   127  C  CA  . LEU A 1 20  ? -10.347 7.179   -2.471  1.00 12.00 ? 17  LEU A CA  1 
ATOM   128  C  C   . LEU A 1 20  ? -11.656 7.580   -1.811  1.00 16.37 ? 17  LEU A C   1 
ATOM   129  O  O   . LEU A 1 20  ? -12.041 8.757   -1.841  1.00 16.82 ? 17  LEU A O   1 
ATOM   130  C  CB  . LEU A 1 20  ? -10.598 6.531   -3.830  1.00 14.68 ? 17  LEU A CB  1 
ATOM   131  C  CG  . LEU A 1 20  ? -9.348  6.410   -4.701  1.00 15.20 ? 17  LEU A CG  1 
ATOM   132  C  CD1 . LEU A 1 20  ? -9.613  5.446   -5.851  1.00 16.78 ? 17  LEU A CD1 1 
ATOM   133  C  CD2 . LEU A 1 20  ? -8.938  7.784   -5.212  1.00 15.14 ? 17  LEU A CD2 1 
ATOM   134  N  N   . SER A 1 21  ? -12.346 6.616   -1.194  1.00 15.35 ? 18  SER A N   1 
ATOM   135  C  CA  . SER A 1 21  ? -13.636 6.901   -0.580  1.00 13.23 ? 18  SER A CA  1 
ATOM   136  C  C   . SER A 1 21  ? -13.502 7.889   0.570   1.00 17.69 ? 18  SER A C   1 
ATOM   137  O  O   . SER A 1 21  ? -14.411 8.700   0.799   1.00 17.64 ? 18  SER A O   1 
ATOM   138  C  CB  . SER A 1 21  ? -14.287 5.603   -0.098  1.00 17.81 ? 18  SER A CB  1 
ATOM   139  O  OG  . SER A 1 21  ? -13.699 5.136   1.109   1.00 25.75 ? 18  SER A OG  1 
ATOM   140  N  N   . GLN A 1 22  ? -12.382 7.848   1.295   1.00 14.73 ? 19  GLN A N   1 
ATOM   141  C  CA  . GLN A 1 22  ? -12.172 8.800   2.384   1.00 19.41 ? 19  GLN A CA  1 
ATOM   142  C  C   . GLN A 1 22  ? -12.095 10.232  1.885   1.00 19.30 ? 19  GLN A C   1 
ATOM   143  O  O   . GLN A 1 22  ? -12.319 11.170  2.667   1.00 17.50 ? 19  GLN A O   1 
ATOM   144  C  CB  . GLN A 1 22  ? -10.893 8.458   3.142   1.00 16.08 ? 19  GLN A CB  1 
ATOM   145  C  CG  . GLN A 1 22  ? -11.001 7.191   3.944   1.00 14.96 ? 19  GLN A CG  1 
ATOM   146  C  CD  . GLN A 1 22  ? -9.692  6.819   4.600   1.00 19.22 ? 19  GLN A CD  1 
ATOM   147  O  OE1 . GLN A 1 22  ? -8.629  6.895   3.977   1.00 17.70 ? 19  GLN A OE1 1 
ATOM   148  N  NE2 . GLN A 1 22  ? -9.756  6.434   5.868   1.00 16.00 ? 19  GLN A NE2 1 
ATOM   149  N  N   . LYS A 1 23  ? -11.783 10.423  0.609   1.00 18.31 ? 20  LYS A N   1 
ATOM   150  C  CA  . LYS A 1 23  ? -11.729 11.748  0.008   1.00 18.15 ? 20  LYS A CA  1 
ATOM   151  C  C   . LYS A 1 23  ? -12.909 12.011  -0.914  1.00 15.77 ? 20  LYS A C   1 
ATOM   152  O  O   . LYS A 1 23  ? -12.892 13.000  -1.657  1.00 25.62 ? 20  LYS A O   1 
ATOM   153  C  CB  . LYS A 1 23  ? -10.415 11.927  -0.750  1.00 22.59 ? 20  LYS A CB  1 
ATOM   154  C  CG  . LYS A 1 23  ? -9.191  11.874  0.153   1.00 25.84 ? 20  LYS A CG  1 
ATOM   155  C  CD  . LYS A 1 23  ? -9.354  12.847  1.305   1.00 31.63 ? 20  LYS A CD  1 
ATOM   156  C  CE  . LYS A 1 23  ? -8.167  12.813  2.250   1.00 38.72 ? 20  LYS A CE  1 
ATOM   157  N  NZ  . LYS A 1 23  ? -8.397  13.710  3.431   1.00 41.25 ? 20  LYS A NZ  1 
ATOM   158  N  N   . GLY A 1 24  ? -13.926 11.155  -0.885  1.00 17.03 ? 21  GLY A N   1 
ATOM   159  C  CA  . GLY A 1 24  ? -15.149 11.372  -1.629  1.00 18.98 ? 21  GLY A CA  1 
ATOM   160  C  C   . GLY A 1 24  ? -15.175 10.816  -3.034  1.00 20.87 ? 21  GLY A C   1 
ATOM   161  O  O   . GLY A 1 24  ? -16.130 11.091  -3.769  1.00 21.19 ? 21  GLY A O   1 
ATOM   162  N  N   . TYR A 1 25  ? -14.168 10.043  -3.424  1.00 16.25 ? 22  TYR A N   1 
ATOM   163  C  CA  . TYR A 1 25  ? -14.066 9.458   -4.752  1.00 17.11 ? 22  TYR A CA  1 
ATOM   164  C  C   . TYR A 1 25  ? -14.428 7.975   -4.723  1.00 21.31 ? 22  TYR A C   1 
ATOM   165  O  O   . TYR A 1 25  ? -14.371 7.317   -3.684  1.00 18.76 ? 22  TYR A O   1 
ATOM   166  C  CB  . TYR A 1 25  ? -12.644 9.604   -5.292  1.00 17.67 ? 22  TYR A CB  1 
ATOM   167  C  CG  . TYR A 1 25  ? -12.117 11.010  -5.402  1.00 17.92 ? 22  TYR A CG  1 
ATOM   168  C  CD1 . TYR A 1 25  ? -12.831 12.002  -6.067  1.00 20.14 ? 22  TYR A CD1 1 
ATOM   169  C  CD2 . TYR A 1 25  ? -10.877 11.337  -4.868  1.00 18.77 ? 22  TYR A CD2 1 
ATOM   170  C  CE1 . TYR A 1 25  ? -12.321 13.296  -6.186  1.00 21.03 ? 22  TYR A CE1 1 
ATOM   171  C  CE2 . TYR A 1 25  ? -10.364 12.618  -4.969  1.00 23.98 ? 22  TYR A CE2 1 
ATOM   172  C  CZ  . TYR A 1 25  ? -11.085 13.591  -5.628  1.00 22.17 ? 22  TYR A CZ  1 
ATOM   173  O  OH  . TYR A 1 25  ? -10.540 14.856  -5.730  1.00 25.74 ? 22  TYR A OH  1 
ATOM   174  N  N   . SER A 1 26  ? -14.783 7.442   -5.889  1.00 17.64 ? 23  SER A N   1 
ATOM   175  C  CA  . SER A 1 26  ? -15.155 6.035   -6.015  1.00 16.34 ? 23  SER A CA  1 
ATOM   176  C  C   . SER A 1 26  ? -14.218 5.323   -6.979  1.00 13.63 ? 23  SER A C   1 
ATOM   177  O  O   . SER A 1 26  ? -14.057 5.755   -8.122  1.00 13.32 ? 23  SER A O   1 
ATOM   178  C  CB  . SER A 1 26  ? -16.590 5.880   -6.507  1.00 20.34 ? 23  SER A CB  1 
ATOM   179  O  OG  . SER A 1 26  ? -17.493 6.491   -5.603  1.00 29.40 ? 23  SER A OG  1 
ATOM   180  N  N   . TRP A 1 27  ? -13.663 4.188   -6.535  1.00 13.82 ? 24  TRP A N   1 
ATOM   181  C  CA  . TRP A 1 27  ? -12.778 3.397   -7.385  1.00 15.64 ? 24  TRP A CA  1 
ATOM   182  C  C   . TRP A 1 27  ? -13.400 3.123   -8.748  1.00 12.99 ? 24  TRP A C   1 
ATOM   183  O  O   . TRP A 1 27  ? -12.723 3.234   -9.781  1.00 13.63 ? 24  TRP A O   1 
ATOM   184  C  CB  . TRP A 1 27  ? -12.433 2.073   -6.686  1.00 15.72 ? 24  TRP A CB  1 
ATOM   185  C  CG  . TRP A 1 27  ? -11.738 1.053   -7.578  1.00 15.50 ? 24  TRP A CG  1 
ATOM   186  C  CD1 . TRP A 1 27  ? -12.309 -0.032  -8.182  1.00 17.24 ? 24  TRP A CD1 1 
ATOM   187  C  CD2 . TRP A 1 27  ? -10.354 1.039   -7.954  1.00 14.00 ? 24  TRP A CD2 1 
ATOM   188  N  NE1 . TRP A 1 27  ? -11.362 -0.730  -8.909  1.00 15.82 ? 24  TRP A NE1 1 
ATOM   189  C  CE2 . TRP A 1 27  ? -10.155 -0.092  -8.785  1.00 15.00 ? 24  TRP A CE2 1 
ATOM   190  C  CE3 . TRP A 1 27  ? -9.264  1.863   -7.664  1.00 18.07 ? 24  TRP A CE3 1 
ATOM   191  C  CZ2 . TRP A 1 27  ? -8.911  -0.412  -9.326  1.00 16.87 ? 24  TRP A CZ2 1 
ATOM   192  C  CZ3 . TRP A 1 27  ? -8.028  1.545   -8.210  1.00 14.26 ? 24  TRP A CZ3 1 
ATOM   193  C  CH2 . TRP A 1 27  ? -7.863  0.415   -9.033  1.00 17.00 ? 24  TRP A CH2 1 
ATOM   194  N  N   . SER A 1 28  ? -14.696 2.794   -8.772  1.00 16.36 ? 25  SER A N   1 
ATOM   195  C  CA  . SER A 1 28  ? -15.355 2.395   -10.011 1.00 14.37 ? 25  SER A CA  1 
ATOM   196  C  C   . SER A 1 28  ? -15.358 3.502   -11.050 1.00 15.35 ? 25  SER A C   1 
ATOM   197  O  O   . SER A 1 28  ? -15.566 3.221   -12.236 1.00 14.94 ? 25  SER A O   1 
ATOM   198  C  CB  . SER A 1 28  ? -16.788 1.971   -9.729  1.00 23.17 ? 25  SER A CB  1 
ATOM   199  O  OG  . SER A 1 28  ? -17.486 3.026   -9.092  1.00 23.12 ? 25  SER A OG  1 
ATOM   200  N  N   . GLN A 1 29  ? -15.138 4.754   -10.633 1.00 14.28 ? 26  GLN A N   1 
ATOM   201  C  CA  . GLN A 1 29  ? -14.999 5.845   -11.588 1.00 15.42 ? 26  GLN A CA  1 
ATOM   202  C  C   . GLN A 1 29  ? -13.740 5.713   -12.441 1.00 16.37 ? 26  GLN A C   1 
ATOM   203  O  O   . GLN A 1 29  ? -13.692 6.271   -13.540 1.00 19.19 ? 26  GLN A O   1 
ATOM   204  C  CB  . GLN A 1 29  ? -14.978 7.186   -10.838 1.00 17.11 ? 26  GLN A CB  1 
ATOM   205  C  CG  . GLN A 1 29  ? -15.037 8.416   -11.706 1.00 25.12 ? 26  GLN A CG  1 
ATOM   206  C  CD  . GLN A 1 29  ? -16.424 8.663   -12.267 1.00 23.07 ? 26  GLN A CD  1 
ATOM   207  O  OE1 . GLN A 1 29  ? -17.399 8.051   -11.832 1.00 22.92 ? 26  GLN A OE1 1 
ATOM   208  N  NE2 . GLN A 1 29  ? -16.515 9.570   -13.241 1.00 29.76 ? 26  GLN A NE2 1 
ATOM   209  N  N   . PHE A 1 30  ? -12.734 4.961   -11.977 1.00 15.19 ? 27  PHE A N   1 
ATOM   210  C  CA  . PHE A 1 30  ? -11.407 4.978   -12.578 1.00 14.13 ? 27  PHE A CA  1 
ATOM   211  C  C   . PHE A 1 30  ? -10.932 3.622   -13.076 1.00 16.24 ? 27  PHE A C   1 
ATOM   212  O  O   . PHE A 1 30  ? -9.835  3.539   -13.652 1.00 18.76 ? 27  PHE A O   1 
ATOM   213  C  CB  . PHE A 1 30  ? -10.391 5.532   -11.574 1.00 17.26 ? 27  PHE A CB  1 
ATOM   214  C  CG  . PHE A 1 30  ? -10.879 6.754   -10.848 1.00 16.18 ? 27  PHE A CG  1 
ATOM   215  C  CD1 . PHE A 1 30  ? -10.991 7.971   -11.509 1.00 20.39 ? 27  PHE A CD1 1 
ATOM   216  C  CD2 . PHE A 1 30  ? -11.235 6.690   -9.513  1.00 14.20 ? 27  PHE A CD2 1 
ATOM   217  C  CE1 . PHE A 1 30  ? -11.457 9.102   -10.847 1.00 23.01 ? 27  PHE A CE1 1 
ATOM   218  C  CE2 . PHE A 1 30  ? -11.698 7.821   -8.845  1.00 18.05 ? 27  PHE A CE2 1 
ATOM   219  C  CZ  . PHE A 1 30  ? -11.806 9.026   -9.515  1.00 21.85 ? 27  PHE A CZ  1 
ATOM   220  N  N   . SER A 1 31  ? -11.712 2.567   -12.872 1.00 15.88 ? 28  SER A N   1 
ATOM   221  C  CA  . SER A 1 31  ? -11.328 1.216   -13.262 1.00 15.33 ? 28  SER A CA  1 
ATOM   222  C  C   . SER A 1 31  ? -12.589 0.374   -13.351 1.00 18.14 ? 28  SER A C   1 
ATOM   223  O  O   . SER A 1 31  ? -13.555 0.610   -12.622 1.00 18.44 ? 28  SER A O   1 
ATOM   224  C  CB  . SER A 1 31  ? -10.345 0.599   -12.253 1.00 17.17 ? 28  SER A CB  1 
ATOM   225  O  OG  . SER A 1 31  ? -10.174 -0.793  -12.487 1.00 15.25 ? 28  SER A OG  1 
ATOM   226  N  N   . ASP A 1 32  ? -12.574 -0.614  -14.248 1.00 16.80 ? 29  ASP A N   1 
ATOM   227  C  CA  . ASP A 1 32  ? -13.664 -1.568  -14.317 1.00 18.26 ? 29  ASP A CA  1 
ATOM   228  C  C   . ASP A 1 32  ? -13.365 -2.852  -13.560 1.00 20.47 ? 29  ASP A C   1 
ATOM   229  O  O   . ASP A 1 32  ? -14.202 -3.758  -13.559 1.00 23.41 ? 29  ASP A O   1 
ATOM   230  C  CB  . ASP A 1 32  ? -14.014 -1.901  -15.774 1.00 25.13 ? 29  ASP A CB  1 
ATOM   231  C  CG  . ASP A 1 32  ? -14.673 -0.736  -16.497 1.00 33.32 ? 29  ASP A CG  1 
ATOM   232  O  OD1 . ASP A 1 32  ? -14.307 -0.483  -17.662 1.00 35.00 ? 29  ASP A OD1 1 
ATOM   233  O  OD2 . ASP A 1 32  ? -15.536 -0.067  -15.891 1.00 30.83 ? 29  ASP A OD2 1 
ATOM   234  N  N   . VAL A 1 33  ? -12.200 -2.946  -12.917 1.00 16.85 ? 30  VAL A N   1 
ATOM   235  C  CA  . VAL A 1 33  ? -11.918 -4.077  -12.042 1.00 14.95 ? 30  VAL A CA  1 
ATOM   236  C  C   . VAL A 1 33  ? -12.721 -3.920  -10.761 1.00 20.24 ? 30  VAL A C   1 
ATOM   237  O  O   . VAL A 1 33  ? -12.695 -2.867  -10.108 1.00 16.81 ? 30  VAL A O   1 
ATOM   238  C  CB  . VAL A 1 33  ? -10.411 -4.172  -11.751 1.00 14.90 ? 30  VAL A CB  1 
ATOM   239  C  CG1 . VAL A 1 33  ? -10.132 -5.288  -10.766 1.00 18.73 ? 30  VAL A CG1 1 
ATOM   240  C  CG2 . VAL A 1 33  ? -9.618  -4.379  -13.046 1.00 17.01 ? 30  VAL A CG2 1 
ATOM   241  N  N   . GLU A 1 34  ? -13.448 -4.962  -10.394 1.00 19.03 ? 31  GLU A N   1 
ATOM   242  C  CA  . GLU A 1 34  ? -14.257 -4.901  -9.192  1.00 20.86 ? 31  GLU A CA  1 
ATOM   243  C  C   . GLU A 1 34  ? -13.587 -5.661  -8.060  1.00 21.89 ? 31  GLU A C   1 
ATOM   244  O  O   . GLU A 1 34  ? -12.736 -6.529  -8.267  1.00 19.60 ? 31  GLU A O   1 
ATOM   245  C  CB  . GLU A 1 34  ? -15.661 -5.451  -9.450  1.00 24.17 ? 31  GLU A CB  1 
ATOM   246  C  CG  . GLU A 1 34  ? -16.588 -4.388  -10.037 1.00 28.42 ? 31  GLU A CG  1 
ATOM   247  C  CD  . GLU A 1 34  ? -17.831 -4.969  -10.674 1.00 39.56 ? 31  GLU A CD  1 
ATOM   248  O  OE1 . GLU A 1 34  ? -18.817 -4.217  -10.834 1.00 43.72 ? 31  GLU A OE1 1 
ATOM   249  O  OE2 . GLU A 1 34  ? -17.814 -6.170  -11.030 1.00 50.15 ? 31  GLU A OE2 1 
ATOM   250  N  N   . GLU A 1 35  ? -13.964 -5.281  -6.852  1.00 20.64 ? 32  GLU A N   1 
ATOM   251  C  CA  . GLU A 1 35  ? -13.564 -5.947  -5.633  1.00 21.74 ? 32  GLU A CA  1 
ATOM   252  C  C   . GLU A 1 35  ? -14.673 -6.898  -5.211  1.00 18.04 ? 32  GLU A C   1 
ATOM   253  O  O   . GLU A 1 35  ? -15.844 -6.672  -5.523  1.00 21.25 ? 32  GLU A O   1 
ATOM   254  C  CB  . GLU A 1 35  ? -13.323 -4.898  -4.553  1.00 29.12 ? 32  GLU A CB  1 
ATOM   255  C  CG  . GLU A 1 35  ? -12.519 -5.385  -3.433  1.00 29.20 ? 32  GLU A CG  1 
ATOM   256  C  CD  . GLU A 1 35  ? -12.707 -4.543  -2.211  1.00 16.37 ? 32  GLU A CD  1 
ATOM   257  O  OE1 . GLU A 1 35  ? -13.037 -3.333  -2.312  1.00 22.57 ? 32  GLU A OE1 1 
ATOM   258  O  OE2 . GLU A 1 35  ? -12.552 -5.122  -1.143  1.00 21.26 ? 32  GLU A OE2 1 
ATOM   259  N  N   . ASN A 1 36  ? -14.299 -7.963  -4.506  1.00 21.91 ? 33  ASN A N   1 
ATOM   260  C  CA  . ASN A 1 36  ? -15.284 -8.837  -3.872  1.00 23.84 ? 33  ASN A CA  1 
ATOM   261  C  C   . ASN A 1 36  ? -15.717 -8.174  -2.568  1.00 23.88 ? 33  ASN A C   1 
ATOM   262  O  O   . ASN A 1 36  ? -15.011 -8.231  -1.559  1.00 22.36 ? 33  ASN A O   1 
ATOM   263  C  CB  . ASN A 1 36  ? -14.700 -10.233 -3.665  1.00 26.57 ? 33  ASN A CB  1 
ATOM   264  C  CG  . ASN A 1 36  ? -15.628 -11.166 -2.916  1.00 33.50 ? 33  ASN A CG  1 
ATOM   265  O  OD1 . ASN A 1 36  ? -16.774 -10.833 -2.619  1.00 31.68 ? 33  ASN A OD1 1 
ATOM   266  N  ND2 . ASN A 1 36  ? -15.135 -12.374 -2.632  1.00 42.40 ? 33  ASN A ND2 1 
ATOM   267  N  N   . ARG A 1 37  ? -16.861 -7.491  -2.599  1.00 24.22 ? 34  ARG A N   1 
ATOM   268  C  CA  . ARG A 1 37  ? -17.350 -6.750  -1.447  1.00 25.12 ? 34  ARG A CA  1 
ATOM   269  C  C   . ARG A 1 37  ? -18.456 -7.487  -0.705  1.00 26.97 ? 34  ARG A C   1 
ATOM   270  O  O   . ARG A 1 37  ? -19.016 -6.937  0.251   1.00 26.78 ? 34  ARG A O   1 
ATOM   271  C  CB  . ARG A 1 37  ? -17.849 -5.366  -1.886  1.00 28.26 ? 34  ARG A CB  1 
ATOM   272  C  CG  . ARG A 1 37  ? -16.904 -4.638  -2.831  1.00 26.06 ? 34  ARG A CG  1 
ATOM   273  C  CD  . ARG A 1 37  ? -17.543 -3.375  -3.425  1.00 32.02 ? 34  ARG A CD  1 
ATOM   274  N  NE  . ARG A 1 37  ? -17.678 -2.312  -2.436  1.00 40.20 ? 34  ARG A NE  1 
ATOM   275  C  CZ  . ARG A 1 37  ? -18.143 -1.094  -2.707  1.00 37.78 ? 34  ARG A CZ  1 
ATOM   276  N  NH1 . ARG A 1 37  ? -18.520 -0.781  -3.940  1.00 36.69 ? 34  ARG A NH1 1 
ATOM   277  N  NH2 . ARG A 1 37  ? -18.232 -0.190  -1.741  1.00 44.12 ? 34  ARG A NH2 1 
ATOM   278  N  N   . THR A 1 38  ? -18.781 -8.713  -1.123  1.00 25.74 ? 35  THR A N   1 
ATOM   279  C  CA  . THR A 1 38  ? -19.849 -9.492  -0.504  1.00 30.64 ? 35  THR A CA  1 
ATOM   280  C  C   . THR A 1 38  ? -19.339 -10.601 0.409   1.00 34.78 ? 35  THR A C   1 
ATOM   281  O  O   . THR A 1 38  ? -20.146 -11.223 1.109   1.00 27.37 ? 35  THR A O   1 
ATOM   282  C  CB  . THR A 1 38  ? -20.749 -10.128 -1.576  1.00 32.48 ? 35  THR A CB  1 
ATOM   283  O  OG1 . THR A 1 38  ? -20.020 -11.148 -2.271  1.00 34.01 ? 35  THR A OG1 1 
ATOM   284  C  CG2 . THR A 1 38  ? -21.236 -9.084  -2.575  1.00 25.45 ? 35  THR A CG2 1 
ATOM   285  N  N   . GLU A 1 39  ? -18.037 -10.877 0.410   1.00 31.71 ? 36  GLU A N   1 
ATOM   286  C  CA  . GLU A 1 39  ? -17.522 -11.984 1.204   1.00 28.64 ? 36  GLU A CA  1 
ATOM   287  C  C   . GLU A 1 39  ? -17.804 -11.755 2.686   1.00 33.00 ? 36  GLU A C   1 
ATOM   288  O  O   . GLU A 1 39  ? -17.867 -10.618 3.160   1.00 35.38 ? 36  GLU A O   1 
ATOM   289  C  CB  . GLU A 1 39  ? -16.022 -12.138 0.970   1.00 30.21 ? 36  GLU A CB  1 
ATOM   290  C  CG  . GLU A 1 39  ? -15.282 -10.842 1.165   1.00 25.37 ? 36  GLU A CG  1 
ATOM   291  C  CD  . GLU A 1 39  ? -13.858 -10.905 0.671   1.00 29.19 ? 36  GLU A CD  1 
ATOM   292  O  OE1 . GLU A 1 39  ? -13.477 -11.932 0.059   1.00 28.02 ? 36  GLU A OE1 1 
ATOM   293  O  OE2 . GLU A 1 39  ? -13.129 -9.922  0.895   1.00 26.85 ? 36  GLU A OE2 1 
ATOM   294  N  N   . ALA A 1 40  ? -17.981 -12.855 3.418   1.00 35.19 ? 37  ALA A N   1 
ATOM   295  C  CA  . ALA A 1 40  ? -18.359 -12.767 4.820   1.00 34.82 ? 37  ALA A CA  1 
ATOM   296  C  C   . ALA A 1 40  ? -17.263 -12.086 5.643   1.00 40.03 ? 37  ALA A C   1 
ATOM   297  O  O   . ALA A 1 40  ? -16.074 -12.240 5.352   1.00 38.03 ? 37  ALA A O   1 
ATOM   298  C  CB  . ALA A 1 40  ? -18.639 -14.158 5.387   1.00 37.15 ? 37  ALA A CB  1 
ATOM   299  N  N   . PRO A 1 41  ? -17.642 -11.320 6.671   1.00 42.39 ? 38  PRO A N   1 
ATOM   300  C  CA  . PRO A 1 41  ? -16.628 -10.715 7.552   1.00 45.31 ? 38  PRO A CA  1 
ATOM   301  C  C   . PRO A 1 41  ? -15.723 -11.732 8.212   1.00 42.59 ? 38  PRO A C   1 
ATOM   302  O  O   . PRO A 1 41  ? -14.564 -11.422 8.510   1.00 41.79 ? 38  PRO A O   1 
ATOM   303  C  CB  . PRO A 1 41  ? -17.472 -9.965  8.590   1.00 42.25 ? 38  PRO A CB  1 
ATOM   304  C  CG  . PRO A 1 41  ? -18.750 -9.662  7.878   1.00 47.75 ? 38  PRO A CG  1 
ATOM   305  C  CD  . PRO A 1 41  ? -19.002 -10.849 6.990   1.00 42.47 ? 38  PRO A CD  1 
ATOM   306  N  N   . GLU A 1 42  ? -16.227 -12.944 8.448   1.00 47.05 ? 39  GLU A N   1 
ATOM   307  C  CA  . GLU A 1 42  ? -15.467 -14.021 9.068   1.00 43.06 ? 39  GLU A CA  1 
ATOM   308  C  C   . GLU A 1 42  ? -14.424 -14.623 8.137   1.00 38.71 ? 39  GLU A C   1 
ATOM   309  O  O   . GLU A 1 42  ? -13.591 -15.408 8.602   1.00 39.50 ? 39  GLU A O   1 
ATOM   310  C  CB  . GLU A 1 42  ? -16.430 -15.116 9.537   1.00 45.16 ? 39  GLU A CB  1 
ATOM   311  C  CG  . GLU A 1 42  ? -17.086 -15.861 8.377   1.00 50.22 ? 39  GLU A CG  1 
ATOM   312  C  CD  . GLU A 1 42  ? -18.440 -16.448 8.741   1.00 52.45 ? 39  GLU A CD  1 
ATOM   313  O  OE1 . GLU A 1 42  ? -18.886 -16.261 9.893   1.00 60.10 ? 39  GLU A OE1 1 
ATOM   314  O  OE2 . GLU A 1 42  ? -19.058 -17.092 7.868   1.00 58.34 ? 39  GLU A OE2 1 
ATOM   315  N  N   . GLU A 1 43  ? -14.455 -14.297 6.846   1.00 36.54 ? 40  GLU A N   1 
ATOM   316  C  CA  . GLU A 1 43  ? -13.479 -14.852 5.915   1.00 39.73 ? 40  GLU A CA  1 
ATOM   317  C  C   . GLU A 1 43  ? -12.107 -14.227 6.149   1.00 30.14 ? 40  GLU A C   1 
ATOM   318  O  O   . GLU A 1 43  ? -11.991 -13.069 6.557   1.00 26.57 ? 40  GLU A O   1 
ATOM   319  C  CB  . GLU A 1 43  ? -13.917 -14.617 4.469   1.00 41.00 ? 40  GLU A CB  1 
ATOM   320  C  CG  . GLU A 1 43  ? -15.277 -15.219 4.137   1.00 43.91 ? 40  GLU A CG  1 
ATOM   321  C  CD  . GLU A 1 43  ? -15.181 -16.661 3.633   1.00 54.29 ? 40  GLU A CD  1 
ATOM   322  O  OE1 . GLU A 1 43  ? -14.072 -17.231 3.689   1.00 51.79 ? 40  GLU A OE1 1 
ATOM   323  O  OE2 . GLU A 1 43  ? -16.223 -17.189 3.205   1.00 55.05 ? 40  GLU A OE2 1 
ATOM   324  N  N   . THR A 1 44  ? -11.058 -15.006 5.874   1.00 28.50 ? 41  THR A N   1 
ATOM   325  C  CA  . THR A 1 44  ? -9.709  -14.511 6.135   1.00 26.91 ? 41  THR A CA  1 
ATOM   326  C  C   . THR A 1 44  ? -9.384  -13.316 5.250   1.00 25.67 ? 41  THR A C   1 
ATOM   327  O  O   . THR A 1 44  ? -8.706  -12.378 5.687   1.00 23.95 ? 41  THR A O   1 
ATOM   328  C  CB  . THR A 1 44  ? -8.676  -15.623 5.938   1.00 36.43 ? 41  THR A CB  1 
ATOM   329  O  OG1 . THR A 1 44  ? -8.561  -15.940 4.545   1.00 39.28 ? 41  THR A OG1 1 
ATOM   330  C  CG2 . THR A 1 44  ? -9.093  -16.857 6.702   1.00 29.30 ? 41  THR A CG2 1 
ATOM   331  N  N   . GLU A 1 45  ? -9.861  -13.328 4.003   1.00 22.72 ? 42  GLU A N   1 
ATOM   332  C  CA  . GLU A 1 45  ? -9.594  -12.207 3.110   1.00 20.16 ? 42  GLU A CA  1 
ATOM   333  C  C   . GLU A 1 45  ? -10.216 -10.920 3.634   1.00 21.78 ? 42  GLU A C   1 
ATOM   334  O  O   . GLU A 1 45  ? -9.607  -9.846  3.552   1.00 18.66 ? 42  GLU A O   1 
ATOM   335  C  CB  . GLU A 1 45  ? -10.107 -12.511 1.705   1.00 21.51 ? 42  GLU A CB  1 
ATOM   336  C  CG  . GLU A 1 45  ? -9.912  -11.357 0.751   1.00 20.71 ? 42  GLU A CG  1 
ATOM   337  C  CD  . GLU A 1 45  ? -10.075 -11.761 -0.701  1.00 22.46 ? 42  GLU A CD  1 
ATOM   338  O  OE1 . GLU A 1 45  ? -11.142 -12.294 -1.063  1.00 30.47 ? 42  GLU A OE1 1 
ATOM   339  O  OE2 . GLU A 1 45  ? -9.123  -11.564 -1.479  1.00 23.87 ? 42  GLU A OE2 1 
ATOM   340  N  N   . SER A 1 46  ? -11.430 -11.003 4.176   1.00 20.70 ? 84  SER A N   1 
ATOM   341  C  CA  . SER A 1 46  ? -12.048 -9.810  4.750   1.00 19.56 ? 84  SER A CA  1 
ATOM   342  C  C   . SER A 1 46  ? -11.232 -9.298  5.925   1.00 16.20 ? 84  SER A C   1 
ATOM   343  O  O   . SER A 1 46  ? -11.088 -8.085  6.111   1.00 16.98 ? 84  SER A O   1 
ATOM   344  C  CB  . SER A 1 46  ? -13.477 -10.122 5.197   1.00 27.31 ? 84  SER A CB  1 
ATOM   345  O  OG  . SER A 1 46  ? -14.169 -10.813 4.175   1.00 30.59 ? 84  SER A OG  1 
ATOM   346  N  N   . ALA A 1 47  ? -10.690 -10.222 6.727   1.00 17.76 ? 85  ALA A N   1 
ATOM   347  C  CA  . ALA A 1 47  ? -9.862  -9.843  7.862   1.00 17.26 ? 85  ALA A CA  1 
ATOM   348  C  C   . ALA A 1 47  ? -8.567  -9.181  7.406   1.00 15.25 ? 85  ALA A C   1 
ATOM   349  O  O   . ALA A 1 47  ? -8.124  -8.198  8.019   1.00 15.20 ? 85  ALA A O   1 
ATOM   350  C  CB  . ALA A 1 47  ? -9.568  -11.066 8.728   1.00 21.23 ? 85  ALA A CB  1 
ATOM   351  N  N   . VAL A 1 48  ? -7.947  -9.708  6.339   1.00 16.10 ? 86  VAL A N   1 
ATOM   352  C  CA  . VAL A 1 48  ? -6.756  -9.070  5.772   1.00 12.92 ? 86  VAL A CA  1 
ATOM   353  C  C   . VAL A 1 48  ? -7.085  -7.661  5.304   1.00 13.16 ? 86  VAL A C   1 
ATOM   354  O  O   . VAL A 1 48  ? -6.360  -6.704  5.598   1.00 13.13 ? 86  VAL A O   1 
ATOM   355  C  CB  . VAL A 1 48  ? -6.168  -9.899  4.614   1.00 14.39 ? 86  VAL A CB  1 
ATOM   356  C  CG1 . VAL A 1 48  ? -4.962  -9.172  4.031   1.00 14.34 ? 86  VAL A CG1 1 
ATOM   357  C  CG2 . VAL A 1 48  ? -5.764  -11.277 5.081   1.00 15.89 ? 86  VAL A CG2 1 
ATOM   358  N  N   . LYS A 1 49  ? -8.176  -7.514  4.548   1.00 12.63 ? 87  LYS A N   1 
ATOM   359  C  CA  . LYS A 1 49  ? -8.536  -6.197  4.027   1.00 12.13 ? 87  LYS A CA  1 
ATOM   360  C  C   . LYS A 1 49  ? -8.739  -5.202  5.155   1.00 13.11 ? 87  LYS A C   1 
ATOM   361  O  O   . LYS A 1 49  ? -8.264  -4.060  5.089   1.00 13.36 ? 87  LYS A O   1 
ATOM   362  C  CB  . LYS A 1 49  ? -9.803  -6.285  3.180   1.00 15.54 ? 87  LYS A CB  1 
ATOM   363  C  CG  . LYS A 1 49  ? -9.592  -6.972  1.843   1.00 14.06 ? 87  LYS A CG  1 
ATOM   364  C  CD  . LYS A 1 49  ? -10.930 -7.186  1.167   1.00 16.04 ? 87  LYS A CD  1 
ATOM   365  C  CE  . LYS A 1 49  ? -10.754 -7.831  -0.190  1.00 19.44 ? 87  LYS A CE  1 
ATOM   366  N  NZ  . LYS A 1 49  ? -12.071 -8.066  -0.866  1.00 21.80 ? 87  LYS A NZ  1 
ATOM   367  N  N   . GLN A 1 50  ? -9.447  -5.622  6.203   1.00 12.84 ? 88  GLN A N   1 
ATOM   368  C  CA  . GLN A 1 50  ? -9.729  -4.710  7.308   1.00 15.91 ? 88  GLN A CA  1 
ATOM   369  C  C   . GLN A 1 50  ? -8.456  -4.335  8.046   1.00 14.66 ? 88  GLN A C   1 
ATOM   370  O  O   . GLN A 1 50  ? -8.251  -3.161  8.391   1.00 14.10 ? 88  GLN A O   1 
ATOM   371  C  CB  . GLN A 1 50  ? -10.737 -5.342  8.269   1.00 18.30 ? 88  GLN A CB  1 
ATOM   372  C  CG  . GLN A 1 50  ? -10.905 -4.579  9.578   1.00 17.12 ? 88  GLN A CG  1 
ATOM   373  C  CD  . GLN A 1 50  ? -11.537 -3.211  9.394   1.00 29.02 ? 88  GLN A CD  1 
ATOM   374  O  OE1 . GLN A 1 50  ? -12.376 -3.006  8.511   1.00 34.08 ? 88  GLN A OE1 1 
ATOM   375  N  NE2 . GLN A 1 50  ? -11.135 -2.266  10.231  1.00 35.12 ? 88  GLN A NE2 1 
ATOM   376  N  N   . ALA A 1 51  ? -7.581  -5.317  8.271   1.00 14.07 ? 89  ALA A N   1 
ATOM   377  C  CA  . ALA A 1 51  ? -6.305  -5.038  8.921   1.00 13.07 ? 89  ALA A CA  1 
ATOM   378  C  C   . ALA A 1 51  ? -5.472  -4.063  8.104   1.00 16.14 ? 89  ALA A C   1 
ATOM   379  O  O   . ALA A 1 51  ? -4.850  -3.149  8.662   1.00 14.69 ? 89  ALA A O   1 
ATOM   380  C  CB  . ALA A 1 51  ? -5.541  -6.338  9.155   1.00 15.82 ? 89  ALA A CB  1 
ATOM   381  N  N   . LEU A 1 52  ? -5.462  -4.219  6.776   1.00 13.77 ? 90  LEU A N   1 
ATOM   382  C  CA  . LEU A 1 52  ? -4.679  -3.309  5.948   1.00 14.29 ? 90  LEU A CA  1 
ATOM   383  C  C   . LEU A 1 52  ? -5.285  -1.899  5.928   1.00 11.98 ? 90  LEU A C   1 
ATOM   384  O  O   . LEU A 1 52  ? -4.550  -0.907  5.978   1.00 12.74 ? 90  LEU A O   1 
ATOM   385  C  CB  . LEU A 1 52  ? -4.553  -3.893  4.542   1.00 15.42 ? 90  LEU A CB  1 
ATOM   386  C  CG  . LEU A 1 52  ? -3.453  -3.397  3.613   1.00 22.49 ? 90  LEU A CG  1 
ATOM   387  C  CD1 . LEU A 1 52  ? -2.101  -3.396  4.288   1.00 16.51 ? 90  LEU A CD1 1 
ATOM   388  C  CD2 . LEU A 1 52  ? -3.433  -4.287  2.383   1.00 20.71 ? 90  LEU A CD2 1 
ATOM   389  N  N   . ARG A 1 53  ? -6.615  -1.783  5.869   1.00 10.98 ? 91  ARG A N   1 
ATOM   390  C  CA  . ARG A 1 53  ? -7.242  -0.461  5.913   1.00 13.23 ? 91  ARG A CA  1 
ATOM   391  C  C   . ARG A 1 53  ? -6.863  0.263   7.197   1.00 12.75 ? 91  ARG A C   1 
ATOM   392  O  O   . ARG A 1 53  ? -6.446  1.430   7.178   1.00 14.48 ? 91  ARG A O   1 
ATOM   393  C  CB  . ARG A 1 53  ? -8.765  -0.579  5.821   1.00 12.99 ? 91  ARG A CB  1 
ATOM   394  C  CG  . ARG A 1 53  ? -9.309  -1.015  4.458   1.00 12.85 ? 91  ARG A CG  1 
ATOM   395  C  CD  . ARG A 1 53  ? -10.851 -1.018  4.484   1.00 19.91 ? 91  ARG A CD  1 
ATOM   396  N  NE  . ARG A 1 53  ? -11.414 -2.070  3.639   1.00 33.54 ? 91  ARG A NE  1 
ATOM   397  C  CZ  . ARG A 1 53  ? -12.054 -3.150  4.097   1.00 30.49 ? 91  ARG A CZ  1 
ATOM   398  N  NH1 . ARG A 1 53  ? -12.255 -3.318  5.399   1.00 35.58 ? 91  ARG A NH1 1 
ATOM   399  N  NH2 . ARG A 1 53  ? -12.526 -4.054  3.243   1.00 35.89 ? 91  ARG A NH2 1 
ATOM   400  N  N   . GLU A 1 54  ? -7.018  -0.415  8.333   1.00 14.56 ? 92  GLU A N   1 
ATOM   401  C  CA  . GLU A 1 54  ? -6.719  0.252   9.593   1.00 15.62 ? 92  GLU A CA  1 
ATOM   402  C  C   . GLU A 1 54  ? -5.227  0.536   9.722   1.00 15.01 ? 92  GLU A C   1 
ATOM   403  O  O   . GLU A 1 54  ? -4.839  1.594   10.234  1.00 14.78 ? 92  GLU A O   1 
ATOM   404  C  CB  . GLU A 1 54  ? -7.227  -0.575  10.779  1.00 17.28 ? 92  GLU A CB  1 
ATOM   405  C  CG  . GLU A 1 54  ? -6.835  -0.004  12.147  1.00 21.30 ? 92  GLU A CG  1 
ATOM   406  C  CD  . GLU A 1 54  ? -7.538  1.328   12.476  1.00 28.13 ? 92  GLU A CD  1 
ATOM   407  O  OE1 . GLU A 1 54  ? -7.004  2.083   13.311  1.00 28.21 ? 92  GLU A OE1 1 
ATOM   408  O  OE2 . GLU A 1 54  ? -8.626  1.591   11.936  1.00 26.41 ? 92  GLU A OE2 1 
ATOM   409  N  N   . ALA A 1 55  ? -4.371  -0.387  9.266   1.00 13.47 ? 93  ALA A N   1 
ATOM   410  C  CA  . ALA A 1 55  ? -2.931  -0.127  9.360   1.00 11.43 ? 93  ALA A CA  1 
ATOM   411  C  C   . ALA A 1 55  ? -2.536  1.077   8.513   1.00 14.33 ? 93  ALA A C   1 
ATOM   412  O  O   . ALA A 1 55  ? -1.691  1.888   8.923   1.00 12.79 ? 93  ALA A O   1 
ATOM   413  C  CB  . ALA A 1 55  ? -2.129  -1.368  8.946   1.00 12.16 ? 93  ALA A CB  1 
ATOM   414  N  N   . GLY A 1 56  ? -3.161  1.228   7.338   1.00 12.53 ? 94  GLY A N   1 
ATOM   415  C  CA  . GLY A 1 56  ? -2.922  2.417   6.533   1.00 13.89 ? 94  GLY A CA  1 
ATOM   416  C  C   . GLY A 1 56  ? -3.328  3.701   7.240   1.00 12.72 ? 94  GLY A C   1 
ATOM   417  O  O   . GLY A 1 56  ? -2.594  4.691   7.229   1.00 11.94 ? 94  GLY A O   1 
ATOM   418  N  N   . ASP A 1 57  ? -4.510  3.703   7.860   1.00 11.66 ? 95  ASP A N   1 
ATOM   419  C  CA  . ASP A 1 57  ? -4.941  4.870   8.627   1.00 14.36 ? 95  ASP A CA  1 
ATOM   420  C  C   . ASP A 1 57  ? -3.930  5.206   9.717   1.00 14.23 ? 95  ASP A C   1 
ATOM   421  O  O   . ASP A 1 57  ? -3.533  6.368   9.879   1.00 14.43 ? 95  ASP A O   1 
ATOM   422  C  CB  . ASP A 1 57  ? -6.322  4.628   9.248   1.00 13.59 ? 95  ASP A CB  1 
ATOM   423  C  CG  . ASP A 1 57  ? -7.454  4.712   8.245   1.00 15.50 ? 95  ASP A CG  1 
ATOM   424  O  OD1 . ASP A 1 57  ? -7.284  5.325   7.175   1.00 14.64 ? 95  ASP A OD1 1 
ATOM   425  O  OD2 . ASP A 1 57  ? -8.539  4.176   8.564   1.00 16.07 ? 95  ASP A OD2 1 
ATOM   426  N  N   . GLU A 1 58  ? -3.465  4.185   10.448  1.00 14.38 ? 96  GLU A N   1 
ATOM   427  C  CA  . GLU A 1 58  ? -2.530  4.434   11.543  1.00 17.11 ? 96  GLU A CA  1 
ATOM   428  C  C   . GLU A 1 58  ? -1.171  4.891   11.017  1.00 15.37 ? 96  GLU A C   1 
ATOM   429  O  O   . GLU A 1 58  ? -0.544  5.788   11.596  1.00 15.31 ? 96  GLU A O   1 
ATOM   430  C  CB  . GLU A 1 58  ? -2.420  3.179   12.422  1.00 17.53 ? 96  GLU A CB  1 
ATOM   431  C  CG  . GLU A 1 58  ? -3.802  2.776   12.979  1.00 21.61 ? 96  GLU A CG  1 
ATOM   432  C  CD  . GLU A 1 58  ? -3.767  1.892   14.223  1.00 30.33 ? 96  GLU A CD  1 
ATOM   433  O  OE1 . GLU A 1 58  ? -2.706  1.791   14.873  1.00 34.20 ? 96  GLU A OE1 1 
ATOM   434  O  OE2 . GLU A 1 58  ? -4.821  1.298   14.557  1.00 27.14 ? 96  GLU A OE2 1 
ATOM   435  N  N   . PHE A 1 59  ? -0.715  4.304   9.909   1.00 14.13 ? 97  PHE A N   1 
ATOM   436  C  CA  . PHE A 1 59  ? 0.531   4.739   9.281   1.00 11.41 ? 97  PHE A CA  1 
ATOM   437  C  C   . PHE A 1 59  ? 0.453   6.207   8.882   1.00 14.63 ? 97  PHE A C   1 
ATOM   438  O  O   . PHE A 1 59  ? 1.372   6.995   9.157   1.00 14.37 ? 97  PHE A O   1 
ATOM   439  C  CB  . PHE A 1 59  ? 0.832   3.861   8.054   1.00 11.36 ? 97  PHE A CB  1 
ATOM   440  C  CG  . PHE A 1 59  ? 2.057   4.293   7.296   1.00 10.93 ? 97  PHE A CG  1 
ATOM   441  C  CD1 . PHE A 1 59  ? 1.972   5.247   6.289   1.00 11.38 ? 97  PHE A CD1 1 
ATOM   442  C  CD2 . PHE A 1 59  ? 3.293   3.759   7.609   1.00 15.61 ? 97  PHE A CD2 1 
ATOM   443  C  CE1 . PHE A 1 59  ? 3.120   5.677   5.621   1.00 13.24 ? 97  PHE A CE1 1 
ATOM   444  C  CE2 . PHE A 1 59  ? 4.443   4.173   6.935   1.00 15.15 ? 97  PHE A CE2 1 
ATOM   445  C  CZ  . PHE A 1 59  ? 4.353   5.134   5.944   1.00 11.73 ? 97  PHE A CZ  1 
ATOM   446  N  N   . GLU A 1 60  ? -0.632  6.588   8.200   1.00 12.11 ? 98  GLU A N   1 
ATOM   447  C  CA  . GLU A 1 60  ? -0.770  7.955   7.715   1.00 16.10 ? 98  GLU A CA  1 
ATOM   448  C  C   . GLU A 1 60  ? -0.837  8.953   8.862   1.00 17.06 ? 98  GLU A C   1 
ATOM   449  O  O   . GLU A 1 60  ? -0.254  10.041  8.776   1.00 16.39 ? 98  GLU A O   1 
ATOM   450  C  CB  . GLU A 1 60  ? -1.995  8.031   6.804   1.00 15.69 ? 98  GLU A CB  1 
ATOM   451  C  CG  . GLU A 1 60  ? -1.718  7.246   5.514   1.00 14.36 ? 98  GLU A CG  1 
ATOM   452  C  CD  . GLU A 1 60  ? -2.965  6.690   4.850   1.00 18.42 ? 98  GLU A CD  1 
ATOM   453  O  OE1 . GLU A 1 60  ? -4.081  7.172   5.129   1.00 18.30 ? 98  GLU A OE1 1 
ATOM   454  O  OE2 . GLU A 1 60  ? -2.811  5.750   4.051   1.00 14.86 ? 98  GLU A OE2 1 
ATOM   455  N  N   . LEU A 1 61  ? -1.503  8.585   9.962   1.00 15.58 ? 99  LEU A N   1 
ATOM   456  C  CA  . LEU A 1 61  ? -1.522  9.446   11.143  1.00 16.81 ? 99  LEU A CA  1 
ATOM   457  C  C   . LEU A 1 61  ? -0.119  9.647   11.700  1.00 15.32 ? 99  LEU A C   1 
ATOM   458  O  O   . LEU A 1 61  ? 0.292   10.777  11.993  1.00 18.08 ? 99  LEU A O   1 
ATOM   459  C  CB  . LEU A 1 61  ? -2.436  8.852   12.217  1.00 16.10 ? 99  LEU A CB  1 
ATOM   460  C  CG  . LEU A 1 61  ? -2.484  9.602   13.560  1.00 21.17 ? 99  LEU A CG  1 
ATOM   461  C  CD1 . LEU A 1 61  ? -2.998  11.034  13.373  1.00 26.57 ? 99  LEU A CD1 1 
ATOM   462  C  CD2 . LEU A 1 61  ? -3.315  8.855   14.578  1.00 22.48 ? 99  LEU A CD2 1 
ATOM   463  N  N   . ARG A 1 62  ? 0.631   8.559   11.858  1.00 17.15 ? 100 ARG A N   1 
ATOM   464  C  CA  . ARG A 1 62  ? 1.965   8.687   12.433  1.00 15.15 ? 100 ARG A CA  1 
ATOM   465  C  C   . ARG A 1 62  ? 2.908   9.410   11.487  1.00 18.34 ? 100 ARG A C   1 
ATOM   466  O  O   . ARG A 1 62  ? 3.773   10.175  11.936  1.00 14.59 ? 100 ARG A O   1 
ATOM   467  C  CB  . ARG A 1 62  ? 2.488   7.306   12.803  1.00 18.27 ? 100 ARG A CB  1 
ATOM   468  C  CG  . ARG A 1 62  ? 1.858   6.821   14.108  1.00 25.02 ? 100 ARG A CG  1 
ATOM   469  C  CD  . ARG A 1 62  ? 1.452   5.377   14.078  1.00 28.32 ? 100 ARG A CD  1 
ATOM   470  N  NE  . ARG A 1 62  ? 0.839   4.983   15.345  1.00 31.10 ? 100 ARG A NE  1 
ATOM   471  C  CZ  . ARG A 1 62  ? -0.466  5.041   15.602  1.00 33.64 ? 100 ARG A CZ  1 
ATOM   472  N  NH1 . ARG A 1 62  ? -1.314  5.483   14.680  1.00 31.90 ? 100 ARG A NH1 1 
ATOM   473  N  NH2 . ARG A 1 62  ? -0.926  4.658   16.788  1.00 39.59 ? 100 ARG A NH2 1 
ATOM   474  N  N   . TYR A 1 63  ? 2.741   9.198   10.180  1.00 12.63 ? 101 TYR A N   1 
ATOM   475  C  CA  . TYR A 1 63  ? 3.569   9.906   9.213   1.00 15.88 ? 101 TYR A CA  1 
ATOM   476  C  C   . TYR A 1 63  ? 3.316   11.404  9.291   1.00 17.76 ? 101 TYR A C   1 
ATOM   477  O  O   . TYR A 1 63  ? 4.258   12.207  9.307   1.00 18.05 ? 101 TYR A O   1 
ATOM   478  C  CB  . TYR A 1 63  ? 3.288   9.368   7.805   1.00 14.20 ? 101 TYR A CB  1 
ATOM   479  C  CG  . TYR A 1 63  ? 4.201   9.933   6.750   1.00 15.73 ? 101 TYR A CG  1 
ATOM   480  C  CD1 . TYR A 1 63  ? 3.978   11.195  6.217   1.00 16.81 ? 101 TYR A CD1 1 
ATOM   481  C  CD2 . TYR A 1 63  ? 5.262   9.178   6.251   1.00 14.78 ? 101 TYR A CD2 1 
ATOM   482  C  CE1 . TYR A 1 63  ? 4.823   11.721  5.257   1.00 18.13 ? 101 TYR A CE1 1 
ATOM   483  C  CE2 . TYR A 1 63  ? 6.110   9.695   5.292   1.00 15.93 ? 101 TYR A CE2 1 
ATOM   484  C  CZ  . TYR A 1 63  ? 5.878   10.961  4.793   1.00 16.95 ? 101 TYR A CZ  1 
ATOM   485  O  OH  . TYR A 1 63  ? 6.716   11.477  3.827   1.00 19.15 ? 101 TYR A OH  1 
ATOM   486  N  N   . ARG A 1 64  ? 2.040   11.793  9.348   1.00 15.38 ? 102 ARG A N   1 
ATOM   487  C  CA  . ARG A 1 64  ? 1.680   13.207  9.427   1.00 19.01 ? 102 ARG A CA  1 
ATOM   488  C  C   . ARG A 1 64  ? 2.248   13.870  10.675  1.00 18.43 ? 102 ARG A C   1 
ATOM   489  O  O   . ARG A 1 64  ? 2.584   15.060  10.638  1.00 22.40 ? 102 ARG A O   1 
ATOM   490  C  CB  . ARG A 1 64  ? 0.157   13.372  9.413   1.00 24.22 ? 102 ARG A CB  1 
ATOM   491  C  CG  . ARG A 1 64  ? -0.493  13.343  8.048   1.00 30.85 ? 102 ARG A CG  1 
ATOM   492  C  CD  . ARG A 1 64  ? -1.943  13.848  8.129   1.00 33.90 ? 102 ARG A CD  1 
ATOM   493  N  NE  . ARG A 1 64  ? -2.748  13.123  9.117   1.00 36.20 ? 102 ARG A NE  1 
ATOM   494  C  CZ  . ARG A 1 64  ? -3.466  12.035  8.849   1.00 37.72 ? 102 ARG A CZ  1 
ATOM   495  N  NH1 . ARG A 1 64  ? -3.487  11.528  7.619   1.00 29.68 ? 102 ARG A NH1 1 
ATOM   496  N  NH2 . ARG A 1 64  ? -4.164  11.452  9.815   1.00 35.83 ? 102 ARG A NH2 1 
ATOM   497  N  N   . ARG A 1 65  ? 2.350   13.138  11.789  1.00 15.75 ? 103 ARG A N   1 
ATOM   498  C  CA  . ARG A 1 65  ? 2.860   13.750  13.014  1.00 20.10 ? 103 ARG A CA  1 
ATOM   499  C  C   . ARG A 1 65  ? 4.342   14.082  12.906  1.00 27.00 ? 103 ARG A C   1 
ATOM   500  O  O   . ARG A 1 65  ? 4.805   15.068  13.493  1.00 23.18 ? 103 ARG A O   1 
ATOM   501  C  CB  . ARG A 1 65  ? 2.631   12.835  14.207  1.00 23.86 ? 103 ARG A CB  1 
ATOM   502  C  CG  . ARG A 1 65  ? 1.187   12.649  14.566  1.00 23.51 ? 103 ARG A CG  1 
ATOM   503  C  CD  . ARG A 1 65  ? 1.091   11.502  15.526  1.00 25.06 ? 103 ARG A CD  1 
ATOM   504  N  NE  . ARG A 1 65  ? -0.216  11.403  16.149  1.00 29.68 ? 103 ARG A NE  1 
ATOM   505  C  CZ  . ARG A 1 65  ? -0.620  10.345  16.839  1.00 27.47 ? 103 ARG A CZ  1 
ATOM   506  N  NH1 . ARG A 1 65  ? 0.191   9.299   16.973  1.00 31.16 ? 103 ARG A NH1 1 
ATOM   507  N  NH2 . ARG A 1 65  ? -1.831  10.327  17.383  1.00 29.16 ? 103 ARG A NH2 1 
ATOM   508  N  N   . ALA A 1 66  ? 5.106   13.253  12.200  1.00 17.56 ? 104 ALA A N   1 
ATOM   509  C  CA  . ALA A 1 66  ? 6.550   13.429  12.116  1.00 19.78 ? 104 ALA A CA  1 
ATOM   510  C  C   . ALA A 1 66  ? 6.984   14.241  10.907  1.00 23.02 ? 104 ALA A C   1 
ATOM   511  O  O   . ALA A 1 66  ? 7.989   14.960  10.985  1.00 24.12 ? 104 ALA A O   1 
ATOM   512  C  CB  . ALA A 1 66  ? 7.246   12.062  12.083  1.00 21.02 ? 104 ALA A CB  1 
ATOM   513  N  N   . PHE A 1 67  ? 6.258   14.148  9.796   1.00 19.92 ? 105 PHE A N   1 
ATOM   514  C  CA  . PHE A 1 67  ? 6.690   14.754  8.542   1.00 17.99 ? 105 PHE A CA  1 
ATOM   515  C  C   . PHE A 1 67  ? 5.582   15.560  7.882   1.00 22.51 ? 105 PHE A C   1 
ATOM   516  O  O   . PHE A 1 67  ? 5.864   16.340  6.961   1.00 35.19 ? 105 PHE A O   1 
ATOM   517  C  CB  . PHE A 1 67  ? 7.191   13.669  7.579   1.00 21.53 ? 105 PHE A CB  1 
ATOM   518  C  CG  . PHE A 1 67  ? 8.281   12.810  8.153   1.00 22.00 ? 105 PHE A CG  1 
ATOM   519  C  CD1 . PHE A 1 67  ? 9.514   13.361  8.479   1.00 21.03 ? 105 PHE A CD1 1 
ATOM   520  C  CD2 . PHE A 1 67  ? 8.083   11.448  8.356   1.00 15.33 ? 105 PHE A CD2 1 
ATOM   521  C  CE1 . PHE A 1 67  ? 10.520  12.576  9.000   1.00 19.88 ? 105 PHE A CE1 1 
ATOM   522  C  CE2 . PHE A 1 67  ? 9.073   10.665  8.888   1.00 18.41 ? 105 PHE A CE2 1 
ATOM   523  C  CZ  . PHE A 1 67  ? 10.302  11.228  9.207   1.00 24.26 ? 105 PHE A CZ  1 
ATOM   524  N  N   . GLN A 1 73  ? 6.470   18.476  -3.409  1.00 42.89 ? 111 GLN A N   1 
ATOM   525  C  CA  . GLN A 1 73  ? 7.881   18.314  -3.743  1.00 47.58 ? 111 GLN A CA  1 
ATOM   526  C  C   . GLN A 1 73  ? 8.078   17.206  -4.771  1.00 46.86 ? 111 GLN A C   1 
ATOM   527  O  O   . GLN A 1 73  ? 8.856   17.355  -5.715  1.00 50.79 ? 111 GLN A O   1 
ATOM   528  C  CB  . GLN A 1 73  ? 8.705   18.016  -2.486  1.00 50.55 ? 111 GLN A CB  1 
ATOM   529  N  N   . LEU A 1 74  ? 7.366   16.090  -4.581  1.00 47.07 ? 112 LEU A N   1 
ATOM   530  C  CA  . LEU A 1 74  ? 7.476   14.978  -5.518  1.00 40.85 ? 112 LEU A CA  1 
ATOM   531  C  C   . LEU A 1 74  ? 7.015   15.380  -6.914  1.00 38.87 ? 112 LEU A C   1 
ATOM   532  O  O   . LEU A 1 74  ? 7.566   14.898  -7.910  1.00 41.95 ? 112 LEU A O   1 
ATOM   533  C  CB  . LEU A 1 74  ? 6.669   13.782  -5.006  1.00 38.56 ? 112 LEU A CB  1 
ATOM   534  C  CG  . LEU A 1 74  ? 7.039   12.414  -5.583  1.00 31.23 ? 112 LEU A CG  1 
ATOM   535  C  CD1 . LEU A 1 74  ? 8.492   12.075  -5.291  1.00 33.15 ? 112 LEU A CD1 1 
ATOM   536  C  CD2 . LEU A 1 74  ? 6.124   11.327  -5.034  1.00 28.67 ? 112 LEU A CD2 1 
ATOM   537  N  N   . HIS A 1 75  ? 6.031   16.275  -6.997  1.00 43.87 ? 113 HIS A N   1 
ATOM   538  C  CA  . HIS A 1 75  ? 5.486   16.792  -8.252  1.00 45.05 ? 113 HIS A CA  1 
ATOM   539  C  C   . HIS A 1 75  ? 5.215   15.658  -9.242  1.00 34.04 ? 113 HIS A C   1 
ATOM   540  O  O   . HIS A 1 75  ? 5.853   15.534  -10.288 1.00 37.24 ? 113 HIS A O   1 
ATOM   541  C  CB  . HIS A 1 75  ? 6.417   17.846  -8.865  1.00 44.73 ? 113 HIS A CB  1 
ATOM   542  C  CG  . HIS A 1 75  ? 5.813   18.585  -10.020 1.00 48.83 ? 113 HIS A CG  1 
ATOM   543  N  ND1 . HIS A 1 75  ? 6.480   18.782  -11.211 1.00 53.66 ? 113 HIS A ND1 1 
ATOM   544  C  CD2 . HIS A 1 75  ? 4.602   19.175  -10.167 1.00 49.07 ? 113 HIS A CD2 1 
ATOM   545  C  CE1 . HIS A 1 75  ? 5.709   19.464  -12.040 1.00 50.56 ? 113 HIS A CE1 1 
ATOM   546  N  NE2 . HIS A 1 75  ? 4.563   19.715  -11.431 1.00 51.85 ? 113 HIS A NE2 1 
ATOM   547  N  N   . ILE A 1 76  ? 4.254   14.814  -8.864  1.00 29.13 ? 114 ILE A N   1 
ATOM   548  C  CA  . ILE A 1 76  ? 3.871   13.716  -9.740  1.00 25.94 ? 114 ILE A CA  1 
ATOM   549  C  C   . ILE A 1 76  ? 3.325   14.285  -11.038 1.00 23.74 ? 114 ILE A C   1 
ATOM   550  O  O   . ILE A 1 76  ? 2.550   15.253  -11.044 1.00 24.22 ? 114 ILE A O   1 
ATOM   551  C  CB  . ILE A 1 76  ? 2.861   12.790  -9.044  1.00 24.12 ? 114 ILE A CB  1 
ATOM   552  C  CG1 . ILE A 1 76  ? 3.564   11.986  -7.952  1.00 32.62 ? 114 ILE A CG1 1 
ATOM   553  C  CG2 . ILE A 1 76  ? 2.202   11.835  -10.048 1.00 26.29 ? 114 ILE A CG2 1 
ATOM   554  C  CD1 . ILE A 1 76  ? 4.725   11.149  -8.464  1.00 32.38 ? 114 ILE A CD1 1 
ATOM   555  N  N   . THR A 1 77  ? 3.774   13.718  -12.146 1.00 20.66 ? 115 THR A N   1 
ATOM   556  C  CA  . THR A 1 77  ? 3.268   13.993  -13.478 1.00 19.47 ? 115 THR A CA  1 
ATOM   557  C  C   . THR A 1 77  ? 3.091   12.663  -14.176 1.00 20.49 ? 115 THR A C   1 
ATOM   558  O  O   . THR A 1 77  ? 3.740   11.680  -13.814 1.00 19.06 ? 115 THR A O   1 
ATOM   559  C  CB  . THR A 1 77  ? 4.225   14.873  -14.303 1.00 26.09 ? 115 THR A CB  1 
ATOM   560  O  OG1 . THR A 1 77  ? 5.412   14.130  -14.610 1.00 21.09 ? 115 THR A OG1 1 
ATOM   561  C  CG2 . THR A 1 77  ? 4.592   16.144  -13.536 1.00 25.20 ? 115 THR A CG2 1 
ATOM   562  N  N   . PRO A 1 78  ? 2.221   12.590  -15.181 1.00 21.33 ? 116 PRO A N   1 
ATOM   563  C  CA  . PRO A 1 78  ? 2.058   11.319  -15.898 1.00 17.84 ? 116 PRO A CA  1 
ATOM   564  C  C   . PRO A 1 78  ? 3.341   10.830  -16.545 1.00 20.78 ? 116 PRO A C   1 
ATOM   565  O  O   . PRO A 1 78  ? 3.530   9.612   -16.665 1.00 20.38 ? 116 PRO A O   1 
ATOM   566  C  CB  . PRO A 1 78  ? 0.970   11.640  -16.933 1.00 18.99 ? 116 PRO A CB  1 
ATOM   567  C  CG  . PRO A 1 78  ? 0.205   12.796  -16.319 1.00 17.12 ? 116 PRO A CG  1 
ATOM   568  C  CD  . PRO A 1 78  ? 1.251   13.614  -15.615 1.00 20.31 ? 116 PRO A CD  1 
ATOM   569  N  N   . GLY A 1 79  ? 4.244   11.742  -16.925 1.00 19.96 ? 117 GLY A N   1 
ATOM   570  C  CA  . GLY A 1 79  ? 5.506   11.356  -17.521 1.00 23.00 ? 117 GLY A CA  1 
ATOM   571  C  C   . GLY A 1 79  ? 6.566   10.908  -16.539 1.00 23.81 ? 117 GLY A C   1 
ATOM   572  O  O   . GLY A 1 79  ? 7.520   10.240  -16.950 1.00 25.14 ? 117 GLY A O   1 
ATOM   573  N  N   . THR A 1 80  ? 6.429   11.255  -15.256 1.00 17.83 ? 118 THR A N   1 
ATOM   574  C  CA  . THR A 1 80  ? 7.415   10.872  -14.257 1.00 20.22 ? 118 THR A CA  1 
ATOM   575  C  C   . THR A 1 80  ? 6.874   9.920   -13.201 1.00 21.26 ? 118 THR A C   1 
ATOM   576  O  O   . THR A 1 80  ? 7.661   9.417   -12.397 1.00 17.43 ? 118 THR A O   1 
ATOM   577  C  CB  . THR A 1 80  ? 8.000   12.111  -13.548 1.00 19.85 ? 118 THR A CB  1 
ATOM   578  O  OG1 . THR A 1 80  ? 6.974   12.806  -12.828 1.00 22.06 ? 118 THR A OG1 1 
ATOM   579  C  CG2 . THR A 1 80  ? 8.657   13.058  -14.559 1.00 24.79 ? 118 THR A CG2 1 
ATOM   580  N  N   . ALA A 1 81  ? 5.571   9.631   -13.211 1.00 19.80 ? 119 ALA A N   1 
ATOM   581  C  CA  . ALA A 1 81  ? 4.949   8.912   -12.097 1.00 15.28 ? 119 ALA A CA  1 
ATOM   582  C  C   . ALA A 1 81  ? 5.513   7.502   -11.931 1.00 16.52 ? 119 ALA A C   1 
ATOM   583  O  O   . ALA A 1 81  ? 5.740   7.054   -10.799 1.00 15.73 ? 119 ALA A O   1 
ATOM   584  C  CB  . ALA A 1 81  ? 3.436   8.856   -12.296 1.00 16.86 ? 119 ALA A CB  1 
ATOM   585  N  N   . TYR A 1 82  ? 5.729   6.779   -13.041 1.00 14.74 ? 120 TYR A N   1 
ATOM   586  C  CA  . TYR A 1 82  ? 6.239   5.409   -12.945 1.00 17.09 ? 120 TYR A CA  1 
ATOM   587  C  C   . TYR A 1 82  ? 7.622   5.368   -12.298 1.00 16.92 ? 120 TYR A C   1 
ATOM   588  O  O   . TYR A 1 82  ? 7.852   4.605   -11.351 1.00 16.94 ? 120 TYR A O   1 
ATOM   589  C  CB  . TYR A 1 82  ? 6.272   4.750   -14.325 1.00 15.53 ? 120 TYR A CB  1 
ATOM   590  C  CG  . TYR A 1 82  ? 6.768   3.321   -14.268 1.00 18.07 ? 120 TYR A CG  1 
ATOM   591  C  CD1 . TYR A 1 82  ? 5.946   2.299   -13.811 1.00 18.26 ? 120 TYR A CD1 1 
ATOM   592  C  CD2 . TYR A 1 82  ? 8.067   2.997   -14.642 1.00 22.45 ? 120 TYR A CD2 1 
ATOM   593  C  CE1 . TYR A 1 82  ? 6.400   0.985   -13.747 1.00 18.57 ? 120 TYR A CE1 1 
ATOM   594  C  CE2 . TYR A 1 82  ? 8.526   1.681   -14.578 1.00 24.01 ? 120 TYR A CE2 1 
ATOM   595  C  CZ  . TYR A 1 82  ? 7.685   0.688   -14.132 1.00 21.56 ? 120 TYR A CZ  1 
ATOM   596  O  OH  . TYR A 1 82  ? 8.138   -0.616  -14.064 1.00 26.90 ? 120 TYR A OH  1 
ATOM   597  N  N   . GLN A 1 83  ? 8.561   6.189   -12.786 1.00 17.11 ? 121 GLN A N   1 
ATOM   598  C  CA  . GLN A 1 83  ? 9.894   6.216   -12.188 1.00 17.36 ? 121 GLN A CA  1 
ATOM   599  C  C   . GLN A 1 83  ? 9.865   6.687   -10.741 1.00 16.59 ? 121 GLN A C   1 
ATOM   600  O  O   . GLN A 1 83  ? 10.603  6.159   -9.902  1.00 18.94 ? 121 GLN A O   1 
ATOM   601  C  CB  . GLN A 1 83  ? 10.827  7.105   -13.013 1.00 22.63 ? 121 GLN A CB  1 
ATOM   602  C  CG  . GLN A 1 83  ? 11.311  6.420   -14.281 1.00 22.71 ? 121 GLN A CG  1 
ATOM   603  C  CD  . GLN A 1 83  ? 12.076  5.148   -13.996 1.00 26.97 ? 121 GLN A CD  1 
ATOM   604  O  OE1 . GLN A 1 83  ? 12.805  5.055   -13.003 1.00 28.72 ? 121 GLN A OE1 1 
ATOM   605  N  NE2 . GLN A 1 83  ? 11.895  4.142   -14.853 1.00 29.01 ? 121 GLN A NE2 1 
ATOM   606  N  N   . SER A 1 84  ? 9.070   7.714   -10.434 1.00 17.02 ? 122 SER A N   1 
ATOM   607  C  CA  . SER A 1 84  ? 8.997   8.181   -9.052  1.00 19.68 ? 122 SER A CA  1 
ATOM   608  C  C   . SER A 1 84  ? 8.423   7.103   -8.140  1.00 17.40 ? 122 SER A C   1 
ATOM   609  O  O   . SER A 1 84  ? 8.933   6.878   -7.035  1.00 17.36 ? 122 SER A O   1 
ATOM   610  C  CB  . SER A 1 84  ? 8.173   9.462   -8.963  1.00 23.67 ? 122 SER A CB  1 
ATOM   611  O  OG  . SER A 1 84  ? 8.862   10.522  -9.606  1.00 24.74 ? 122 SER A OG  1 
ATOM   612  N  N   . PHE A 1 85  ? 7.359   6.425   -8.582  1.00 15.43 ? 123 PHE A N   1 
ATOM   613  C  CA  . PHE A 1 85  ? 6.813   5.326   -7.792  1.00 15.62 ? 123 PHE A CA  1 
ATOM   614  C  C   . PHE A 1 85  ? 7.839   4.212   -7.616  1.00 15.24 ? 123 PHE A C   1 
ATOM   615  O  O   . PHE A 1 85  ? 8.092   3.756   -6.496  1.00 14.53 ? 123 PHE A O   1 
ATOM   616  C  CB  . PHE A 1 85  ? 5.544   4.768   -8.444  1.00 13.53 ? 123 PHE A CB  1 
ATOM   617  C  CG  . PHE A 1 85  ? 5.025   3.525   -7.772  1.00 12.09 ? 123 PHE A CG  1 
ATOM   618  C  CD1 . PHE A 1 85  ? 4.251   3.623   -6.614  1.00 14.61 ? 123 PHE A CD1 1 
ATOM   619  C  CD2 . PHE A 1 85  ? 5.318   2.265   -8.285  1.00 11.79 ? 123 PHE A CD2 1 
ATOM   620  C  CE1 . PHE A 1 85  ? 3.793   2.486   -5.972  1.00 16.33 ? 123 PHE A CE1 1 
ATOM   621  C  CE2 . PHE A 1 85  ? 4.849   1.121   -7.655  1.00 14.41 ? 123 PHE A CE2 1 
ATOM   622  C  CZ  . PHE A 1 85  ? 4.081   1.234   -6.491  1.00 16.67 ? 123 PHE A CZ  1 
ATOM   623  N  N   . GLU A 1 86  ? 8.430   3.740   -8.721  1.00 14.02 ? 124 GLU A N   1 
ATOM   624  C  CA  . GLU A 1 86  ? 9.329   2.595   -8.614  1.00 14.73 ? 124 GLU A CA  1 
ATOM   625  C  C   . GLU A 1 86  ? 10.592  2.931   -7.824  1.00 14.96 ? 124 GLU A C   1 
ATOM   626  O  O   . GLU A 1 86  ? 11.085  2.096   -7.056  1.00 15.86 ? 124 GLU A O   1 
ATOM   627  C  CB  . GLU A 1 86  ? 9.682   2.062   -10.004 1.00 16.54 ? 124 GLU A CB  1 
ATOM   628  C  CG  . GLU A 1 86  ? 8.477   1.533   -10.780 1.00 16.17 ? 124 GLU A CG  1 
ATOM   629  C  CD  . GLU A 1 86  ? 7.875   0.249   -10.204 1.00 18.41 ? 124 GLU A CD  1 
ATOM   630  O  OE1 . GLU A 1 86  ? 8.549   -0.473  -9.444  1.00 21.96 ? 124 GLU A OE1 1 
ATOM   631  O  OE2 . GLU A 1 86  ? 6.703   -0.030  -10.528 1.00 18.71 ? 124 GLU A OE2 1 
ATOM   632  N  N   . GLN A 1 87  ? 11.133  4.142   -7.988  1.00 14.17 ? 125 GLN A N   1 
ATOM   633  C  CA  . GLN A 1 87  ? 12.356  4.480   -7.264  1.00 13.63 ? 125 GLN A CA  1 
ATOM   634  C  C   . GLN A 1 87  ? 12.111  4.612   -5.760  1.00 14.88 ? 125 GLN A C   1 
ATOM   635  O  O   . GLN A 1 87  ? 12.936  4.164   -4.956  1.00 15.01 ? 125 GLN A O   1 
ATOM   636  C  CB  . GLN A 1 87  ? 12.965  5.754   -7.840  1.00 19.79 ? 125 GLN A CB  1 
ATOM   637  C  CG  . GLN A 1 87  ? 13.596  5.504   -9.214  1.00 19.28 ? 125 GLN A CG  1 
ATOM   638  C  CD  . GLN A 1 87  ? 14.089  6.778   -9.876  1.00 26.70 ? 125 GLN A CD  1 
ATOM   639  O  OE1 . GLN A 1 87  ? 14.529  7.709   -9.203  1.00 27.88 ? 125 GLN A OE1 1 
ATOM   640  N  NE2 . GLN A 1 87  ? 14.027  6.820   -11.203 1.00 32.16 ? 125 GLN A NE2 1 
ATOM   641  N  N   . VAL A 1 88  ? 10.988  5.213   -5.357  1.00 13.23 ? 126 VAL A N   1 
ATOM   642  C  CA  . VAL A 1 88  ? 10.677  5.287   -3.928  1.00 16.97 ? 126 VAL A CA  1 
ATOM   643  C  C   . VAL A 1 88  ? 10.497  3.883   -3.364  1.00 13.26 ? 126 VAL A C   1 
ATOM   644  O  O   . VAL A 1 88  ? 11.067  3.531   -2.322  1.00 15.11 ? 126 VAL A O   1 
ATOM   645  C  CB  . VAL A 1 88  ? 9.435   6.164   -3.686  1.00 16.72 ? 126 VAL A CB  1 
ATOM   646  C  CG1 . VAL A 1 88  ? 8.936   6.012   -2.248  1.00 15.59 ? 126 VAL A CG1 1 
ATOM   647  C  CG2 . VAL A 1 88  ? 9.750   7.638   -3.996  1.00 18.88 ? 126 VAL A CG2 1 
ATOM   648  N  N   . VAL A 1 89  ? 9.726   3.048   -4.064  1.00 14.80 ? 127 VAL A N   1 
ATOM   649  C  CA  . VAL A 1 89  ? 9.483   1.690   -3.582  1.00 13.91 ? 127 VAL A CA  1 
ATOM   650  C  C   . VAL A 1 89  ? 10.784  0.890   -3.533  1.00 14.89 ? 127 VAL A C   1 
ATOM   651  O  O   . VAL A 1 89  ? 11.036  0.143   -2.576  1.00 14.21 ? 127 VAL A O   1 
ATOM   652  C  CB  . VAL A 1 89  ? 8.402   1.008   -4.448  1.00 14.01 ? 127 VAL A CB  1 
ATOM   653  C  CG1 . VAL A 1 89  ? 8.298   -0.460  -4.110  1.00 17.91 ? 127 VAL A CG1 1 
ATOM   654  C  CG2 . VAL A 1 89  ? 7.044   1.704   -4.238  1.00 14.91 ? 127 VAL A CG2 1 
ATOM   655  N  N   . ASN A 1 90  ? 11.643  1.043   -4.548  1.00 14.08 ? 128 ASN A N   1 
ATOM   656  C  CA  . ASN A 1 90  ? 12.933  0.350   -4.516  1.00 18.74 ? 128 ASN A CA  1 
ATOM   657  C  C   . ASN A 1 90  ? 13.756  0.749   -3.294  1.00 15.92 ? 128 ASN A C   1 
ATOM   658  O  O   . ASN A 1 90  ? 14.339  -0.113  -2.623  1.00 17.93 ? 128 ASN A O   1 
ATOM   659  C  CB  . ASN A 1 90  ? 13.718  0.628   -5.799  1.00 18.40 ? 128 ASN A CB  1 
ATOM   660  C  CG  . ASN A 1 90  ? 13.192  -0.151  -6.978  1.00 27.92 ? 128 ASN A CG  1 
ATOM   661  O  OD1 . ASN A 1 90  ? 12.519  -1.172  -6.817  1.00 25.12 ? 128 ASN A OD1 1 
ATOM   662  N  ND2 . ASN A 1 90  ? 13.491  0.328   -8.175  1.00 25.69 ? 128 ASN A ND2 1 
ATOM   663  N  N   . GLU A 1 91  ? 13.831  2.051   -2.995  1.00 14.81 ? 129 GLU A N   1 
ATOM   664  C  CA  . GLU A 1 91  ? 14.598  2.490   -1.828  1.00 15.78 ? 129 GLU A CA  1 
ATOM   665  C  C   . GLU A 1 91  ? 13.944  2.030   -0.532  1.00 16.04 ? 129 GLU A C   1 
ATOM   666  O  O   . GLU A 1 91  ? 14.635  1.649   0.422   1.00 16.69 ? 129 GLU A O   1 
ATOM   667  C  CB  . GLU A 1 91  ? 14.745  4.008   -1.828  1.00 18.40 ? 129 GLU A CB  1 
ATOM   668  C  CG  . GLU A 1 91  ? 15.806  4.536   -2.755  1.00 24.79 ? 129 GLU A CG  1 
ATOM   669  C  CD  . GLU A 1 91  ? 16.416  5.812   -2.209  1.00 31.29 ? 129 GLU A CD  1 
ATOM   670  O  OE1 . GLU A 1 91  ? 16.857  6.661   -3.013  1.00 40.19 ? 129 GLU A OE1 1 
ATOM   671  O  OE2 . GLU A 1 91  ? 16.455  5.958   -0.966  1.00 33.20 ? 129 GLU A OE2 1 
ATOM   672  N  N   . LEU A 1 92  ? 12.609  2.065   -0.479  1.00 16.77 ? 130 LEU A N   1 
ATOM   673  C  CA  . LEU A 1 92  ? 11.885  1.578   0.691   1.00 14.69 ? 130 LEU A CA  1 
ATOM   674  C  C   . LEU A 1 92  ? 12.300  0.161   1.075   1.00 15.04 ? 130 LEU A C   1 
ATOM   675  O  O   . LEU A 1 92  ? 12.496  -0.141  2.257   1.00 15.34 ? 130 LEU A O   1 
ATOM   676  C  CB  . LEU A 1 92  ? 10.381  1.630   0.412   1.00 13.78 ? 130 LEU A CB  1 
ATOM   677  C  CG  . LEU A 1 92  ? 9.423   1.005   1.424   1.00 11.87 ? 130 LEU A CG  1 
ATOM   678  C  CD1 . LEU A 1 92  ? 9.596   1.617   2.805   1.00 15.54 ? 130 LEU A CD1 1 
ATOM   679  C  CD2 . LEU A 1 92  ? 8.011   1.258   0.945   1.00 13.21 ? 130 LEU A CD2 1 
ATOM   680  N  N   . PHE A 1 93  ? 12.431  -0.734  0.093   1.00 13.55 ? 131 PHE A N   1 
ATOM   681  C  CA  . PHE A 1 93  ? 12.662  -2.143  0.383   1.00 13.80 ? 131 PHE A CA  1 
ATOM   682  C  C   . PHE A 1 93  ? 14.099  -2.591  0.170   1.00 17.29 ? 131 PHE A C   1 
ATOM   683  O  O   . PHE A 1 93  ? 14.381  -3.789  0.311   1.00 17.65 ? 131 PHE A O   1 
ATOM   684  C  CB  . PHE A 1 93  ? 11.735  -3.018  -0.470  1.00 14.03 ? 131 PHE A CB  1 
ATOM   685  C  CG  . PHE A 1 93  ? 10.286  -2.885  -0.097  1.00 10.85 ? 131 PHE A CG  1 
ATOM   686  C  CD1 . PHE A 1 93  ? 9.846   -3.292  1.154   1.00 11.62 ? 131 PHE A CD1 1 
ATOM   687  C  CD2 . PHE A 1 93  ? 9.370   -2.351  -0.983  1.00 13.62 ? 131 PHE A CD2 1 
ATOM   688  C  CE1 . PHE A 1 93  ? 8.514   -3.176  1.519   1.00 11.68 ? 131 PHE A CE1 1 
ATOM   689  C  CE2 . PHE A 1 93  ? 8.024   -2.233  -0.627  1.00 12.61 ? 131 PHE A CE2 1 
ATOM   690  C  CZ  . PHE A 1 93  ? 7.594   -2.646  0.623   1.00 13.00 ? 131 PHE A CZ  1 
ATOM   691  N  N   . ARG A 1 94  ? 15.012  -1.674  -0.147  1.00 17.47 ? 132 ARG A N   1 
ATOM   692  C  CA  . ARG A 1 94  ? 16.336  -2.101  -0.590  1.00 21.40 ? 132 ARG A CA  1 
ATOM   693  C  C   . ARG A 1 94  ? 17.100  -2.845  0.501   1.00 20.14 ? 132 ARG A C   1 
ATOM   694  O  O   . ARG A 1 94  ? 17.807  -3.818  0.208   1.00 21.43 ? 132 ARG A O   1 
ATOM   695  C  CB  . ARG A 1 94  ? 17.147  -0.908  -1.092  1.00 20.47 ? 132 ARG A CB  1 
ATOM   696  C  CG  . ARG A 1 94  ? 18.405  -1.355  -1.835  1.00 24.32 ? 132 ARG A CG  1 
ATOM   697  C  CD  . ARG A 1 94  ? 18.167  -1.364  -3.346  1.00 36.18 ? 132 ARG A CD  1 
ATOM   698  N  NE  . ARG A 1 94  ? 18.323  -0.033  -3.924  1.00 41.09 ? 132 ARG A NE  1 
ATOM   699  C  CZ  . ARG A 1 94  ? 17.390  0.610   -4.625  1.00 46.59 ? 132 ARG A CZ  1 
ATOM   700  N  NH1 . ARG A 1 94  ? 17.651  1.818   -5.112  1.00 43.88 ? 132 ARG A NH1 1 
ATOM   701  N  NH2 . ARG A 1 94  ? 16.194  0.063   -4.830  1.00 45.22 ? 132 ARG A NH2 1 
ATOM   702  N  N   . ASP A 1 95  ? 17.006  -2.413  1.755   1.00 18.28 ? 133 ASP A N   1 
ATOM   703  C  CA  . ASP A 1 95  ? 17.733  -3.116  2.802   1.00 21.18 ? 133 ASP A CA  1 
ATOM   704  C  C   . ASP A 1 95  ? 16.850  -4.084  3.588   1.00 22.06 ? 133 ASP A C   1 
ATOM   705  O  O   . ASP A 1 95  ? 17.287  -4.606  4.616   1.00 23.80 ? 133 ASP A O   1 
ATOM   706  C  CB  . ASP A 1 95  ? 18.473  -2.110  3.710   1.00 28.01 ? 133 ASP A CB  1 
ATOM   707  C  CG  . ASP A 1 95  ? 17.643  -1.577  4.863   1.00 29.89 ? 133 ASP A CG  1 
ATOM   708  O  OD1 . ASP A 1 95  ? 16.396  -1.573  4.804   1.00 27.98 ? 133 ASP A OD1 1 
ATOM   709  O  OD2 . ASP A 1 95  ? 18.275  -1.110  5.843   1.00 28.52 ? 133 ASP A OD2 1 
ATOM   710  N  N   . GLY A 1 96  ? 15.648  -4.369  3.111   1.00 19.17 ? 134 GLY A N   1 
ATOM   711  C  CA  . GLY A 1 96  ? 14.845  -5.430  3.695   1.00 20.99 ? 134 GLY A CA  1 
ATOM   712  C  C   . GLY A 1 96  ? 13.362  -5.145  3.572   1.00 19.38 ? 134 GLY A C   1 
ATOM   713  O  O   . GLY A 1 96  ? 12.937  -4.047  3.225   1.00 18.25 ? 134 GLY A O   1 
ATOM   714  N  N   . VAL A 1 97  ? 12.578  -6.179  3.874   1.00 14.48 ? 135 VAL A N   1 
ATOM   715  C  CA  . VAL A 1 97  ? 11.120  -6.132  3.886   1.00 15.19 ? 135 VAL A CA  1 
ATOM   716  C  C   . VAL A 1 97  ? 10.641  -6.390  5.306   1.00 17.00 ? 135 VAL A C   1 
ATOM   717  O  O   . VAL A 1 97  ? 11.196  -7.239  6.018   1.00 18.78 ? 135 VAL A O   1 
ATOM   718  C  CB  . VAL A 1 97  ? 10.514  -7.177  2.919   1.00 17.43 ? 135 VAL A CB  1 
ATOM   719  C  CG1 . VAL A 1 97  ? 8.972   -7.125  2.922   1.00 13.01 ? 135 VAL A CG1 1 
ATOM   720  C  CG2 . VAL A 1 97  ? 11.063  -6.982  1.512   1.00 16.69 ? 135 VAL A CG2 1 
ATOM   721  N  N   . ASN A 1 98  ? 9.605   -5.668  5.719   1.00 15.98 ? 136 ASN A N   1 
ATOM   722  C  CA  . ASN A 1 98  ? 8.830   -6.069  6.881   1.00 13.54 ? 136 ASN A CA  1 
ATOM   723  C  C   . ASN A 1 98  ? 7.408   -5.593  6.647   1.00 13.04 ? 136 ASN A C   1 
ATOM   724  O  O   . ASN A 1 98  ? 7.139   -4.846  5.703   1.00 13.60 ? 136 ASN A O   1 
ATOM   725  C  CB  . ASN A 1 98  ? 9.437   -5.534  8.191   1.00 14.60 ? 136 ASN A CB  1 
ATOM   726  C  CG  . ASN A 1 98  ? 9.418   -3.996  8.276   1.00 20.27 ? 136 ASN A CG  1 
ATOM   727  O  OD1 . ASN A 1 98  ? 8.378   -3.361  8.096   1.00 15.64 ? 136 ASN A OD1 1 
ATOM   728  N  ND2 . ASN A 1 98  ? 10.579  -3.404  8.530   1.00 21.49 ? 136 ASN A ND2 1 
ATOM   729  N  N   . TRP A 1 99  ? 6.489   -6.024  7.519   1.00 16.05 ? 137 TRP A N   1 
ATOM   730  C  CA  . TRP A 1 99  ? 5.085   -5.715  7.273   1.00 14.88 ? 137 TRP A CA  1 
ATOM   731  C  C   . TRP A 1 99  ? 4.821   -4.219  7.338   1.00 12.17 ? 137 TRP A C   1 
ATOM   732  O  O   . TRP A 1 99  ? 3.956   -3.724  6.611   1.00 13.67 ? 137 TRP A O   1 
ATOM   733  C  CB  . TRP A 1 99  ? 4.179   -6.440  8.265   1.00 15.37 ? 137 TRP A CB  1 
ATOM   734  C  CG  . TRP A 1 99  ? 4.101   -7.930  8.090   1.00 16.07 ? 137 TRP A CG  1 
ATOM   735  C  CD1 . TRP A 1 99  ? 4.566   -8.883  8.958   1.00 16.83 ? 137 TRP A CD1 1 
ATOM   736  C  CD2 . TRP A 1 99  ? 3.526   -8.640  6.987   1.00 16.47 ? 137 TRP A CD2 1 
ATOM   737  N  NE1 . TRP A 1 99  ? 4.310   -10.143 8.460   1.00 15.04 ? 137 TRP A NE1 1 
ATOM   738  C  CE2 . TRP A 1 99  ? 3.670   -10.018 7.256   1.00 17.54 ? 137 TRP A CE2 1 
ATOM   739  C  CE3 . TRP A 1 99  ? 2.888   -8.244  5.808   1.00 16.84 ? 137 TRP A CE3 1 
ATOM   740  C  CZ2 . TRP A 1 99  ? 3.210   -11.005 6.378   1.00 15.17 ? 137 TRP A CZ2 1 
ATOM   741  C  CZ3 . TRP A 1 99  ? 2.432   -9.226  4.932   1.00 13.52 ? 137 TRP A CZ3 1 
ATOM   742  C  CH2 . TRP A 1 99  ? 2.597   -10.590 5.227   1.00 16.85 ? 137 TRP A CH2 1 
ATOM   743  N  N   . GLY A 1 100 ? 5.531   -3.493  8.215   1.00 13.87 ? 138 GLY A N   1 
ATOM   744  C  CA  . GLY A 1 100 ? 5.325   -2.051  8.311   1.00 15.14 ? 138 GLY A CA  1 
ATOM   745  C  C   . GLY A 1 100 ? 5.720   -1.337  7.034   1.00 11.50 ? 138 GLY A C   1 
ATOM   746  O  O   . GLY A 1 100 ? 5.050   -0.391  6.600   1.00 12.69 ? 138 GLY A O   1 
ATOM   747  N  N   . ARG A 1 101 ? 6.811   -1.785  6.407   1.00 12.94 ? 139 ARG A N   1 
ATOM   748  C  CA  . ARG A 1 101 ? 7.188   -1.223  5.118   1.00 13.17 ? 139 ARG A CA  1 
ATOM   749  C  C   . ARG A 1 101 ? 6.186   -1.593  4.031   1.00 11.70 ? 139 ARG A C   1 
ATOM   750  O  O   . ARG A 1 101 ? 5.963   -0.803  3.106   1.00 11.41 ? 139 ARG A O   1 
ATOM   751  C  CB  . ARG A 1 101 ? 8.596   -1.680  4.745   1.00 12.47 ? 139 ARG A CB  1 
ATOM   752  C  CG  . ARG A 1 101 ? 9.659   -1.183  5.723   1.00 15.28 ? 139 ARG A CG  1 
ATOM   753  C  CD  . ARG A 1 101 ? 11.061  -1.654  5.309   1.00 17.41 ? 139 ARG A CD  1 
ATOM   754  N  NE  . ARG A 1 101 ? 12.057  -1.237  6.295   1.00 18.81 ? 139 ARG A NE  1 
ATOM   755  C  CZ  . ARG A 1 101 ? 13.370  -1.358  6.140   1.00 20.22 ? 139 ARG A CZ  1 
ATOM   756  N  NH1 . ARG A 1 101 ? 13.871  -1.886  5.030   1.00 19.54 ? 139 ARG A NH1 1 
ATOM   757  N  NH2 . ARG A 1 101 ? 14.187  -0.939  7.099   1.00 19.86 ? 139 ARG A NH2 1 
ATOM   758  N  N   . ILE A 1 102 ? 5.559   -2.763  4.131   1.00 10.75 ? 140 ILE A N   1 
ATOM   759  C  CA  . ILE A 1 102 ? 4.496   -3.086  3.185   1.00 11.56 ? 140 ILE A CA  1 
ATOM   760  C  C   . ILE A 1 102 ? 3.303   -2.157  3.388   1.00 12.84 ? 140 ILE A C   1 
ATOM   761  O  O   . ILE A 1 102 ? 2.700   -1.672  2.421   1.00 11.40 ? 140 ILE A O   1 
ATOM   762  C  CB  . ILE A 1 102 ? 4.125   -4.571  3.306   1.00 10.68 ? 140 ILE A CB  1 
ATOM   763  C  CG1 . ILE A 1 102 ? 5.289   -5.407  2.766   1.00 13.21 ? 140 ILE A CG1 1 
ATOM   764  C  CG2 . ILE A 1 102 ? 2.833   -4.895  2.541   1.00 12.21 ? 140 ILE A CG2 1 
ATOM   765  C  CD1 . ILE A 1 102 ? 5.049   -6.889  2.811   1.00 13.75 ? 140 ILE A CD1 1 
ATOM   766  N  N   . VAL A 1 103 ? 2.961   -1.854  4.642   1.00 13.26 ? 141 VAL A N   1 
ATOM   767  C  CA  . VAL A 1 103 ? 1.888   -0.888  4.872   1.00 12.34 ? 141 VAL A CA  1 
ATOM   768  C  C   . VAL A 1 103 ? 2.254   0.472   4.284   1.00 10.65 ? 141 VAL A C   1 
ATOM   769  O  O   . VAL A 1 103 ? 1.425   1.136   3.658   1.00 11.80 ? 141 VAL A O   1 
ATOM   770  C  CB  . VAL A 1 103 ? 1.559   -0.789  6.372   1.00 10.94 ? 141 VAL A CB  1 
ATOM   771  C  CG1 . VAL A 1 103 ? 0.627   0.390   6.627   1.00 12.10 ? 141 VAL A CG1 1 
ATOM   772  C  CG2 . VAL A 1 103 ? 0.910   -2.093  6.838   1.00 13.47 ? 141 VAL A CG2 1 
ATOM   773  N  N   . ALA A 1 104 ? 3.503   0.898   4.465   1.00 10.74 ? 142 ALA A N   1 
ATOM   774  C  CA  . ALA A 1 104 ? 3.960   2.155   3.883   1.00 11.79 ? 142 ALA A CA  1 
ATOM   775  C  C   . ALA A 1 104 ? 3.796   2.172   2.368   1.00 11.13 ? 142 ALA A C   1 
ATOM   776  O  O   . ALA A 1 104 ? 3.419   3.197   1.780   1.00 13.14 ? 142 ALA A O   1 
ATOM   777  C  CB  . ALA A 1 104 ? 5.427   2.367   4.253   1.00 13.06 ? 142 ALA A CB  1 
ATOM   778  N  N   . PHE A 1 105 ? 4.117   1.051   1.725   1.00 11.16 ? 143 PHE A N   1 
ATOM   779  C  CA  . PHE A 1 105 ? 3.957   0.895   0.281   1.00 10.93 ? 143 PHE A CA  1 
ATOM   780  C  C   . PHE A 1 105 ? 2.499   1.093   -0.138  1.00 12.00 ? 143 PHE A C   1 
ATOM   781  O  O   . PHE A 1 105 ? 2.205   1.855   -1.068  1.00 11.42 ? 143 PHE A O   1 
ATOM   782  C  CB  . PHE A 1 105 ? 4.520   -0.488  -0.081  1.00 10.11 ? 143 PHE A CB  1 
ATOM   783  C  CG  . PHE A 1 105 ? 4.037   -1.072  -1.388  1.00 11.11 ? 143 PHE A CG  1 
ATOM   784  C  CD1 . PHE A 1 105 ? 2.884   -1.850  -1.426  1.00 10.10 ? 143 PHE A CD1 1 
ATOM   785  C  CD2 . PHE A 1 105 ? 4.782   -0.912  -2.555  1.00 12.06 ? 143 PHE A CD2 1 
ATOM   786  C  CE1 . PHE A 1 105 ? 2.465   -2.439  -2.629  1.00 10.82 ? 143 PHE A CE1 1 
ATOM   787  C  CE2 . PHE A 1 105 ? 4.351   -1.488  -3.755  1.00 11.44 ? 143 PHE A CE2 1 
ATOM   788  C  CZ  . PHE A 1 105 ? 3.196   -2.242  -3.778  1.00 11.89 ? 143 PHE A CZ  1 
ATOM   789  N  N   . PHE A 1 106 ? 1.562   0.457   0.572   1.00 11.49 ? 144 PHE A N   1 
ATOM   790  C  CA  . PHE A 1 106 ? 0.142   0.692   0.301   1.00 12.15 ? 144 PHE A CA  1 
ATOM   791  C  C   . PHE A 1 106 ? -0.248  2.160   0.520   1.00 13.63 ? 144 PHE A C   1 
ATOM   792  O  O   . PHE A 1 106 ? -0.934  2.760   -0.321  1.00 11.62 ? 144 PHE A O   1 
ATOM   793  C  CB  . PHE A 1 106 ? -0.724  -0.228  1.174   1.00 11.36 ? 144 PHE A CB  1 
ATOM   794  C  CG  . PHE A 1 106 ? -0.920  -1.617  0.594   1.00 12.52 ? 144 PHE A CG  1 
ATOM   795  C  CD1 . PHE A 1 106 ? -0.026  -2.645  0.870   1.00 11.74 ? 144 PHE A CD1 1 
ATOM   796  C  CD2 . PHE A 1 106 ? -2.006  -1.879  -0.235  1.00 12.51 ? 144 PHE A CD2 1 
ATOM   797  C  CE1 . PHE A 1 106 ? -0.199  -3.925  0.325   1.00 12.13 ? 144 PHE A CE1 1 
ATOM   798  C  CE2 . PHE A 1 106 ? -2.195  -3.143  -0.792  1.00 10.57 ? 144 PHE A CE2 1 
ATOM   799  C  CZ  . PHE A 1 106 ? -1.297  -4.184  -0.502  1.00 10.13 ? 144 PHE A CZ  1 
ATOM   800  N  N   . SER A 1 107 ? 0.154   2.750   1.657   1.00 10.05 ? 145 SER A N   1 
ATOM   801  C  CA  . SER A 1 107 ? -0.239  4.135   1.930   1.00 10.22 ? 145 SER A CA  1 
ATOM   802  C  C   . SER A 1 107 ? 0.332   5.093   0.890   1.00 11.23 ? 145 SER A C   1 
ATOM   803  O  O   . SER A 1 107 ? -0.328  6.064   0.499   1.00 11.52 ? 145 SER A O   1 
ATOM   804  C  CB  . SER A 1 107 ? 0.202   4.556   3.334   1.00 13.38 ? 145 SER A CB  1 
ATOM   805  O  OG  . SER A 1 107 ? -0.568  3.902   4.329   1.00 18.74 ? 145 SER A OG  1 
ATOM   806  N  N   . PHE A 1 108 ? 1.565   4.847   0.453   1.00 10.19 ? 146 PHE A N   1 
ATOM   807  C  CA  . PHE A 1 108 ? 2.178   5.650   -0.601  1.00 10.75 ? 146 PHE A CA  1 
ATOM   808  C  C   . PHE A 1 108 ? 1.361   5.574   -1.885  1.00 12.61 ? 146 PHE A C   1 
ATOM   809  O  O   . PHE A 1 108 ? 1.038   6.601   -2.489  1.00 12.97 ? 146 PHE A O   1 
ATOM   810  C  CB  . PHE A 1 108 ? 3.622   5.161   -0.816  1.00 11.32 ? 146 PHE A CB  1 
ATOM   811  C  CG  . PHE A 1 108 ? 4.353   5.812   -1.961  1.00 13.47 ? 146 PHE A CG  1 
ATOM   812  C  CD1 . PHE A 1 108 ? 4.453   7.187   -2.062  1.00 14.57 ? 146 PHE A CD1 1 
ATOM   813  C  CD2 . PHE A 1 108 ? 5.015   5.023   -2.897  1.00 13.15 ? 146 PHE A CD2 1 
ATOM   814  C  CE1 . PHE A 1 108 ? 5.162   7.770   -3.124  1.00 13.93 ? 146 PHE A CE1 1 
ATOM   815  C  CE2 . PHE A 1 108 ? 5.721   5.598   -3.946  1.00 14.60 ? 146 PHE A CE2 1 
ATOM   816  C  CZ  . PHE A 1 108 ? 5.793   6.977   -4.052  1.00 15.51 ? 146 PHE A CZ  1 
ATOM   817  N  N   . GLY A 1 109 ? 1.022   4.355   -2.323  1.00 12.80 ? 147 GLY A N   1 
ATOM   818  C  CA  . GLY A 1 109 ? 0.187   4.219   -3.504  1.00 13.14 ? 147 GLY A CA  1 
ATOM   819  C  C   . GLY A 1 109 ? -1.147  4.924   -3.343  1.00 12.70 ? 147 GLY A C   1 
ATOM   820  O  O   . GLY A 1 109 ? -1.626  5.591   -4.266  1.00 13.24 ? 147 GLY A O   1 
ATOM   821  N  N   . GLY A 1 110 ? -1.767  4.781   -2.171  1.00 10.93 ? 148 GLY A N   1 
ATOM   822  C  CA  . GLY A 1 110 ? -3.044  5.442   -1.945  1.00 12.16 ? 148 GLY A CA  1 
ATOM   823  C  C   . GLY A 1 110 ? -2.925  6.947   -2.050  1.00 15.70 ? 148 GLY A C   1 
ATOM   824  O  O   . GLY A 1 110 ? -3.786  7.609   -2.635  1.00 13.71 ? 148 GLY A O   1 
ATOM   825  N  N   . ALA A 1 111 ? -1.838  7.502   -1.509  1.00 12.66 ? 149 ALA A N   1 
ATOM   826  C  CA  . ALA A 1 111 ? -1.623  8.945   -1.551  1.00 15.11 ? 149 ALA A CA  1 
ATOM   827  C  C   . ALA A 1 111 ? -1.440  9.432   -2.980  1.00 14.61 ? 149 ALA A C   1 
ATOM   828  O  O   . ALA A 1 111 ? -1.954  10.497  -3.352  1.00 15.56 ? 149 ALA A O   1 
ATOM   829  C  CB  . ALA A 1 111 ? -0.400  9.309   -0.710  1.00 15.96 ? 149 ALA A CB  1 
ATOM   830  N  N   . LEU A 1 112 ? -0.687  8.676   -3.787  1.00 13.03 ? 150 LEU A N   1 
ATOM   831  C  CA  . LEU A 1 112 ? -0.500  9.026   -5.190  1.00 12.67 ? 150 LEU A CA  1 
ATOM   832  C  C   . LEU A 1 112 ? -1.819  9.014   -5.943  1.00 13.68 ? 150 LEU A C   1 
ATOM   833  O  O   . LEU A 1 112 ? -2.064  9.891   -6.776  1.00 15.13 ? 150 LEU A O   1 
ATOM   834  C  CB  . LEU A 1 112 ? 0.478   8.057   -5.860  1.00 13.04 ? 150 LEU A CB  1 
ATOM   835  C  CG  . LEU A 1 112 ? 1.927   8.050   -5.375  1.00 15.45 ? 150 LEU A CG  1 
ATOM   836  C  CD1 . LEU A 1 112 ? 2.682   6.899   -6.018  1.00 17.80 ? 150 LEU A CD1 1 
ATOM   837  C  CD2 . LEU A 1 112 ? 2.599   9.370   -5.676  1.00 19.41 ? 150 LEU A CD2 1 
ATOM   838  N  N   . CYS A 1 113 ? -2.676  8.018   -5.674  1.00 12.91 ? 151 CYS A N   1 
ATOM   839  C  CA  . CYS A 1 113 ? -3.970  7.935   -6.353  1.00 13.30 ? 151 CYS A CA  1 
ATOM   840  C  C   . CYS A 1 113 ? -4.861  9.125   -6.025  1.00 14.08 ? 151 CYS A C   1 
ATOM   841  O  O   . CYS A 1 113 ? -5.451  9.737   -6.925  1.00 14.16 ? 151 CYS A O   1 
ATOM   842  C  CB  . CYS A 1 113 ? -4.687  6.649   -5.972  1.00 11.69 ? 151 CYS A CB  1 
ATOM   843  S  SG  . CYS A 1 113 ? -3.991  5.195   -6.813  1.00 14.50 ? 151 CYS A SG  1 
ATOM   844  N  N   . VAL A 1 114 ? -5.009  9.429   -4.731  1.00 13.03 ? 152 VAL A N   1 
ATOM   845  C  CA  . VAL A 1 114 ? -5.849  10.552  -4.321  1.00 14.97 ? 152 VAL A CA  1 
ATOM   846  C  C   . VAL A 1 114 ? -5.351  11.833  -4.964  1.00 19.10 ? 152 VAL A C   1 
ATOM   847  O  O   . VAL A 1 114 ? -6.127  12.609  -5.532  1.00 18.07 ? 152 VAL A O   1 
ATOM   848  C  CB  . VAL A 1 114 ? -5.879  10.677  -2.788  1.00 13.40 ? 152 VAL A CB  1 
ATOM   849  C  CG1 . VAL A 1 114 ? -6.439  12.031  -2.380  1.00 15.51 ? 152 VAL A CG1 1 
ATOM   850  C  CG2 . VAL A 1 114 ? -6.702  9.551   -2.176  1.00 13.77 ? 152 VAL A CG2 1 
ATOM   851  N  N   . GLU A 1 115 ? -4.036  12.054  -4.898  1.00 14.18 ? 153 GLU A N   1 
ATOM   852  C  CA  . GLU A 1 115 ? -3.441  13.251  -5.480  1.00 20.18 ? 153 GLU A CA  1 
ATOM   853  C  C   . GLU A 1 115 ? -3.680  13.311  -6.981  1.00 21.75 ? 153 GLU A C   1 
ATOM   854  O  O   . GLU A 1 115 ? -3.933  14.390  -7.533  1.00 20.49 ? 153 GLU A O   1 
ATOM   855  C  CB  . GLU A 1 115 ? -1.945  13.281  -5.163  1.00 22.61 ? 153 GLU A CB  1 
ATOM   856  C  CG  . GLU A 1 115 ? -1.206  14.479  -5.724  1.00 29.67 ? 153 GLU A CG  1 
ATOM   857  C  CD  . GLU A 1 115 ? -1.495  15.783  -4.980  1.00 36.26 ? 153 GLU A CD  1 
ATOM   858  O  OE1 . GLU A 1 115 ? -0.782  16.773  -5.254  1.00 39.77 ? 153 GLU A OE1 1 
ATOM   859  O  OE2 . GLU A 1 115 ? -2.411  15.831  -4.121  1.00 38.74 ? 153 GLU A OE2 1 
ATOM   860  N  N   . SER A 1 116 ? -3.622  12.155  -7.657  1.00 18.44 ? 154 SER A N   1 
ATOM   861  C  CA  . SER A 1 116 ? -3.823  12.118  -9.102  1.00 16.61 ? 154 SER A CA  1 
ATOM   862  C  C   . SER A 1 116 ? -5.229  12.557  -9.492  1.00 21.11 ? 154 SER A C   1 
ATOM   863  O  O   . SER A 1 116 ? -5.415  13.223  -10.517 1.00 23.56 ? 154 SER A O   1 
ATOM   864  C  CB  . SER A 1 116 ? -3.541  10.714  -9.634  1.00 17.61 ? 154 SER A CB  1 
ATOM   865  O  OG  . SER A 1 116 ? -2.183  10.391  -9.423  1.00 24.12 ? 154 SER A OG  1 
ATOM   866  N  N   . VAL A 1 117 ? -6.238  12.179  -8.702  1.00 18.36 ? 155 VAL A N   1 
ATOM   867  C  CA  . VAL A 1 117 ? -7.596  12.617  -9.011  1.00 17.07 ? 155 VAL A CA  1 
ATOM   868  C  C   . VAL A 1 117 ? -7.739  14.111  -8.763  1.00 20.52 ? 155 VAL A C   1 
ATOM   869  O  O   . VAL A 1 117 ? -8.366  14.826  -9.553  1.00 21.34 ? 155 VAL A O   1 
ATOM   870  C  CB  . VAL A 1 117 ? -8.634  11.821  -8.206  1.00 18.29 ? 155 VAL A CB  1 
ATOM   871  C  CG1 . VAL A 1 117 ? -10.036 12.277  -8.593  1.00 17.19 ? 155 VAL A CG1 1 
ATOM   872  C  CG2 . VAL A 1 117 ? -8.483  10.331  -8.477  1.00 18.88 ? 155 VAL A CG2 1 
ATOM   873  N  N   . ASP A 1 118 ? -7.170  14.598  -7.658  1.00 18.78 ? 156 ASP A N   1 
ATOM   874  C  CA  . ASP A 1 118 ? -7.221  16.023  -7.337  1.00 22.39 ? 156 ASP A CA  1 
ATOM   875  C  C   . ASP A 1 118 ? -6.600  16.877  -8.434  1.00 22.96 ? 156 ASP A C   1 
ATOM   876  O  O   . ASP A 1 118 ? -7.061  17.995  -8.685  1.00 26.67 ? 156 ASP A O   1 
ATOM   877  C  CB  . ASP A 1 118 ? -6.496  16.288  -6.017  1.00 24.89 ? 156 ASP A CB  1 
ATOM   878  C  CG  . ASP A 1 118 ? -7.277  15.818  -4.812  1.00 27.67 ? 156 ASP A CG  1 
ATOM   879  O  OD1 . ASP A 1 118 ? -8.507  15.628  -4.931  1.00 31.96 ? 156 ASP A OD1 1 
ATOM   880  O  OD2 . ASP A 1 118 ? -6.662  15.654  -3.740  1.00 29.65 ? 156 ASP A OD2 1 
ATOM   881  N  N   . LYS A 1 119 ? -5.549  16.382  -9.088  1.00 22.24 ? 157 LYS A N   1 
ATOM   882  C  CA  . LYS A 1 119 ? -4.791  17.168  -10.053 1.00 23.41 ? 157 LYS A CA  1 
ATOM   883  C  C   . LYS A 1 119 ? -5.153  16.853  -11.498 1.00 21.91 ? 157 LYS A C   1 
ATOM   884  O  O   . LYS A 1 119 ? -4.349  17.123  -12.401 1.00 23.75 ? 157 LYS A O   1 
ATOM   885  C  CB  . LYS A 1 119 ? -3.296  16.963  -9.832  1.00 23.16 ? 157 LYS A CB  1 
ATOM   886  C  CG  . LYS A 1 119 ? -2.831  17.488  -8.493  1.00 24.27 ? 157 LYS A CG  1 
ATOM   887  C  CD  . LYS A 1 119 ? -1.336  17.342  -8.361  1.00 33.88 ? 157 LYS A CD  1 
ATOM   888  C  CE  . LYS A 1 119 ? -0.718  18.612  -7.806  1.00 41.35 ? 157 LYS A CE  1 
ATOM   889  N  NZ  . LYS A 1 119 ? 0.762   18.510  -7.707  1.00 52.43 ? 157 LYS A NZ  1 
ATOM   890  N  N   . GLU A 1 120 ? -6.325  16.265  -11.739 1.00 21.15 ? 158 GLU A N   1 
ATOM   891  C  CA  . GLU A 1 120 ? -6.821  16.032  -13.093 1.00 23.49 ? 158 GLU A CA  1 
ATOM   892  C  C   . GLU A 1 120 ? -5.931  15.067  -13.867 1.00 26.83 ? 158 GLU A C   1 
ATOM   893  O  O   . GLU A 1 120 ? -5.841  15.141  -15.092 1.00 27.20 ? 158 GLU A O   1 
ATOM   894  C  CB  . GLU A 1 120 ? -6.968  17.348  -13.868 1.00 28.34 ? 158 GLU A CB  1 
ATOM   895  C  CG  . GLU A 1 120 ? -7.924  18.302  -13.231 1.00 31.99 ? 158 GLU A CG  1 
ATOM   896  C  CD  . GLU A 1 120 ? -9.284  17.686  -13.082 1.00 31.30 ? 158 GLU A CD  1 
ATOM   897  O  OE1 . GLU A 1 120 ? -9.793  17.652  -11.940 1.00 34.24 ? 158 GLU A OE1 1 
ATOM   898  O  OE2 . GLU A 1 120 ? -9.836  17.221  -14.108 1.00 31.03 ? 158 GLU A OE2 1 
ATOM   899  N  N   . MET A 1 121 ? -5.254  14.171  -13.154 1.00 18.74 ? 159 MET A N   1 
ATOM   900  C  CA  . MET A 1 121 ? -4.448  13.114  -13.753 1.00 19.19 ? 159 MET A CA  1 
ATOM   901  C  C   . MET A 1 121 ? -5.022  11.751  -13.396 1.00 18.95 ? 159 MET A C   1 
ATOM   902  O  O   . MET A 1 121 ? -4.274  10.806  -13.136 1.00 19.44 ? 159 MET A O   1 
ATOM   903  C  CB  . MET A 1 121 ? -2.991  13.183  -13.295 1.00 21.13 ? 159 MET A CB  1 
ATOM   904  C  CG  . MET A 1 121 ? -2.267  14.484  -13.506 1.00 28.59 ? 159 MET A CG  1 
ATOM   905  S  SD  . MET A 1 121 ? -0.728  14.499  -12.557 1.00 28.36 ? 159 MET A SD  1 
ATOM   906  C  CE  . MET A 1 121 ? -0.348  16.241  -12.643 1.00 23.40 ? 159 MET A CE  1 
ATOM   907  N  N   . GLN A 1 122 ? -6.355  11.639  -13.361 1.00 15.77 ? 160 GLN A N   1 
ATOM   908  C  CA  . GLN A 1 122 ? -6.973  10.434  -12.821 1.00 20.24 ? 160 GLN A CA  1 
ATOM   909  C  C   . GLN A 1 122 ? -6.692  9.178   -13.645 1.00 18.24 ? 160 GLN A C   1 
ATOM   910  O  O   . GLN A 1 122 ? -6.930  8.077   -13.138 1.00 16.40 ? 160 GLN A O   1 
ATOM   911  C  CB  . GLN A 1 122 ? -8.489  10.636  -12.650 1.00 17.85 ? 160 GLN A CB  1 
ATOM   912  C  CG  . GLN A 1 122 ? -9.300  10.734  -13.925 1.00 21.63 ? 160 GLN A CG  1 
ATOM   913  C  CD  . GLN A 1 122 ? -9.131  12.059  -14.662 1.00 26.60 ? 160 GLN A CD  1 
ATOM   914  O  OE1 . GLN A 1 122 ? -8.699  13.072  -14.088 1.00 26.21 ? 160 GLN A OE1 1 
ATOM   915  N  NE2 . GLN A 1 122 ? -9.460  12.051  -15.950 1.00 29.38 ? 160 GLN A NE2 1 
ATOM   916  N  N   . VAL A 1 123 ? -6.168  9.299   -14.874 1.00 16.04 ? 161 VAL A N   1 
ATOM   917  C  CA  . VAL A 1 123 ? -5.715  8.114   -15.611 1.00 19.41 ? 161 VAL A CA  1 
ATOM   918  C  C   . VAL A 1 123 ? -4.675  7.338   -14.805 1.00 16.45 ? 161 VAL A C   1 
ATOM   919  O  O   . VAL A 1 123 ? -4.525  6.115   -14.968 1.00 16.81 ? 161 VAL A O   1 
ATOM   920  C  CB  . VAL A 1 123 ? -5.165  8.518   -16.998 1.00 18.21 ? 161 VAL A CB  1 
ATOM   921  C  CG1 . VAL A 1 123 ? -3.872  9.306   -16.856 1.00 19.88 ? 161 VAL A CG1 1 
ATOM   922  C  CG2 . VAL A 1 123 ? -4.953  7.295   -17.883 1.00 25.50 ? 161 VAL A CG2 1 
ATOM   923  N  N   . LEU A 1 124 ? -3.955  8.020   -13.912 1.00 13.80 ? 162 LEU A N   1 
ATOM   924  C  CA  . LEU A 1 124 ? -2.930  7.365   -13.108 1.00 12.88 ? 162 LEU A CA  1 
ATOM   925  C  C   . LEU A 1 124 ? -3.496  6.415   -12.063 1.00 13.97 ? 162 LEU A C   1 
ATOM   926  O  O   . LEU A 1 124 ? -2.745  5.576   -11.564 1.00 13.64 ? 162 LEU A O   1 
ATOM   927  C  CB  . LEU A 1 124 ? -2.057  8.401   -12.399 1.00 15.60 ? 162 LEU A CB  1 
ATOM   928  C  CG  . LEU A 1 124 ? -1.012  9.119   -13.238 1.00 16.32 ? 162 LEU A CG  1 
ATOM   929  C  CD1 . LEU A 1 124 ? -0.382  10.242  -12.432 1.00 16.83 ? 162 LEU A CD1 1 
ATOM   930  C  CD2 . LEU A 1 124 ? 0.056   8.114   -13.675 1.00 17.60 ? 162 LEU A CD2 1 
ATOM   931  N  N   . VAL A 1 125 ? -4.780  6.523   -11.706 1.00 14.15 ? 163 VAL A N   1 
ATOM   932  C  CA  . VAL A 1 125 ? -5.300  5.687   -10.621 1.00 12.58 ? 163 VAL A CA  1 
ATOM   933  C  C   . VAL A 1 125 ? -5.175  4.212   -10.982 1.00 13.57 ? 163 VAL A C   1 
ATOM   934  O  O   . VAL A 1 125 ? -4.610  3.409   -10.220 1.00 12.05 ? 163 VAL A O   1 
ATOM   935  C  CB  . VAL A 1 125 ? -6.753  6.067   -10.291 1.00 14.41 ? 163 VAL A CB  1 
ATOM   936  C  CG1 . VAL A 1 125 ? -7.374  5.032   -9.341  1.00 15.53 ? 163 VAL A CG1 1 
ATOM   937  C  CG2 . VAL A 1 125 ? -6.791  7.462   -9.675  1.00 13.03 ? 163 VAL A CG2 1 
ATOM   938  N  N   . SER A 1 126 ? -5.682  3.832   -12.157 1.00 12.62 ? 164 SER A N   1 
ATOM   939  C  CA  . SER A 1 126 ? -5.569  2.433   -12.552 1.00 13.50 ? 164 SER A CA  1 
ATOM   940  C  C   . SER A 1 126 ? -4.123  2.036   -12.811 1.00 12.91 ? 164 SER A C   1 
ATOM   941  O  O   . SER A 1 126 ? -3.772  0.872   -12.610 1.00 12.79 ? 164 SER A O   1 
ATOM   942  C  CB  . SER A 1 126 ? -6.437  2.141   -13.785 1.00 16.39 ? 164 SER A CB  1 
ATOM   943  O  OG  . SER A 1 126 ? -5.898  2.718   -14.964 1.00 22.74 ? 164 SER A OG  1 
ATOM   944  N  N   . ARG A 1 127 ? -3.264  2.980   -13.217 1.00 13.60 ? 165 ARG A N   1 
ATOM   945  C  CA  . ARG A 1 127 ? -1.876  2.618   -13.491 1.00 11.72 ? 165 ARG A CA  1 
ATOM   946  C  C   . ARG A 1 127 ? -1.082  2.419   -12.203 1.00 12.38 ? 165 ARG A C   1 
ATOM   947  O  O   . ARG A 1 127 ? -0.298  1.468   -12.111 1.00 12.44 ? 165 ARG A O   1 
ATOM   948  C  CB  . ARG A 1 127 ? -1.210  3.666   -14.392 1.00 15.41 ? 165 ARG A CB  1 
ATOM   949  C  CG  . ARG A 1 127 ? -1.858  3.800   -15.779 1.00 13.50 ? 165 ARG A CG  1 
ATOM   950  C  CD  . ARG A 1 127 ? -2.128  2.423   -16.413 1.00 17.17 ? 165 ARG A CD  1 
ATOM   951  N  NE  . ARG A 1 127 ? -0.910  1.627   -16.530 1.00 17.24 ? 165 ARG A NE  1 
ATOM   952  C  CZ  . ARG A 1 127 ? -0.874  0.293   -16.481 1.00 19.72 ? 165 ARG A CZ  1 
ATOM   953  N  NH1 . ARG A 1 127 ? -1.995  -0.419  -16.318 1.00 19.47 ? 165 ARG A NH1 1 
ATOM   954  N  NH2 . ARG A 1 127 ? 0.289   -0.334  -16.597 1.00 21.87 ? 165 ARG A NH2 1 
ATOM   955  N  N   . ILE A 1 128 ? -1.278  3.290   -11.201 1.00 11.53 ? 166 ILE A N   1 
ATOM   956  C  CA  . ILE A 1 128 ? -0.654  3.076   -9.894  1.00 10.87 ? 166 ILE A CA  1 
ATOM   957  C  C   . ILE A 1 128 ? -1.094  1.740   -9.318  1.00 11.13 ? 166 ILE A C   1 
ATOM   958  O  O   . ILE A 1 128 ? -0.279  0.974   -8.785  1.00 10.67 ? 166 ILE A O   1 
ATOM   959  C  CB  . ILE A 1 128 ? -0.985  4.241   -8.938  1.00 13.02 ? 166 ILE A CB  1 
ATOM   960  C  CG1 . ILE A 1 128 ? -0.376  5.539   -9.469  1.00 12.96 ? 166 ILE A CG1 1 
ATOM   961  C  CG2 . ILE A 1 128 ? -0.484  3.938   -7.513  1.00 12.46 ? 166 ILE A CG2 1 
ATOM   962  C  CD1 . ILE A 1 128 ? -1.093  6.792   -8.964  1.00 12.42 ? 166 ILE A CD1 1 
ATOM   963  N  N   . ALA A 1 129 ? -2.385  1.425   -9.442  1.00 9.64  ? 167 ALA A N   1 
ATOM   964  C  CA  . ALA A 1 129 ? -2.882  0.152   -8.934  1.00 11.80 ? 167 ALA A CA  1 
ATOM   965  C  C   . ALA A 1 129 ? -2.186  -1.017  -9.617  1.00 12.73 ? 167 ALA A C   1 
ATOM   966  O  O   . ALA A 1 129 ? -1.795  -1.991  -8.959  1.00 10.56 ? 167 ALA A O   1 
ATOM   967  C  CB  . ALA A 1 129 ? -4.395  0.057   -9.126  1.00 13.33 ? 167 ALA A CB  1 
ATOM   968  N  N   . SER A 1 130 ? -2.012  -0.922  -10.937 1.00 9.34  ? 168 SER A N   1 
ATOM   969  C  CA  . SER A 1 130 ? -1.276  -1.938  -11.685 1.00 10.94 ? 168 SER A CA  1 
ATOM   970  C  C   . SER A 1 130 ? 0.147   -2.086  -11.168 1.00 11.64 ? 168 SER A C   1 
ATOM   971  O  O   . SER A 1 130 ? 0.614   -3.205  -10.915 1.00 10.97 ? 168 SER A O   1 
ATOM   972  C  CB  . SER A 1 130 ? -1.263  -1.581  -13.172 1.00 12.31 ? 168 SER A CB  1 
ATOM   973  O  OG  . SER A 1 130 ? -0.441  -2.486  -13.905 1.00 14.37 ? 168 SER A OG  1 
ATOM   974  N  N   . TRP A 1 131 ? 0.867   -0.962  -11.031 1.00 9.29  ? 169 TRP A N   1 
ATOM   975  C  CA  . TRP A 1 131 ? 2.252   -1.015  -10.579 1.00 10.97 ? 169 TRP A CA  1 
ATOM   976  C  C   . TRP A 1 131 ? 2.346   -1.642  -9.194  1.00 11.89 ? 169 TRP A C   1 
ATOM   977  O  O   . TRP A 1 131 ? 3.269   -2.416  -8.908  1.00 11.87 ? 169 TRP A O   1 
ATOM   978  C  CB  . TRP A 1 131 ? 2.859   0.390   -10.568 1.00 10.56 ? 169 TRP A CB  1 
ATOM   979  C  CG  . TRP A 1 131 ? 2.763   1.095   -11.884 1.00 12.38 ? 169 TRP A CG  1 
ATOM   980  C  CD1 . TRP A 1 131 ? 2.646   0.525   -13.126 1.00 12.36 ? 169 TRP A CD1 1 
ATOM   981  C  CD2 . TRP A 1 131 ? 2.749   2.515   -12.089 1.00 12.59 ? 169 TRP A CD2 1 
ATOM   982  N  NE1 . TRP A 1 131 ? 2.567   1.511   -14.092 1.00 12.33 ? 169 TRP A NE1 1 
ATOM   983  C  CE2 . TRP A 1 131 ? 2.615   2.739   -13.477 1.00 13.07 ? 169 TRP A CE2 1 
ATOM   984  C  CE3 . TRP A 1 131 ? 2.827   3.614   -11.230 1.00 13.02 ? 169 TRP A CE3 1 
ATOM   985  C  CZ2 . TRP A 1 131 ? 2.578   4.024   -14.025 1.00 13.51 ? 169 TRP A CZ2 1 
ATOM   986  C  CZ3 . TRP A 1 131 ? 2.781   4.893   -11.776 1.00 13.95 ? 169 TRP A CZ3 1 
ATOM   987  C  CH2 . TRP A 1 131 ? 2.664   5.088   -13.153 1.00 13.08 ? 169 TRP A CH2 1 
ATOM   988  N  N   . MET A 1 132 ? 1.389   -1.325  -8.321  1.00 9.30  ? 170 MET A N   1 
ATOM   989  C  CA  . MET A 1 132 ? 1.397   -1.902  -6.982  1.00 8.75  ? 170 MET A CA  1 
ATOM   990  C  C   . MET A 1 132 ? 1.193   -3.411  -7.029  1.00 11.63 ? 170 MET A C   1 
ATOM   991  O  O   . MET A 1 132 ? 1.927   -4.171  -6.381  1.00 11.87 ? 170 MET A O   1 
ATOM   992  C  CB  . MET A 1 132 ? 0.306   -1.254  -6.130  1.00 10.74 ? 170 MET A CB  1 
ATOM   993  C  CG  . MET A 1 132 ? 0.551   0.226   -5.809  1.00 8.98  ? 170 MET A CG  1 
ATOM   994  S  SD  . MET A 1 132 ? -0.857  0.958   -4.983  1.00 11.40 ? 170 MET A SD  1 
ATOM   995  C  CE  . MET A 1 132 ? -0.736  0.166   -3.391  1.00 11.29 ? 170 MET A CE  1 
ATOM   996  N  N   . ALA A 1 133 ? 0.190   -3.871  -7.781  1.00 10.17 ? 171 ALA A N   1 
ATOM   997  C  CA  . ALA A 1 133 ? -0.059  -5.314  -7.843  1.00 9.14  ? 171 ALA A CA  1 
ATOM   998  C  C   . ALA A 1 133 ? 1.118   -6.051  -8.468  1.00 11.10 ? 171 ALA A C   1 
ATOM   999  O  O   . ALA A 1 133 ? 1.495   -7.135  -8.009  1.00 10.47 ? 171 ALA A O   1 
ATOM   1000 C  CB  . ALA A 1 133 ? -1.333  -5.610  -8.632  1.00 10.50 ? 171 ALA A CB  1 
ATOM   1001 N  N   . THR A 1 134 ? 1.727   -5.460  -9.500  1.00 10.35 ? 172 THR A N   1 
ATOM   1002 C  CA  . THR A 1 134 ? 2.881   -6.096  -10.129 1.00 8.93  ? 172 THR A CA  1 
ATOM   1003 C  C   . THR A 1 134 ? 4.047   -6.187  -9.152  1.00 10.27 ? 172 THR A C   1 
ATOM   1004 O  O   . THR A 1 134 ? 4.697   -7.237  -9.044  1.00 11.26 ? 172 THR A O   1 
ATOM   1005 C  CB  . THR A 1 134 ? 3.269   -5.312  -11.383 1.00 10.77 ? 172 THR A CB  1 
ATOM   1006 O  OG1 . THR A 1 134 ? 2.176   -5.353  -12.312 1.00 10.71 ? 172 THR A OG1 1 
ATOM   1007 C  CG2 . THR A 1 134 ? 4.566   -5.869  -12.008 1.00 11.25 ? 172 THR A CG2 1 
ATOM   1008 N  N   . TYR A 1 135 ? 4.306   -5.108  -8.408  1.00 10.14 ? 173 TYR A N   1 
ATOM   1009 C  CA  . TYR A 1 135 ? 5.392   -5.139  -7.433  1.00 11.50 ? 173 TYR A CA  1 
ATOM   1010 C  C   . TYR A 1 135 ? 5.120   -6.177  -6.348  1.00 13.08 ? 173 TYR A C   1 
ATOM   1011 O  O   . TYR A 1 135 ? 6.024   -6.931  -5.947  1.00 11.23 ? 173 TYR A O   1 
ATOM   1012 C  CB  . TYR A 1 135 ? 5.605   -3.747  -6.822  1.00 10.53 ? 173 TYR A CB  1 
ATOM   1013 C  CG  . TYR A 1 135 ? 6.905   -3.694  -6.051  1.00 11.33 ? 173 TYR A CG  1 
ATOM   1014 C  CD1 . TYR A 1 135 ? 8.105   -3.421  -6.708  1.00 18.95 ? 173 TYR A CD1 1 
ATOM   1015 C  CD2 . TYR A 1 135 ? 6.950   -3.989  -4.691  1.00 13.71 ? 173 TYR A CD2 1 
ATOM   1016 C  CE1 . TYR A 1 135 ? 9.316   -3.417  -6.015  1.00 18.30 ? 173 TYR A CE1 1 
ATOM   1017 C  CE2 . TYR A 1 135 ? 8.154   -3.991  -3.991  1.00 16.39 ? 173 TYR A CE2 1 
ATOM   1018 C  CZ  . TYR A 1 135 ? 9.330   -3.703  -4.661  1.00 20.74 ? 173 TYR A CZ  1 
ATOM   1019 O  OH  . TYR A 1 135 ? 10.532  -3.701  -3.989  1.00 20.68 ? 173 TYR A OH  1 
ATOM   1020 N  N   . LEU A 1 136 ? 3.880   -6.224  -5.848  1.00 10.87 ? 174 LEU A N   1 
ATOM   1021 C  CA  . LEU A 1 136 ? 3.513   -7.248  -4.877  1.00 10.48 ? 174 LEU A CA  1 
ATOM   1022 C  C   . LEU A 1 136 ? 3.753   -8.649  -5.438  1.00 11.51 ? 174 LEU A C   1 
ATOM   1023 O  O   . LEU A 1 136 ? 4.385   -9.489  -4.794  1.00 11.06 ? 174 LEU A O   1 
ATOM   1024 C  CB  . LEU A 1 136 ? 2.048   -7.083  -4.472  1.00 11.42 ? 174 LEU A CB  1 
ATOM   1025 C  CG  . LEU A 1 136 ? 1.801   -6.024  -3.395  1.00 11.28 ? 174 LEU A CG  1 
ATOM   1026 C  CD1 . LEU A 1 136 ? 0.360   -5.500  -3.457  1.00 9.96  ? 174 LEU A CD1 1 
ATOM   1027 C  CD2 . LEU A 1 136 ? 2.068   -6.644  -2.025  1.00 13.60 ? 174 LEU A CD2 1 
ATOM   1028 N  N   . ASN A 1 137 ? 3.264   -8.913  -6.647  1.00 10.77 ? 175 ASN A N   1 
ATOM   1029 C  CA  . ASN A 1 137 ? 3.312   -10.275 -7.180  1.00 11.67 ? 175 ASN A CA  1 
ATOM   1030 C  C   . ASN A 1 137 ? 4.720   -10.702 -7.557  1.00 12.04 ? 175 ASN A C   1 
ATOM   1031 O  O   . ASN A 1 137 ? 5.037   -11.899 -7.506  1.00 15.37 ? 175 ASN A O   1 
ATOM   1032 C  CB  . ASN A 1 137 ? 2.367   -10.392 -8.377  1.00 11.35 ? 175 ASN A CB  1 
ATOM   1033 C  CG  . ASN A 1 137 ? 0.926   -10.480 -7.946  1.00 10.28 ? 175 ASN A CG  1 
ATOM   1034 O  OD1 . ASN A 1 137 ? 0.627   -11.122 -6.940  1.00 12.20 ? 175 ASN A OD1 1 
ATOM   1035 N  ND2 . ASN A 1 137 ? 0.029   -9.824  -8.672  1.00 10.68 ? 175 ASN A ND2 1 
ATOM   1036 N  N   . ASP A 1 138 ? 5.585   -9.752  -7.925  1.00 13.84 ? 176 ASP A N   1 
ATOM   1037 C  CA  . ASP A 1 138 ? 6.935   -10.082 -8.373  1.00 12.34 ? 176 ASP A CA  1 
ATOM   1038 C  C   . ASP A 1 138 ? 7.957   -10.033 -7.252  1.00 15.52 ? 176 ASP A C   1 
ATOM   1039 O  O   . ASP A 1 138 ? 8.839   -10.898 -7.172  1.00 18.88 ? 176 ASP A O   1 
ATOM   1040 C  CB  . ASP A 1 138 ? 7.398   -9.101  -9.451  1.00 12.43 ? 176 ASP A CB  1 
ATOM   1041 C  CG  . ASP A 1 138 ? 6.724   -9.309  -10.767 1.00 16.82 ? 176 ASP A CG  1 
ATOM   1042 O  OD1 . ASP A 1 138 ? 6.087   -10.365 -10.955 1.00 26.37 ? 176 ASP A OD1 1 
ATOM   1043 O  OD2 . ASP A 1 138 ? 6.857   -8.408  -11.628 1.00 16.87 ? 176 ASP A OD2 1 
ATOM   1044 N  N   . HIS A 1 139 ? 7.892   -8.999  -6.417  1.00 13.34 ? 177 HIS A N   1 
ATOM   1045 C  CA  . HIS A 1 139 ? 8.991   -8.655  -5.533  1.00 12.16 ? 177 HIS A CA  1 
ATOM   1046 C  C   . HIS A 1 139 ? 8.675   -8.807  -4.059  1.00 15.31 ? 177 HIS A C   1 
ATOM   1047 O  O   . HIS A 1 139 ? 9.594   -9.059  -3.273  1.00 21.81 ? 177 HIS A O   1 
ATOM   1048 C  CB  . HIS A 1 139 ? 9.458   -7.218  -5.814  1.00 13.47 ? 177 HIS A CB  1 
ATOM   1049 C  CG  . HIS A 1 139 ? 10.039  -7.065  -7.181  1.00 17.90 ? 177 HIS A CG  1 
ATOM   1050 N  ND1 . HIS A 1 139 ? 11.064  -7.872  -7.635  1.00 20.73 ? 177 HIS A ND1 1 
ATOM   1051 C  CD2 . HIS A 1 139 ? 9.712   -6.254  -8.211  1.00 19.77 ? 177 HIS A CD2 1 
ATOM   1052 C  CE1 . HIS A 1 139 ? 11.358  -7.543  -8.881  1.00 20.82 ? 177 HIS A CE1 1 
ATOM   1053 N  NE2 . HIS A 1 139 ? 10.555  -6.563  -9.254  1.00 21.39 ? 177 HIS A NE2 1 
ATOM   1054 N  N   . LEU A 1 140 ? 7.416   -8.656  -3.650  1.00 12.16 ? 178 LEU A N   1 
ATOM   1055 C  CA  . LEU A 1 140 ? 7.090   -8.852  -2.242  1.00 11.18 ? 178 LEU A CA  1 
ATOM   1056 C  C   . LEU A 1 140 ? 6.567   -10.247 -1.929  1.00 15.01 ? 178 LEU A C   1 
ATOM   1057 O  O   . LEU A 1 140 ? 6.701   -10.704 -0.786  1.00 14.82 ? 178 LEU A O   1 
ATOM   1058 C  CB  . LEU A 1 140 ? 6.058   -7.812  -1.790  1.00 10.88 ? 178 LEU A CB  1 
ATOM   1059 C  CG  . LEU A 1 140 ? 6.574   -6.371  -1.870  1.00 13.51 ? 178 LEU A CG  1 
ATOM   1060 C  CD1 . LEU A 1 140 ? 5.467   -5.399  -1.556  1.00 12.89 ? 178 LEU A CD1 1 
ATOM   1061 C  CD2 . LEU A 1 140 ? 7.750   -6.170  -0.914  1.00 13.12 ? 178 LEU A CD2 1 
ATOM   1062 N  N   . GLU A 1 141 ? 5.983   -10.930 -2.911  1.00 13.24 ? 179 GLU A N   1 
ATOM   1063 C  CA  . GLU A 1 141 ? 5.340   -12.209 -2.630  1.00 14.55 ? 179 GLU A CA  1 
ATOM   1064 C  C   . GLU A 1 141 ? 6.295   -13.258 -2.074  1.00 11.93 ? 179 GLU A C   1 
ATOM   1065 O  O   . GLU A 1 141 ? 5.875   -14.008 -1.170  1.00 12.39 ? 179 GLU A O   1 
ATOM   1066 C  CB  . GLU A 1 141 ? 4.630   -12.711 -3.900  1.00 14.03 ? 179 GLU A CB  1 
ATOM   1067 C  CG  . GLU A 1 141 ? 3.770   -13.978 -3.691  1.00 12.74 ? 179 GLU A CG  1 
ATOM   1068 C  CD  . GLU A 1 141 ? 2.572   -13.765 -2.775  1.00 17.92 ? 179 GLU A CD  1 
ATOM   1069 O  OE1 . GLU A 1 141 ? 2.120   -12.610 -2.609  1.00 16.39 ? 179 GLU A OE1 1 
ATOM   1070 O  OE2 . GLU A 1 141 ? 2.083   -14.766 -2.205  1.00 17.34 ? 179 GLU A OE2 1 
ATOM   1071 N  N   . PRO A 1 142 ? 7.553   -13.385 -2.513  1.00 12.96 ? 180 PRO A N   1 
ATOM   1072 C  CA  . PRO A 1 142 ? 8.410   -14.398 -1.872  1.00 13.71 ? 180 PRO A CA  1 
ATOM   1073 C  C   . PRO A 1 142 ? 8.567   -14.158 -0.384  1.00 14.91 ? 180 PRO A C   1 
ATOM   1074 O  O   . PRO A 1 142 ? 8.409   -15.094 0.412   1.00 15.29 ? 180 PRO A O   1 
ATOM   1075 C  CB  . PRO A 1 142 ? 9.734   -14.276 -2.633  1.00 15.25 ? 180 PRO A CB  1 
ATOM   1076 C  CG  . PRO A 1 142 ? 9.313   -13.839 -4.002  1.00 13.16 ? 180 PRO A CG  1 
ATOM   1077 C  CD  . PRO A 1 142 ? 8.168   -12.862 -3.754  1.00 15.55 ? 180 PRO A CD  1 
ATOM   1078 N  N   . TRP A 1 143 ? 8.819   -12.908 0.013   1.00 13.03 ? 181 TRP A N   1 
ATOM   1079 C  CA  . TRP A 1 143 ? 8.925   -12.594 1.436   1.00 13.75 ? 181 TRP A CA  1 
ATOM   1080 C  C   . TRP A 1 143 ? 7.618   -12.886 2.164   1.00 15.86 ? 181 TRP A C   1 
ATOM   1081 O  O   . TRP A 1 143 ? 7.619   -13.450 3.266   1.00 15.33 ? 181 TRP A O   1 
ATOM   1082 C  CB  . TRP A 1 143 ? 9.338   -11.130 1.620   1.00 13.41 ? 181 TRP A CB  1 
ATOM   1083 C  CG  . TRP A 1 143 ? 9.579   -10.776 3.068   1.00 14.42 ? 181 TRP A CG  1 
ATOM   1084 C  CD1 . TRP A 1 143 ? 10.777  -10.783 3.726   1.00 16.82 ? 181 TRP A CD1 1 
ATOM   1085 C  CD2 . TRP A 1 143 ? 8.594   -10.370 4.032   1.00 17.52 ? 181 TRP A CD2 1 
ATOM   1086 N  NE1 . TRP A 1 143 ? 10.601  -10.402 5.044   1.00 14.19 ? 181 TRP A NE1 1 
ATOM   1087 C  CE2 . TRP A 1 143 ? 9.270   -10.147 5.255   1.00 17.04 ? 181 TRP A CE2 1 
ATOM   1088 C  CE3 . TRP A 1 143 ? 7.205   -10.168 3.980   1.00 17.14 ? 181 TRP A CE3 1 
ATOM   1089 C  CZ2 . TRP A 1 143 ? 8.610   -9.737  6.410   1.00 18.49 ? 181 TRP A CZ2 1 
ATOM   1090 C  CZ3 . TRP A 1 143 ? 6.548   -9.766  5.138   1.00 15.81 ? 181 TRP A CZ3 1 
ATOM   1091 C  CH2 . TRP A 1 143 ? 7.254   -9.555  6.333   1.00 17.54 ? 181 TRP A CH2 1 
ATOM   1092 N  N   . ILE A 1 144 ? 6.487   -12.483 1.574   1.00 13.49 ? 182 ILE A N   1 
ATOM   1093 C  CA  . ILE A 1 144 ? 5.185   -12.712 2.197   1.00 12.20 ? 182 ILE A CA  1 
ATOM   1094 C  C   . ILE A 1 144 ? 4.989   -14.196 2.479   1.00 16.52 ? 182 ILE A C   1 
ATOM   1095 O  O   . ILE A 1 144 ? 4.595   -14.591 3.588   1.00 15.81 ? 182 ILE A O   1 
ATOM   1096 C  CB  . ILE A 1 144 ? 4.069   -12.136 1.299   1.00 15.97 ? 182 ILE A CB  1 
ATOM   1097 C  CG1 . ILE A 1 144 ? 4.123   -10.603 1.296   1.00 14.32 ? 182 ILE A CG1 1 
ATOM   1098 C  CG2 . ILE A 1 144 ? 2.696   -12.614 1.743   1.00 15.02 ? 182 ILE A CG2 1 
ATOM   1099 C  CD1 . ILE A 1 144 ? 3.178   -9.949  0.301   1.00 15.60 ? 182 ILE A CD1 1 
ATOM   1100 N  N   . GLN A 1 145 ? 5.288   -15.043 1.482   1.00 14.77 ? 183 GLN A N   1 
ATOM   1101 C  CA  . GLN A 1 145 ? 5.127   -16.489 1.609   1.00 15.46 ? 183 GLN A CA  1 
ATOM   1102 C  C   . GLN A 1 145 ? 6.078   -17.084 2.639   1.00 15.12 ? 183 GLN A C   1 
ATOM   1103 O  O   . GLN A 1 145 ? 5.707   -18.016 3.365   1.00 20.78 ? 183 GLN A O   1 
ATOM   1104 C  CB  . GLN A 1 145 ? 5.333   -17.147 0.243   1.00 16.40 ? 183 GLN A CB  1 
ATOM   1105 C  CG  . GLN A 1 145 ? 4.238   -16.786 -0.750  1.00 17.54 ? 183 GLN A CG  1 
ATOM   1106 C  CD  . GLN A 1 145 ? 4.486   -17.381 -2.119  1.00 17.25 ? 183 GLN A CD  1 
ATOM   1107 O  OE1 . GLN A 1 145 ? 5.625   -17.662 -2.482  1.00 19.47 ? 183 GLN A OE1 1 
ATOM   1108 N  NE2 . GLN A 1 145 ? 3.414   -17.580 -2.886  1.00 20.82 ? 183 GLN A NE2 1 
ATOM   1109 N  N   . GLU A 1 146 ? 7.299   -16.571 2.716   1.00 15.43 ? 184 GLU A N   1 
ATOM   1110 C  CA  . GLU A 1 146 ? 8.277   -17.072 3.675   1.00 16.03 ? 184 GLU A CA  1 
ATOM   1111 C  C   . GLU A 1 146 ? 8.051   -16.560 5.092   1.00 21.39 ? 184 GLU A C   1 
ATOM   1112 O  O   . GLU A 1 146 ? 8.694   -17.057 6.025   1.00 21.09 ? 184 GLU A O   1 
ATOM   1113 C  CB  . GLU A 1 146 ? 9.686   -16.695 3.214   1.00 22.03 ? 184 GLU A CB  1 
ATOM   1114 C  CG  . GLU A 1 146 ? 10.075  -17.339 1.883   1.00 23.29 ? 184 GLU A CG  1 
ATOM   1115 C  CD  . GLU A 1 146 ? 11.106  -16.531 1.114   1.00 30.05 ? 184 GLU A CD  1 
ATOM   1116 O  OE1 . GLU A 1 146 ? 11.632  -15.540 1.663   1.00 34.21 ? 184 GLU A OE1 1 
ATOM   1117 O  OE2 . GLU A 1 146 ? 11.378  -16.879 -0.050  1.00 32.95 ? 184 GLU A OE2 1 
ATOM   1118 N  N   . ASN A 1 147 ? 7.172   -15.580 5.286   1.00 16.63 ? 185 ASN A N   1 
ATOM   1119 C  CA  . ASN A 1 147 ? 6.949   -15.017 6.616   1.00 21.36 ? 185 ASN A CA  1 
ATOM   1120 C  C   . ASN A 1 147 ? 5.516   -15.231 7.095   1.00 21.57 ? 185 ASN A C   1 
ATOM   1121 O  O   . ASN A 1 147 ? 4.945   -14.389 7.802   1.00 26.12 ? 185 ASN A O   1 
ATOM   1122 C  CB  . ASN A 1 147 ? 7.337   -13.543 6.635   1.00 17.41 ? 185 ASN A CB  1 
ATOM   1123 C  CG  . ASN A 1 147 ? 8.843   -13.355 6.624   1.00 23.54 ? 185 ASN A CG  1 
ATOM   1124 O  OD1 . ASN A 1 147 ? 9.476   -13.317 7.678   1.00 26.65 ? 185 ASN A OD1 1 
ATOM   1125 N  ND2 . ASN A 1 147 ? 9.433   -13.292 5.436   1.00 15.33 ? 185 ASN A ND2 1 
ATOM   1126 N  N   . GLY A 1 148 ? 4.927   -16.353 6.717   1.00 22.65 ? 186 GLY A N   1 
ATOM   1127 C  CA  . GLY A 1 148 ? 3.639   -16.745 7.237   1.00 25.96 ? 186 GLY A CA  1 
ATOM   1128 C  C   . GLY A 1 148 ? 2.442   -16.190 6.503   1.00 24.77 ? 186 GLY A C   1 
ATOM   1129 O  O   . GLY A 1 148 ? 1.319   -16.339 6.994   1.00 26.67 ? 186 GLY A O   1 
ATOM   1130 N  N   . GLY A 1 149 ? 2.641   -15.559 5.348   1.00 19.28 ? 187 GLY A N   1 
ATOM   1131 C  CA  . GLY A 1 149 ? 1.537   -15.091 4.534   1.00 19.57 ? 187 GLY A CA  1 
ATOM   1132 C  C   . GLY A 1 149 ? 0.715   -13.994 5.174   1.00 16.87 ? 187 GLY A C   1 
ATOM   1133 O  O   . GLY A 1 149 ? 1.011   -13.534 6.283   1.00 17.34 ? 187 GLY A O   1 
ATOM   1134 N  N   . TRP A 1 150 ? -0.342  -13.570 4.478   1.00 16.03 ? 188 TRP A N   1 
ATOM   1135 C  CA  . TRP A 1 150 ? -1.167  -12.477 4.975   1.00 14.57 ? 188 TRP A CA  1 
ATOM   1136 C  C   . TRP A 1 150 ? -1.907  -12.845 6.256   1.00 16.03 ? 188 TRP A C   1 
ATOM   1137 O  O   . TRP A 1 150 ? -2.281  -11.944 7.009   1.00 18.65 ? 188 TRP A O   1 
ATOM   1138 C  CB  . TRP A 1 150 ? -2.148  -12.028 3.881   1.00 18.14 ? 188 TRP A CB  1 
ATOM   1139 C  CG  . TRP A 1 150 ? -1.515  -11.172 2.809   1.00 16.35 ? 188 TRP A CG  1 
ATOM   1140 C  CD1 . TRP A 1 150 ? -1.162  -11.549 1.535   1.00 17.92 ? 188 TRP A CD1 1 
ATOM   1141 C  CD2 . TRP A 1 150 ? -1.159  -9.791  2.927   1.00 15.89 ? 188 TRP A CD2 1 
ATOM   1142 N  NE1 . TRP A 1 150 ? -0.613  -10.483 0.862   1.00 16.91 ? 188 TRP A NE1 1 
ATOM   1143 C  CE2 . TRP A 1 150 ? -0.597  -9.393  1.695   1.00 15.62 ? 188 TRP A CE2 1 
ATOM   1144 C  CE3 . TRP A 1 150 ? -1.258  -8.850  3.958   1.00 14.69 ? 188 TRP A CE3 1 
ATOM   1145 C  CZ2 . TRP A 1 150 ? -0.146  -8.101  1.468   1.00 13.41 ? 188 TRP A CZ2 1 
ATOM   1146 C  CZ3 . TRP A 1 150 ? -0.799  -7.562  3.731   1.00 17.08 ? 188 TRP A CZ3 1 
ATOM   1147 C  CH2 . TRP A 1 150 ? -0.254  -7.201  2.496   1.00 15.97 ? 188 TRP A CH2 1 
ATOM   1148 N  N   . ASP A 1 151 ? -2.078  -14.147 6.548   1.00 18.90 ? 189 ASP A N   1 
ATOM   1149 C  CA  . ASP A 1 151 ? -2.640  -14.552 7.834   1.00 19.53 ? 189 ASP A CA  1 
ATOM   1150 C  C   . ASP A 1 151 ? -1.765  -14.089 8.988   1.00 18.99 ? 189 ASP A C   1 
ATOM   1151 O  O   . ASP A 1 151 ? -2.271  -13.722 10.054  1.00 20.10 ? 189 ASP A O   1 
ATOM   1152 C  CB  . ASP A 1 151 ? -2.812  -16.073 7.897   1.00 23.46 ? 189 ASP A CB  1 
ATOM   1153 C  CG  . ASP A 1 151 ? -3.903  -16.576 6.983   1.00 28.90 ? 189 ASP A CG  1 
ATOM   1154 O  OD1 . ASP A 1 151 ? -4.750  -15.764 6.558   1.00 36.82 ? 189 ASP A OD1 1 
ATOM   1155 O  OD2 . ASP A 1 151 ? -3.908  -17.791 6.689   1.00 38.16 ? 189 ASP A OD2 1 
ATOM   1156 N  N   . THR A 1 152 ? -0.442  -14.115 8.802   1.00 19.96 ? 190 THR A N   1 
ATOM   1157 C  CA  . THR A 1 152 ? 0.447   -13.596 9.835   1.00 19.41 ? 190 THR A CA  1 
ATOM   1158 C  C   . THR A 1 152 ? 0.292   -12.087 9.985   1.00 18.98 ? 190 THR A C   1 
ATOM   1159 O  O   . THR A 1 152 ? 0.312   -11.566 11.105  1.00 19.93 ? 190 THR A O   1 
ATOM   1160 C  CB  . THR A 1 152 ? 1.893   -13.979 9.516   1.00 24.88 ? 190 THR A CB  1 
ATOM   1161 O  OG1 . THR A 1 152 ? 2.024   -15.398 9.644   1.00 26.21 ? 190 THR A OG1 1 
ATOM   1162 C  CG2 . THR A 1 152 ? 2.878   -13.281 10.474  1.00 25.60 ? 190 THR A CG2 1 
ATOM   1163 N  N   . PHE A 1 153 ? 0.096   -11.372 8.875   1.00 16.93 ? 191 PHE A N   1 
ATOM   1164 C  CA  . PHE A 1 153 ? -0.150  -9.938  8.980   1.00 15.52 ? 191 PHE A CA  1 
ATOM   1165 C  C   . PHE A 1 153 ? -1.376  -9.665  9.849   1.00 17.55 ? 191 PHE A C   1 
ATOM   1166 O  O   . PHE A 1 153 ? -1.360  -8.765  10.700  1.00 17.50 ? 191 PHE A O   1 
ATOM   1167 C  CB  . PHE A 1 153 ? -0.313  -9.339  7.580   1.00 13.98 ? 191 PHE A CB  1 
ATOM   1168 C  CG  . PHE A 1 153 ? -0.719  -7.889  7.579   1.00 13.02 ? 191 PHE A CG  1 
ATOM   1169 C  CD1 . PHE A 1 153 ? 0.216   -6.886  7.793   1.00 13.39 ? 191 PHE A CD1 1 
ATOM   1170 C  CD2 . PHE A 1 153 ? -2.051  -7.528  7.361   1.00 15.00 ? 191 PHE A CD2 1 
ATOM   1171 C  CE1 . PHE A 1 153 ? -0.184  -5.530  7.791   1.00 13.59 ? 191 PHE A CE1 1 
ATOM   1172 C  CE2 . PHE A 1 153 ? -2.452  -6.198  7.358   1.00 13.24 ? 191 PHE A CE2 1 
ATOM   1173 C  CZ  . PHE A 1 153 ? -1.515  -5.195  7.573   1.00 12.08 ? 191 PHE A CZ  1 
ATOM   1174 N  N   . VAL A 1 154 ? -2.435  -10.454 9.659   1.00 16.36 ? 192 VAL A N   1 
ATOM   1175 C  CA  . VAL A 1 154 ? -3.667  -10.291 10.432  1.00 16.30 ? 192 VAL A CA  1 
ATOM   1176 C  C   . VAL A 1 154 ? -3.419  -10.554 11.910  1.00 17.74 ? 192 VAL A C   1 
ATOM   1177 O  O   . VAL A 1 154 ? -3.954  -9.855  12.776  1.00 20.27 ? 192 VAL A O   1 
ATOM   1178 C  CB  . VAL A 1 154 ? -4.762  -11.219 9.876   1.00 16.61 ? 192 VAL A CB  1 
ATOM   1179 C  CG1 . VAL A 1 154 ? -5.938  -11.325 10.864  1.00 25.70 ? 192 VAL A CG1 1 
ATOM   1180 C  CG2 . VAL A 1 154 ? -5.240  -10.717 8.543   1.00 17.90 ? 192 VAL A CG2 1 
ATOM   1181 N  N   . ASP A 1 155 ? -2.621  -11.579 12.223  1.00 19.83 ? 193 ASP A N   1 
ATOM   1182 C  CA  . ASP A 1 155 ? -2.273  -11.857 13.614  1.00 17.68 ? 193 ASP A CA  1 
ATOM   1183 C  C   . ASP A 1 155 ? -1.570  -10.672 14.252  1.00 20.58 ? 193 ASP A C   1 
ATOM   1184 O  O   . ASP A 1 155 ? -1.766  -10.391 15.440  1.00 23.27 ? 193 ASP A O   1 
ATOM   1185 C  CB  . ASP A 1 155 ? -1.363  -13.086 13.713  1.00 24.07 ? 193 ASP A CB  1 
ATOM   1186 C  CG  . ASP A 1 155 ? -2.093  -14.392 13.492  1.00 31.16 ? 193 ASP A CG  1 
ATOM   1187 O  OD1 . ASP A 1 155 ? -3.318  -14.463 13.739  1.00 34.55 ? 193 ASP A OD1 1 
ATOM   1188 O  OD2 . ASP A 1 155 ? -1.417  -15.365 13.079  1.00 36.12 ? 193 ASP A OD2 1 
ATOM   1189 N  N   . LEU A 1 156 ? -0.736  -9.973  13.484  1.00 18.01 ? 194 LEU A N   1 
ATOM   1190 C  CA  . LEU A 1 156 ? 0.099   -8.915  14.030  1.00 15.06 ? 194 LEU A CA  1 
ATOM   1191 C  C   . LEU A 1 156 ? -0.563  -7.548  13.992  1.00 19.95 ? 194 LEU A C   1 
ATOM   1192 O  O   . LEU A 1 156 ? -0.255  -6.708  14.838  1.00 19.93 ? 194 LEU A O   1 
ATOM   1193 C  CB  . LEU A 1 156 ? 1.433   -8.844  13.276  1.00 15.36 ? 194 LEU A CB  1 
ATOM   1194 C  CG  . LEU A 1 156 ? 2.308   -10.096 13.376  1.00 20.52 ? 194 LEU A CG  1 
ATOM   1195 C  CD1 . LEU A 1 156 ? 3.564   -9.947  12.534  1.00 22.05 ? 194 LEU A CD1 1 
ATOM   1196 C  CD2 . LEU A 1 156 ? 2.667   -10.359 14.825  1.00 21.40 ? 194 LEU A CD2 1 
ATOM   1197 N  N   . TYR A 1 157 ? -1.459  -7.311  13.029  1.00 19.68 ? 195 TYR A N   1 
ATOM   1198 C  CA  . TYR A 1 157 ? -2.035  -5.994  12.796  1.00 20.73 ? 195 TYR A CA  1 
ATOM   1199 C  C   . TYR A 1 157 ? -3.549  -5.948  12.907  1.00 20.34 ? 195 TYR A C   1 
ATOM   1200 O  O   . TYR A 1 157 ? -4.107  -4.847  12.995  1.00 21.43 ? 195 TYR A O   1 
ATOM   1201 C  CB  . TYR A 1 157 ? -1.636  -5.475  11.401  1.00 17.19 ? 195 TYR A CB  1 
ATOM   1202 C  CG  . TYR A 1 157 ? -0.182  -5.098  11.324  1.00 16.28 ? 195 TYR A CG  1 
ATOM   1203 C  CD1 . TYR A 1 157 ? 0.793   -6.070  11.158  1.00 19.47 ? 195 TYR A CD1 1 
ATOM   1204 C  CD2 . TYR A 1 157 ? 0.222   -3.771  11.435  1.00 19.80 ? 195 TYR A CD2 1 
ATOM   1205 C  CE1 . TYR A 1 157 ? 2.130   -5.741  11.102  1.00 18.51 ? 195 TYR A CE1 1 
ATOM   1206 C  CE2 . TYR A 1 157 ? 1.560   -3.433  11.375  1.00 20.41 ? 195 TYR A CE2 1 
ATOM   1207 C  CZ  . TYR A 1 157 ? 2.507   -4.431  11.213  1.00 19.98 ? 195 TYR A CZ  1 
ATOM   1208 O  OH  . TYR A 1 157 ? 3.832   -4.098  11.160  1.00 19.67 ? 195 TYR A OH  1 
ATOM   1209 N  N   . GLY A 1 158 ? -4.228  -7.089  12.886  1.00 18.50 ? 196 GLY A N   1 
ATOM   1210 C  CA  . GLY A 1 158 ? -5.675  -7.104  12.894  1.00 22.00 ? 196 GLY A CA  1 
ATOM   1211 C  C   . GLY A 1 158 ? -6.192  -7.129  14.310  1.00 29.49 ? 196 GLY A C   1 
ATOM   1212 O  O   . GLY A 1 158 ? -7.399  -7.160  14.524  1.00 30.61 ? 196 GLY A O   1 
ATOM   1213 N  N   . GLU B 2 2   ? 16.994  14.692  -4.657  1.00 44.16 ? 77  GLU B N   1 
ATOM   1214 C  CA  . GLU B 2 2   ? 17.072  14.258  -3.265  1.00 41.24 ? 77  GLU B CA  1 
ATOM   1215 C  C   . GLU B 2 2   ? 15.696  13.918  -2.696  1.00 31.42 ? 77  GLU B C   1 
ATOM   1216 O  O   . GLU B 2 2   ? 15.604  13.257  -1.665  1.00 30.63 ? 77  GLU B O   1 
ATOM   1217 C  CB  . GLU B 2 2   ? 17.730  15.336  -2.399  1.00 42.85 ? 77  GLU B CB  1 
ATOM   1218 C  CG  . GLU B 2 2   ? 18.146  14.858  -1.010  1.00 39.19 ? 77  GLU B CG  1 
ATOM   1219 C  CD  . GLU B 2 2   ? 18.109  15.968  0.025   1.00 47.12 ? 77  GLU B CD  1 
ATOM   1220 O  OE1 . GLU B 2 2   ? 18.512  17.107  -0.304  1.00 50.15 ? 77  GLU B OE1 1 
ATOM   1221 O  OE2 . GLU B 2 2   ? 17.674  15.701  1.169   1.00 41.52 ? 77  GLU B OE2 1 
ATOM   1222 N  N   . ILE B 2 3   ? 14.632  14.369  -3.367  1.00 29.73 ? 78  ILE B N   1 
ATOM   1223 C  CA  . ILE B 2 3   ? 13.298  14.219  -2.794  1.00 30.99 ? 78  ILE B CA  1 
ATOM   1224 C  C   . ILE B 2 3   ? 12.879  12.753  -2.754  1.00 28.32 ? 78  ILE B C   1 
ATOM   1225 O  O   . ILE B 2 3   ? 12.186  12.330  -1.822  1.00 24.66 ? 78  ILE B O   1 
ATOM   1226 C  CB  . ILE B 2 3   ? 12.271  15.079  -3.557  1.00 32.82 ? 78  ILE B CB  1 
ATOM   1227 C  CG1 . ILE B 2 3   ? 10.919  15.033  -2.846  1.00 41.54 ? 78  ILE B CG1 1 
ATOM   1228 C  CG2 . ILE B 2 3   ? 12.118  14.606  -4.999  1.00 38.22 ? 78  ILE B CG2 1 
ATOM   1229 C  CD1 . ILE B 2 3   ? 11.003  15.311  -1.356  1.00 42.50 ? 78  ILE B CD1 1 
ATOM   1230 N  N   . ILE B 2 4   ? 13.290  11.956  -3.741  1.00 27.26 ? 79  ILE B N   1 
ATOM   1231 C  CA  . ILE B 2 4   ? 12.907  10.547  -3.760  1.00 23.88 ? 79  ILE B CA  1 
ATOM   1232 C  C   . ILE B 2 4   ? 13.542  9.808   -2.588  1.00 24.18 ? 79  ILE B C   1 
ATOM   1233 O  O   . ILE B 2 4   ? 12.870  9.056   -1.871  1.00 20.74 ? 79  ILE B O   1 
ATOM   1234 C  CB  . ILE B 2 4   ? 13.268  9.910   -5.115  1.00 24.25 ? 79  ILE B CB  1 
ATOM   1235 C  CG1 . ILE B 2 4   ? 12.236  10.331  -6.168  1.00 29.04 ? 79  ILE B CG1 1 
ATOM   1236 C  CG2 . ILE B 2 4   ? 13.343  8.391   -5.001  1.00 24.56 ? 79  ILE B CG2 1 
ATOM   1237 C  CD1 . ILE B 2 4   ? 12.513  9.801   -7.540  1.00 31.20 ? 79  ILE B CD1 1 
ATOM   1238 N  N   . HIS B 2 5   ? 14.837  10.026  -2.355  1.00 23.64 ? 80  HIS B N   1 
ATOM   1239 C  CA  . HIS B 2 5   ? 15.486  9.398   -1.209  1.00 22.89 ? 80  HIS B CA  1 
ATOM   1240 C  C   . HIS B 2 5   ? 14.868  9.870   0.104   1.00 20.53 ? 80  HIS B C   1 
ATOM   1241 O  O   . HIS B 2 5   ? 14.630  9.067   1.017   1.00 21.12 ? 80  HIS B O   1 
ATOM   1242 C  CB  . HIS B 2 5   ? 16.990  9.685   -1.222  1.00 29.19 ? 80  HIS B CB  1 
ATOM   1243 C  CG  . HIS B 2 5   ? 17.700  9.206   0.008   1.00 27.74 ? 80  HIS B CG  1 
ATOM   1244 N  ND1 . HIS B 2 5   ? 17.864  7.869   0.301   1.00 31.31 ? 80  HIS B ND1 1 
ATOM   1245 C  CD2 . HIS B 2 5   ? 18.270  9.887   1.031   1.00 33.63 ? 80  HIS B CD2 1 
ATOM   1246 C  CE1 . HIS B 2 5   ? 18.513  7.746   1.445   1.00 32.85 ? 80  HIS B CE1 1 
ATOM   1247 N  NE2 . HIS B 2 5   ? 18.768  8.956   1.911   1.00 34.46 ? 80  HIS B NE2 1 
ATOM   1248 N  N   . LYS B 2 6   ? 14.629  11.178  0.226   1.00 21.19 ? 81  LYS B N   1 
ATOM   1249 C  CA  . LYS B 2 6   ? 14.054  11.721  1.453   1.00 19.61 ? 81  LYS B CA  1 
ATOM   1250 C  C   . LYS B 2 6   ? 12.696  11.098  1.734   1.00 18.92 ? 81  LYS B C   1 
ATOM   1251 O  O   . LYS B 2 6   ? 12.434  10.627  2.847   1.00 19.90 ? 81  LYS B O   1 
ATOM   1252 C  CB  . LYS B 2 6   ? 13.938  13.243  1.339   1.00 24.59 ? 81  LYS B CB  1 
ATOM   1253 C  CG  . LYS B 2 6   ? 13.466  13.940  2.589   1.00 27.37 ? 81  LYS B CG  1 
ATOM   1254 C  CD  . LYS B 2 6   ? 13.794  15.422  2.489   1.00 29.97 ? 81  LYS B CD  1 
ATOM   1255 C  CE  . LYS B 2 6   ? 13.482  16.155  3.783   1.00 42.68 ? 81  LYS B CE  1 
ATOM   1256 N  NZ  . LYS B 2 6   ? 12.018  16.248  4.042   1.00 47.41 ? 81  LYS B NZ  1 
ATOM   1257 N  N   . LEU B 2 7   ? 11.829  11.064  0.718   1.00 19.26 ? 82  LEU B N   1 
ATOM   1258 C  CA  . LEU B 2 7   ? 10.499  10.487  0.888   1.00 18.28 ? 82  LEU B CA  1 
ATOM   1259 C  C   . LEU B 2 7   ? 10.574  9.003   1.222   1.00 16.25 ? 82  LEU B C   1 
ATOM   1260 O  O   . LEU B 2 7   ? 9.861   8.525   2.109   1.00 15.18 ? 82  LEU B O   1 
ATOM   1261 C  CB  . LEU B 2 7   ? 9.671   10.705  -0.377  1.00 18.18 ? 82  LEU B CB  1 
ATOM   1262 C  CG  . LEU B 2 7   ? 8.280   10.061  -0.416  1.00 24.06 ? 82  LEU B CG  1 
ATOM   1263 C  CD1 . LEU B 2 7   ? 7.444   10.518  0.761   1.00 20.66 ? 82  LEU B CD1 1 
ATOM   1264 C  CD2 . LEU B 2 7   ? 7.575   10.399  -1.720  1.00 23.06 ? 82  LEU B CD2 1 
ATOM   1265 N  N   . ALA B 2 8   ? 11.408  8.249   0.497   1.00 16.54 ? 83  ALA B N   1 
ATOM   1266 C  CA  . ALA B 2 8   ? 11.547  6.824   0.790   1.00 12.48 ? 83  ALA B CA  1 
ATOM   1267 C  C   . ALA B 2 8   ? 12.023  6.598   2.219   1.00 15.86 ? 83  ALA B C   1 
ATOM   1268 O  O   . ALA B 2 8   ? 11.551  5.689   2.905   1.00 18.51 ? 83  ALA B O   1 
ATOM   1269 C  CB  . ALA B 2 8   ? 12.512  6.175   -0.205  1.00 15.98 ? 83  ALA B CB  1 
ATOM   1270 N  N   . MET B 2 9   ? 12.949  7.431   2.707   1.00 18.42 ? 84  MET B N   1 
ATOM   1271 C  CA  . MET B 2 9   ? 13.444  7.193   4.059   1.00 17.34 ? 84  MET B CA  1 
ATOM   1272 C  C   . MET B 2 9   ? 12.419  7.590   5.114   1.00 15.44 ? 84  MET B C   1 
ATOM   1273 O  O   . MET B 2 9   ? 12.383  6.982   6.187   1.00 19.62 ? 84  MET B O   1 
ATOM   1274 C  CB  . MET B 2 9   ? 14.777  7.914   4.267   1.00 20.47 ? 84  MET B CB  1 
ATOM   1275 C  CG  . MET B 2 9   ? 15.931  7.314   3.435   1.00 22.87 ? 84  MET B CG  1 
ATOM   1276 S  SD  . MET B 2 9   ? 16.222  5.525   3.604   1.00 27.93 ? 84  MET B SD  1 
ATOM   1277 C  CE  . MET B 2 9   ? 15.234  4.808   2.265   1.00 22.51 ? 84  MET B CE  1 
ATOM   1278 N  N   . GLN B 2 10  ? 11.563  8.573   4.821   1.00 14.64 ? 85  GLN B N   1 
ATOM   1279 C  CA  . GLN B 2 10  ? 10.491  8.913   5.754   1.00 12.82 ? 85  GLN B CA  1 
ATOM   1280 C  C   . GLN B 2 10  ? 9.431   7.820   5.786   1.00 14.68 ? 85  GLN B C   1 
ATOM   1281 O  O   . GLN B 2 10  ? 9.004   7.391   6.858   1.00 14.85 ? 85  GLN B O   1 
ATOM   1282 C  CB  . GLN B 2 10  ? 9.884   10.271  5.382   1.00 16.48 ? 85  GLN B CB  1 
ATOM   1283 C  CG  . GLN B 2 10  ? 10.875  11.415  5.641   1.00 17.30 ? 85  GLN B CG  1 
ATOM   1284 C  CD  . GLN B 2 10  ? 10.398  12.785  5.172   1.00 24.40 ? 85  GLN B CD  1 
ATOM   1285 O  OE1 . GLN B 2 10  ? 11.123  13.774  5.307   1.00 23.55 ? 85  GLN B OE1 1 
ATOM   1286 N  NE2 . GLN B 2 10  ? 9.176   12.855  4.631   1.00 19.32 ? 85  GLN B NE2 1 
ATOM   1287 N  N   . LEU B 2 11  ? 9.014   7.335   4.616   1.00 15.67 ? 86  LEU B N   1 
ATOM   1288 C  CA  . LEU B 2 11  ? 8.122   6.174   4.571   1.00 16.69 ? 86  LEU B CA  1 
ATOM   1289 C  C   . LEU B 2 11  ? 8.715   4.975   5.306   1.00 19.46 ? 86  LEU B C   1 
ATOM   1290 O  O   . LEU B 2 11  ? 8.011   4.272   6.047   1.00 16.51 ? 86  LEU B O   1 
ATOM   1291 C  CB  . LEU B 2 11  ? 7.837   5.798   3.122   1.00 12.73 ? 86  LEU B CB  1 
ATOM   1292 C  CG  . LEU B 2 11  ? 6.976   6.743   2.300   1.00 15.28 ? 86  LEU B CG  1 
ATOM   1293 C  CD1 . LEU B 2 11  ? 7.103   6.345   0.835   1.00 15.06 ? 86  LEU B CD1 1 
ATOM   1294 C  CD2 . LEU B 2 11  ? 5.522   6.681   2.761   1.00 15.81 ? 86  LEU B CD2 1 
ATOM   1295 N  N   . ARG B 2 12  ? 10.011  4.730   5.119   1.00 15.51 ? 87  ARG B N   1 
ATOM   1296 C  CA  . ARG B 2 12  ? 10.633  3.572   5.744   1.00 15.96 ? 87  ARG B CA  1 
ATOM   1297 C  C   . ARG B 2 12  ? 10.727  3.734   7.254   1.00 17.80 ? 87  ARG B C   1 
ATOM   1298 O  O   . ARG B 2 12  ? 10.556  2.760   8.002   1.00 16.60 ? 87  ARG B O   1 
ATOM   1299 C  CB  . ARG B 2 12  ? 12.020  3.348   5.139   1.00 17.79 ? 87  ARG B CB  1 
ATOM   1300 C  CG  . ARG B 2 12  ? 12.578  1.998   5.439   1.00 16.98 ? 87  ARG B CG  1 
ATOM   1301 C  CD  . ARG B 2 12  ? 13.969  1.840   4.886   1.00 21.87 ? 87  ARG B CD  1 
ATOM   1302 N  NE  . ARG B 2 12  ? 14.935  2.703   5.558   1.00 24.81 ? 87  ARG B NE  1 
ATOM   1303 C  CZ  . ARG B 2 12  ? 16.241  2.646   5.320   1.00 27.45 ? 87  ARG B CZ  1 
ATOM   1304 N  NH1 . ARG B 2 12  ? 16.697  1.776   4.433   1.00 21.04 ? 87  ARG B NH1 1 
ATOM   1305 N  NH2 . ARG B 2 12  ? 17.087  3.454   5.953   1.00 30.72 ? 87  ARG B NH2 1 
ATOM   1306 N  N   . HIS B 2 13  ? 11.012  4.956   7.717   1.00 15.91 ? 88  HIS B N   1 
ATOM   1307 C  CA  . HIS B 2 13  ? 11.112  5.213   9.153   1.00 18.95 ? 88  HIS B CA  1 
ATOM   1308 C  C   . HIS B 2 13  ? 9.783   4.951   9.848   1.00 17.98 ? 88  HIS B C   1 
ATOM   1309 O  O   . HIS B 2 13  ? 9.727   4.255   10.868  1.00 17.89 ? 88  HIS B O   1 
ATOM   1310 C  CB  . HIS B 2 13  ? 11.562  6.657   9.384   1.00 19.60 ? 88  HIS B CB  1 
ATOM   1311 C  CG  . HIS B 2 13  ? 12.065  6.920   10.769  1.00 27.34 ? 88  HIS B CG  1 
ATOM   1312 N  ND1 . HIS B 2 13  ? 12.969  7.923   11.052  1.00 37.08 ? 88  HIS B ND1 1 
ATOM   1313 C  CD2 . HIS B 2 13  ? 11.800  6.309   11.947  1.00 30.98 ? 88  HIS B CD2 1 
ATOM   1314 C  CE1 . HIS B 2 13  ? 13.236  7.918   12.345  1.00 31.29 ? 88  HIS B CE1 1 
ATOM   1315 N  NE2 . HIS B 2 13  ? 12.538  6.951   12.912  1.00 32.32 ? 88  HIS B NE2 1 
ATOM   1316 N  N   . ILE B 2 14  ? 8.696   5.498   9.301   1.00 15.18 ? 89  ILE B N   1 
ATOM   1317 C  CA  . ILE B 2 14  ? 7.377   5.260   9.878   1.00 13.98 ? 89  ILE B CA  1 
ATOM   1318 C  C   . ILE B 2 14  ? 6.978   3.794   9.711   1.00 16.67 ? 89  ILE B C   1 
ATOM   1319 O  O   . ILE B 2 14  ? 6.369   3.199   10.604  1.00 16.69 ? 89  ILE B O   1 
ATOM   1320 C  CB  . ILE B 2 14  ? 6.358   6.227   9.241   1.00 18.17 ? 89  ILE B CB  1 
ATOM   1321 C  CG1 . ILE B 2 14  ? 6.832   7.670   9.413   1.00 16.76 ? 89  ILE B CG1 1 
ATOM   1322 C  CG2 . ILE B 2 14  ? 4.975   6.071   9.855   1.00 17.97 ? 89  ILE B CG2 1 
ATOM   1323 C  CD1 . ILE B 2 14  ? 6.972   8.109   10.875  1.00 20.97 ? 89  ILE B CD1 1 
ATOM   1324 N  N   . GLY B 2 15  ? 7.343   3.176   8.584   1.00 14.80 ? 90  GLY B N   1 
ATOM   1325 C  CA  . GLY B 2 15  ? 7.056   1.757   8.410   1.00 13.62 ? 90  GLY B CA  1 
ATOM   1326 C  C   . GLY B 2 15  ? 7.701   0.900   9.484   1.00 17.80 ? 90  GLY B C   1 
ATOM   1327 O  O   . GLY B 2 15  ? 7.056   0.038   10.088  1.00 16.29 ? 90  GLY B O   1 
ATOM   1328 N  N   . ASP B 2 16  ? 8.982   1.148   9.754   1.00 18.86 ? 91  ASP B N   1 
ATOM   1329 C  CA  . ASP B 2 16  ? 9.664   0.432   10.824  1.00 18.82 ? 91  ASP B CA  1 
ATOM   1330 C  C   . ASP B 2 16  ? 9.079   0.768   12.190  1.00 20.73 ? 91  ASP B C   1 
ATOM   1331 O  O   . ASP B 2 16  ? 9.039   -0.093  13.074  1.00 21.15 ? 91  ASP B O   1 
ATOM   1332 C  CB  . ASP B 2 16  ? 11.157  0.748   10.796  1.00 19.63 ? 91  ASP B CB  1 
ATOM   1333 C  CG  . ASP B 2 16  ? 11.850  0.182   9.577   1.00 19.98 ? 91  ASP B CG  1 
ATOM   1334 O  OD1 . ASP B 2 16  ? 11.273  -0.710  8.912   1.00 18.38 ? 91  ASP B OD1 1 
ATOM   1335 O  OD2 . ASP B 2 16  ? 12.989  0.608   9.294   1.00 20.75 ? 91  ASP B OD2 1 
ATOM   1336 N  N   . ASN B 2 17  ? 8.613   2.006   12.375  1.00 22.49 ? 92  ASN B N   1 
ATOM   1337 C  CA  . ASN B 2 17  ? 8.032   2.397   13.658  1.00 21.96 ? 92  ASN B CA  1 
ATOM   1338 C  C   . ASN B 2 17  ? 6.742   1.639   13.950  1.00 21.46 ? 92  ASN B C   1 
ATOM   1339 O  O   . ASN B 2 17  ? 6.531   1.179   15.078  1.00 23.06 ? 92  ASN B O   1 
ATOM   1340 C  CB  . ASN B 2 17  ? 7.789   3.908   13.677  1.00 22.87 ? 92  ASN B CB  1 
ATOM   1341 C  CG  . ASN B 2 17  ? 9.047   4.702   13.997  1.00 26.28 ? 92  ASN B CG  1 
ATOM   1342 O  OD1 . ASN B 2 17  ? 10.120  4.136   14.209  1.00 35.63 ? 92  ASN B OD1 1 
ATOM   1343 N  ND2 . ASN B 2 17  ? 8.916   6.027   14.018  1.00 30.10 ? 92  ASN B ND2 1 
ATOM   1344 N  N   . ILE B 2 18  ? 5.859   1.492   12.960  1.00 20.50 ? 93  ILE B N   1 
ATOM   1345 C  CA  . ILE B 2 18  ? 4.651   0.717   13.230  1.00 21.74 ? 93  ILE B CA  1 
ATOM   1346 C  C   . ILE B 2 18  ? 4.914   -0.787  13.236  1.00 20.10 ? 93  ILE B C   1 
ATOM   1347 O  O   . ILE B 2 18  ? 4.064   -1.545  13.720  1.00 23.88 ? 93  ILE B O   1 
ATOM   1348 C  CB  . ILE B 2 18  ? 3.513   1.021   12.238  1.00 21.43 ? 93  ILE B CB  1 
ATOM   1349 C  CG1 . ILE B 2 18  ? 3.936   0.725   10.794  1.00 20.27 ? 93  ILE B CG1 1 
ATOM   1350 C  CG2 . ILE B 2 18  ? 3.032   2.456   12.371  1.00 26.86 ? 93  ILE B CG2 1 
ATOM   1351 C  CD1 . ILE B 2 18  ? 2.766   0.757   9.845   1.00 23.25 ? 93  ILE B CD1 1 
ATOM   1352 N  N   . ASP B 2 19  ? 6.062   -1.239  12.715  1.00 22.66 ? 94  ASP B N   1 
ATOM   1353 C  CA  . ASP B 2 19  ? 6.390   -2.657  12.585  1.00 22.64 ? 94  ASP B CA  1 
ATOM   1354 C  C   . ASP B 2 19  ? 7.181   -3.168  13.789  1.00 23.82 ? 94  ASP B C   1 
ATOM   1355 O  O   . ASP B 2 19  ? 6.894   -2.815  14.935  1.00 24.38 ? 94  ASP B O   1 
ATOM   1356 C  CB  . ASP B 2 19  ? 7.191   -2.907  11.284  1.00 20.58 ? 94  ASP B CB  1 
ATOM   1357 C  CG  . ASP B 2 19  ? 7.570   -4.379  11.072  1.00 34.76 ? 94  ASP B CG  1 
ATOM   1358 O  OD1 . ASP B 2 19  ? 6.675   -5.212  10.809  1.00 34.89 ? 94  ASP B OD1 1 
ATOM   1359 O  OD2 . ASP B 2 19  ? 8.775   -4.705  11.241  1.00 26.14 ? 94  ASP B OD2 1 
ATOM   1360 N  N   . HIS B 2 20  ? 8.193   -3.989  13.515  1.00 27.53 ? 95  HIS B N   1 
ATOM   1361 C  CA  . HIS B 2 20  ? 8.929   -4.759  14.510  1.00 32.34 ? 95  HIS B CA  1 
ATOM   1362 C  C   . HIS B 2 20  ? 7.977   -5.545  15.404  1.00 24.71 ? 95  HIS B C   1 
ATOM   1363 O  O   . HIS B 2 20  ? 8.206   -5.713  16.600  1.00 29.76 ? 95  HIS B O   1 
ATOM   1364 C  CB  . HIS B 2 20  ? 9.868   -3.849  15.297  1.00 31.08 ? 95  HIS B CB  1 
ATOM   1365 C  CG  . HIS B 2 20  ? 10.881  -3.176  14.426  1.00 33.28 ? 95  HIS B CG  1 
ATOM   1366 N  ND1 . HIS B 2 20  ? 11.481  -3.817  13.362  1.00 38.74 ? 95  HIS B ND1 1 
ATOM   1367 C  CD2 . HIS B 2 20  ? 11.382  -1.919  14.438  1.00 35.03 ? 95  HIS B CD2 1 
ATOM   1368 C  CE1 . HIS B 2 20  ? 12.313  -2.986  12.761  1.00 32.59 ? 95  HIS B CE1 1 
ATOM   1369 N  NE2 . HIS B 2 20  ? 12.275  -1.829  13.397  1.00 34.34 ? 95  HIS B NE2 1 
ATOM   1370 N  N   . ARG B 2 21  ? 6.899   -6.053  14.798  1.00 24.97 ? 96  ARG B N   1 
ATOM   1371 C  CA  . ARG B 2 21  ? 5.905   -6.829  15.522  1.00 19.85 ? 96  ARG B CA  1 
ATOM   1372 C  C   . ARG B 2 21  ? 6.108   -8.330  15.397  1.00 20.15 ? 96  ARG B C   1 
ATOM   1373 O  O   . ARG B 2 21  ? 5.606   -9.073  16.243  1.00 22.79 ? 96  ARG B O   1 
ATOM   1374 C  CB  . ARG B 2 21  ? 4.489   -6.498  15.030  1.00 20.74 ? 96  ARG B CB  1 
ATOM   1375 C  CG  . ARG B 2 21  ? 4.182   -5.027  14.899  1.00 20.12 ? 96  ARG B CG  1 
ATOM   1376 C  CD  . ARG B 2 21  ? 2.689   -4.790  14.759  1.00 18.91 ? 96  ARG B CD  1 
ATOM   1377 N  NE  . ARG B 2 21  ? 2.396   -3.364  14.650  1.00 22.81 ? 96  ARG B NE  1 
ATOM   1378 C  CZ  . ARG B 2 21  ? 1.173   -2.844  14.630  1.00 22.98 ? 96  ARG B CZ  1 
ATOM   1379 N  NH1 . ARG B 2 21  ? 0.109   -3.632  14.714  1.00 21.78 ? 96  ARG B NH1 1 
ATOM   1380 N  NH2 . ARG B 2 21  ? 1.017   -1.530  14.516  1.00 26.45 ? 96  ARG B NH2 1 
ATOM   1381 N  N   . MET B 2 22  ? 6.795   -8.797  14.358  1.00 18.92 ? 97  MET B N   1 
ATOM   1382 C  CA  . MET B 2 22  ? 6.925   -10.232 14.155  1.00 19.81 ? 97  MET B CA  1 
ATOM   1383 C  C   . MET B 2 22  ? 7.900   -10.812 15.171  1.00 20.40 ? 97  MET B C   1 
ATOM   1384 O  O   . MET B 2 22  ? 8.932   -10.207 15.486  1.00 20.21 ? 97  MET B O   1 
ATOM   1385 C  CB  . MET B 2 22  ? 7.379   -10.533 12.729  1.00 26.62 ? 97  MET B CB  1 
ATOM   1386 C  CG  . MET B 2 22  ? 6.759   -11.806 12.170  1.00 32.66 ? 97  MET B CG  1 
ATOM   1387 S  SD  . MET B 2 22  ? 6.906   -11.925 10.376  1.00 41.75 ? 97  MET B SD  1 
ATOM   1388 C  CE  . MET B 2 22  ? 8.639   -11.540 10.203  1.00 28.24 ? 97  MET B CE  1 
ATOM   1389 N  N   . VAL B 2 23  ? 7.549   -11.975 15.708  1.00 20.58 ? 98  VAL B N   1 
ATOM   1390 C  CA  . VAL B 2 23  ? 8.342   -12.605 16.756  1.00 19.84 ? 98  VAL B CA  1 
ATOM   1391 C  C   . VAL B 2 23  ? 9.515   -13.330 16.110  1.00 21.86 ? 98  VAL B C   1 
ATOM   1392 O  O   . VAL B 2 23  ? 9.327   -14.152 15.208  1.00 24.58 ? 98  VAL B O   1 
ATOM   1393 C  CB  . VAL B 2 23  ? 7.491   -13.569 17.596  1.00 21.40 ? 98  VAL B CB  1 
ATOM   1394 C  CG1 . VAL B 2 23  ? 8.325   -14.118 18.740  1.00 20.64 ? 98  VAL B CG1 1 
ATOM   1395 C  CG2 . VAL B 2 23  ? 6.267   -12.849 18.148  1.00 25.32 ? 98  VAL B CG2 1 
ATOM   1396 N  N   . ARG B 2 24  ? 10.726  -13.008 16.556  1.00 21.61 ? 99  ARG B N   1 
ATOM   1397 C  CA  . ARG B 2 24  ? 11.915  -13.725 16.120  1.00 20.06 ? 99  ARG B CA  1 
ATOM   1398 C  C   . ARG B 2 24  ? 12.037  -15.003 16.939  1.00 23.75 ? 99  ARG B C   1 
ATOM   1399 O  O   . ARG B 2 24  ? 12.036  -14.957 18.174  1.00 23.25 ? 99  ARG B O   1 
ATOM   1400 C  CB  . ARG B 2 24  ? 13.158  -12.850 16.282  1.00 24.83 ? 99  ARG B CB  1 
ATOM   1401 C  CG  . ARG B 2 24  ? 14.390  -13.393 15.588  1.00 29.18 ? 99  ARG B CG  1 
ATOM   1402 C  CD  . ARG B 2 24  ? 15.669  -12.767 16.129  1.00 36.08 ? 99  ARG B CD  1 
ATOM   1403 N  NE  . ARG B 2 24  ? 15.597  -11.310 16.201  1.00 45.18 ? 99  ARG B NE  1 
ATOM   1404 C  CZ  . ARG B 2 24  ? 15.734  -10.502 15.156  1.00 45.07 ? 99  ARG B CZ  1 
ATOM   1405 N  NH1 . ARG B 2 24  ? 15.943  -11.012 13.949  1.00 52.09 ? 99  ARG B NH1 1 
ATOM   1406 N  NH2 . ARG B 2 24  ? 15.659  -9.187  15.316  1.00 50.52 ? 99  ARG B NH2 1 
ATOM   1407 N  N   . GLU B 2 25  ? 12.117  -16.146 16.260  1.00 24.34 ? 100 GLU B N   1 
ATOM   1408 C  CA  . GLU B 2 25  ? 12.206  -17.430 16.943  1.00 25.93 ? 100 GLU B CA  1 
ATOM   1409 C  C   . GLU B 2 25  ? 13.649  -17.903 17.084  1.00 31.09 ? 100 GLU B C   1 
ATOM   1410 O  O   . GLU B 2 25  ? 13.894  -19.101 17.274  1.00 29.98 ? 100 GLU B O   1 
ATOM   1411 C  CB  . GLU B 2 25  ? 11.351  -18.470 16.221  1.00 31.82 ? 100 GLU B CB  1 
ATOM   1412 C  CG  . GLU B 2 25  ? 9.852   -18.152 16.225  1.00 27.57 ? 100 GLU B CG  1 
ATOM   1413 C  CD  . GLU B 2 25  ? 9.190   -18.385 17.580  1.00 27.74 ? 100 GLU B CD  1 
ATOM   1414 O  OE1 . GLU B 2 25  ? 9.705   -19.207 18.372  1.00 21.63 ? 100 GLU B OE1 1 
ATOM   1415 O  OE2 . GLU B 2 25  ? 8.144   -17.755 17.843  1.00 22.91 ? 100 GLU B OE2 1 
ATOM   1416 N  N   . ASP B 2 26  ? 14.603  -16.982 17.006  1.00 32.19 ? 101 ASP B N   1 
ATOM   1417 C  CA  . ASP B 2 26  ? 16.016  -17.287 17.212  1.00 34.96 ? 101 ASP B CA  1 
ATOM   1418 C  C   . ASP B 2 26  ? 16.696  -16.164 17.991  1.00 29.50 ? 101 ASP B C   1 
ATOM   1419 O  O   . ASP B 2 26  ? 16.058  -15.192 18.420  1.00 28.04 ? 101 ASP B O   1 
ATOM   1420 C  CB  . ASP B 2 26  ? 16.730  -17.512 15.872  1.00 40.16 ? 101 ASP B CB  1 
ATOM   1421 C  CG  . ASP B 2 26  ? 16.342  -16.485 14.822  1.00 41.31 ? 101 ASP B CG  1 
ATOM   1422 O  OD1 . ASP B 2 26  ? 15.469  -16.794 13.981  1.00 49.00 ? 101 ASP B OD1 1 
ATOM   1423 O  OD2 . ASP B 2 26  ? 16.897  -15.368 14.844  1.00 46.94 ? 101 ASP B OD2 1 
ATOM   1424 O  OXT . ASP B 2 26  ? 17.907  -16.208 18.205  1.00 31.78 ? 101 ASP B OXT 1 
HETATM 1425 S  S   . SO4 C 3 .   ? -3.181  -11.580 -8.035  0.57 16.06 ? 301 SO4 A S   1 
HETATM 1426 O  O1  . SO4 C 3 .   ? -2.563  -11.990 -9.295  0.57 15.30 ? 301 SO4 A O1  1 
HETATM 1427 O  O2  . SO4 C 3 .   ? -2.690  -12.452 -6.967  0.57 16.48 ? 301 SO4 A O2  1 
HETATM 1428 O  O3  . SO4 C 3 .   ? -2.824  -10.191 -7.748  0.57 15.30 ? 301 SO4 A O3  1 
HETATM 1429 O  O4  . SO4 C 3 .   ? -4.638  -11.678 -8.137  0.57 16.48 ? 301 SO4 A O4  1 
HETATM 1430 MG MG  . MG  D 4 .   ? 5.763   -6.368  11.650  1.00 26.68 ? 201 MG  B MG  1 
HETATM 1431 O  O   . HOH E 5 .   ? -11.665 16.227  -11.885 1.00 24.02 ? 401 HOH A O   1 
HETATM 1432 O  O   . HOH E 5 .   ? -6.037  4.548   -16.492 1.00 23.87 ? 402 HOH A O   1 
HETATM 1433 O  O   . HOH E 5 .   ? 16.903  5.978   -5.410  1.00 39.20 ? 403 HOH A O   1 
HETATM 1434 O  O   . HOH E 5 .   ? 11.972  -8.409  8.098   1.00 39.65 ? 404 HOH A O   1 
HETATM 1435 O  O   . HOH E 5 .   ? 10.268  -10.881 -1.668  1.00 21.32 ? 405 HOH A O   1 
HETATM 1436 O  O   . HOH E 5 .   ? -17.971 -15.464 2.566   1.00 37.60 ? 406 HOH A O   1 
HETATM 1437 O  O   . HOH E 5 .   ? -8.763  -6.468  16.551  1.00 30.69 ? 407 HOH A O   1 
HETATM 1438 O  O   . HOH E 5 .   ? 10.833  -1.327  -8.715  1.00 34.18 ? 408 HOH A O   1 
HETATM 1439 O  O   . HOH E 5 .   ? 4.021   -11.849 -11.017 1.00 22.60 ? 409 HOH A O   1 
HETATM 1440 O  O   . HOH E 5 .   ? 12.816  -3.577  -5.136  1.00 24.30 ? 410 HOH A O   1 
HETATM 1441 O  O   . HOH E 5 .   ? -4.620  -2.841  11.483  1.00 22.36 ? 411 HOH A O   1 
HETATM 1442 O  O   . HOH E 5 .   ? 19.566  -4.806  5.776   1.00 36.33 ? 412 HOH A O   1 
HETATM 1443 O  O   . HOH E 5 .   ? 5.647   -2.375  -10.475 1.00 13.72 ? 413 HOH A O   1 
HETATM 1444 O  O   . HOH E 5 .   ? 8.197   -6.210  -11.838 1.00 21.32 ? 414 HOH A O   1 
HETATM 1445 O  O   . HOH E 5 .   ? -3.677  8.794   18.339  1.00 33.58 ? 415 HOH A O   1 
HETATM 1446 O  O   . HOH E 5 .   ? 6.774   15.502  -16.356 1.00 31.85 ? 416 HOH A O   1 
HETATM 1447 O  O   . HOH E 5 .   ? 10.228  16.255  10.662  1.00 23.31 ? 417 HOH A O   1 
HETATM 1448 O  O   . HOH E 5 .   ? -5.268  8.991   6.571   1.00 29.35 ? 418 HOH A O   1 
HETATM 1449 O  O   . HOH E 5 .   ? -7.256  -2.986  2.327   1.00 24.09 ? 419 HOH A O   1 
HETATM 1450 O  O   . HOH E 5 .   ? 2.149   -2.936  -13.688 1.00 12.66 ? 420 HOH A O   1 
HETATM 1451 O  O   . HOH E 5 .   ? 6.159   13.955  3.072   1.00 28.74 ? 421 HOH A O   1 
HETATM 1452 O  O   . HOH E 5 .   ? -9.043  4.283   11.164  0.50 26.97 ? 422 HOH A O   1 
HETATM 1453 O  O   . HOH E 5 .   ? -8.620  -7.954  10.613  1.00 24.23 ? 423 HOH A O   1 
HETATM 1454 O  O   . HOH E 5 .   ? -0.073  -14.415 -0.688  1.00 22.92 ? 424 HOH A O   1 
HETATM 1455 O  O   . HOH E 5 .   ? 17.011  -0.396  8.075   1.00 29.84 ? 425 HOH A O   1 
HETATM 1456 O  O   . HOH E 5 .   ? -2.856  6.553   1.498   1.00 17.29 ? 426 HOH A O   1 
HETATM 1457 O  O   . HOH E 5 .   ? -6.688  -17.536 -5.276  1.00 15.80 ? 427 HOH A O   1 
HETATM 1458 O  O   . HOH E 5 .   ? -5.212  -1.261  -13.396 1.00 21.11 ? 428 HOH A O   1 
HETATM 1459 O  O   . HOH E 5 .   ? 15.453  0.132   2.499   1.00 20.15 ? 429 HOH A O   1 
HETATM 1460 O  O   . HOH E 5 .   ? -16.500 1.084   -13.601 1.00 27.24 ? 430 HOH A O   1 
HETATM 1461 O  O   . HOH E 5 .   ? -6.949  -14.853 2.658   1.00 35.94 ? 431 HOH A O   1 
HETATM 1462 O  O   . HOH E 5 .   ? -4.571  -14.861 10.927  1.00 33.56 ? 432 HOH A O   1 
HETATM 1463 O  O   . HOH E 5 .   ? -14.252 -0.990  -4.521  1.00 28.99 ? 433 HOH A O   1 
HETATM 1464 O  O   . HOH E 5 .   ? 7.265   12.702  -10.128 1.00 32.04 ? 434 HOH A O   1 
HETATM 1465 O  O   . HOH E 5 .   ? 3.493   15.112  -6.268  1.00 43.23 ? 435 HOH A O   1 
HETATM 1466 O  O   . HOH E 5 .   ? -7.649  -1.556  -13.185 1.00 25.35 ? 436 HOH A O   1 
HETATM 1467 O  O   . HOH E 5 .   ? -10.490 -0.972  -15.992 1.00 26.26 ? 437 HOH A O   1 
HETATM 1468 O  O   . HOH E 5 .   ? 4.836   16.518  4.422   1.00 45.10 ? 438 HOH A O   1 
HETATM 1469 O  O   . HOH E 5 .   ? -17.741 9.218   -5.386  1.00 33.88 ? 439 HOH A O   1 
HETATM 1470 O  O   . HOH E 5 .   ? -11.784 -10.529 -7.609  1.00 33.51 ? 440 HOH A O   1 
HETATM 1471 O  O   . HOH E 5 .   ? -19.649 -8.556  2.717   1.00 26.38 ? 441 HOH A O   1 
HETATM 1472 O  O   . HOH E 5 .   ? -10.118 -7.520  -7.542  1.00 18.41 ? 442 HOH A O   1 
HETATM 1473 O  O   . HOH E 5 .   ? 15.306  -6.321  -0.402  1.00 33.22 ? 443 HOH A O   1 
HETATM 1474 O  O   . HOH E 5 .   ? 3.880   14.381  -17.765 1.00 24.17 ? 444 HOH A O   1 
HETATM 1475 O  O   . HOH E 5 .   ? -14.944 6.066   3.441   1.00 32.13 ? 445 HOH A O   1 
HETATM 1476 O  O   . HOH E 5 .   ? -11.256 15.214  -1.083  1.00 34.52 ? 446 HOH A O   1 
HETATM 1477 O  O   . HOH E 5 .   ? -13.874 3.841   -3.749  1.00 19.51 ? 447 HOH A O   1 
HETATM 1478 O  O   . HOH E 5 .   ? -10.077 13.998  -11.805 1.00 22.66 ? 448 HOH A O   1 
HETATM 1479 O  O   . HOH E 5 .   ? 14.671  -2.807  -3.434  1.00 22.64 ? 449 HOH A O   1 
HETATM 1480 O  O   . HOH E 5 .   ? 6.072   15.811  -2.066  1.00 41.83 ? 450 HOH A O   1 
HETATM 1481 O  O   . HOH E 5 .   ? -7.486  5.349   -13.756 1.00 15.55 ? 451 HOH A O   1 
HETATM 1482 O  O   . HOH E 5 .   ? -0.971  -12.536 -1.644  1.00 25.75 ? 452 HOH A O   1 
HETATM 1483 O  O   . HOH E 5 .   ? -7.327  8.888   1.748   1.00 21.51 ? 453 HOH A O   1 
HETATM 1484 O  O   . HOH E 5 .   ? 11.099  10.768  -11.366 1.00 27.08 ? 454 HOH A O   1 
HETATM 1485 O  O   . HOH E 5 .   ? -15.236 -2.782  -6.300  1.00 29.60 ? 455 HOH A O   1 
HETATM 1486 O  O   . HOH E 5 .   ? 15.521  3.796   -6.126  1.00 23.25 ? 456 HOH A O   1 
HETATM 1487 O  O   . HOH E 5 .   ? -2.823  12.519  -1.520  1.00 27.22 ? 457 HOH A O   1 
HETATM 1488 O  O   . HOH E 5 .   ? -0.632  -6.679  17.680  1.00 30.26 ? 458 HOH A O   1 
HETATM 1489 O  O   . HOH E 5 .   ? -3.457  -8.238  16.320  1.00 31.41 ? 459 HOH A O   1 
HETATM 1490 O  O   . HOH E 5 .   ? -14.945 -1.166  -10.689 1.00 22.25 ? 460 HOH A O   1 
HETATM 1491 O  O   . HOH E 5 .   ? 12.560  -9.560  -5.830  1.00 30.12 ? 461 HOH A O   1 
HETATM 1492 O  O   . HOH E 5 .   ? -4.802  9.947   4.682   1.00 37.54 ? 462 HOH A O   1 
HETATM 1493 O  O   . HOH E 5 .   ? -18.694 -13.617 -1.515  1.00 39.65 ? 463 HOH A O   1 
HETATM 1494 O  O   . HOH E 5 .   ? -8.057  -8.478  17.032  1.00 35.26 ? 464 HOH A O   1 
HETATM 1495 O  O   . HOH E 5 .   ? -5.240  8.686   9.418   1.00 23.74 ? 465 HOH A O   1 
HETATM 1496 O  O   . HOH E 5 .   ? -8.888  -5.854  12.362  1.00 31.12 ? 466 HOH A O   1 
HETATM 1497 O  O   . HOH E 5 .   ? -13.448 -8.747  8.964   1.00 34.96 ? 467 HOH A O   1 
HETATM 1498 O  O   . HOH E 5 .   ? -18.954 -7.432  -4.675  1.00 34.95 ? 468 HOH A O   1 
HETATM 1499 O  O   . HOH E 5 .   ? 6.118   -2.573  -13.160 1.00 20.82 ? 469 HOH A O   1 
HETATM 1500 O  O   . HOH E 5 .   ? -13.216 -6.270  5.081   1.00 27.81 ? 470 HOH A O   1 
HETATM 1501 O  O   . HOH E 5 .   ? 0.031   -8.353  -11.245 0.62 17.55 ? 471 HOH A O   1 
HETATM 1502 O  O   . HOH E 5 .   ? -0.451  -14.946 1.854   1.00 25.37 ? 472 HOH A O   1 
HETATM 1503 O  O   . HOH E 5 .   ? 0.027   11.010  5.986   1.00 28.24 ? 473 HOH A O   1 
HETATM 1504 O  O   . HOH E 5 .   ? 1.565   -2.594  -18.038 1.00 25.58 ? 474 HOH A O   1 
HETATM 1505 O  O   . HOH E 5 .   ? -14.907 2.466   1.638   1.00 36.55 ? 475 HOH A O   1 
HETATM 1506 O  O   . HOH E 5 .   ? -1.601  -16.640 4.992   1.00 24.04 ? 476 HOH A O   1 
HETATM 1507 O  O   . HOH E 5 .   ? 13.084  -13.217 0.496   1.00 45.49 ? 477 HOH A O   1 
HETATM 1508 O  O   . HOH E 5 .   ? -10.494 -15.821 2.276   1.00 34.13 ? 478 HOH A O   1 
HETATM 1509 O  O   . HOH E 5 .   ? 3.074   -19.374 2.977   1.00 36.84 ? 479 HOH A O   1 
HETATM 1510 O  O   . HOH E 5 .   ? 14.150  -8.654  4.463   1.00 29.86 ? 480 HOH A O   1 
HETATM 1511 O  O   . HOH E 5 .   ? -6.090  -10.901 14.595  1.00 37.96 ? 481 HOH A O   1 
HETATM 1512 O  O   . HOH E 5 .   ? -18.753 7.986   -3.334  1.00 36.97 ? 482 HOH A O   1 
HETATM 1513 O  O   . HOH E 5 .   ? -21.291 -16.667 5.914   1.00 41.73 ? 483 HOH A O   1 
HETATM 1514 O  O   . HOH E 5 .   ? -16.937 6.445   -2.400  1.00 33.22 ? 484 HOH A O   1 
HETATM 1515 O  O   . HOH E 5 .   ? 13.138  -4.942  8.894   1.00 27.93 ? 485 HOH A O   1 
HETATM 1516 O  O   . HOH E 5 .   ? -12.143 6.476   7.702   1.00 29.21 ? 486 HOH A O   1 
HETATM 1517 O  O   . HOH E 5 .   ? 13.341  -10.428 6.322   1.00 36.50 ? 487 HOH A O   1 
HETATM 1518 O  O   . HOH E 5 .   ? -14.222 -6.477  0.984   1.00 34.07 ? 488 HOH A O   1 
HETATM 1519 O  O   . HOH E 5 .   ? -2.316  11.278  4.835   1.00 39.11 ? 489 HOH A O   1 
HETATM 1520 O  O   . HOH E 5 .   ? -0.826  -5.756  -12.083 1.00 13.38 ? 490 HOH A O   1 
HETATM 1521 O  O   . HOH E 5 .   ? -4.988  0.223   -16.454 1.00 25.08 ? 491 HOH A O   1 
HETATM 1522 O  O   . HOH E 5 .   ? -16.169 1.741   -6.316  1.00 25.26 ? 492 HOH A O   1 
HETATM 1523 O  O   . HOH E 5 .   ? -9.370  2.096   -16.315 1.00 35.60 ? 493 HOH A O   1 
HETATM 1524 O  O   . HOH E 5 .   ? -17.127 8.264   -0.558  1.00 35.69 ? 494 HOH A O   1 
HETATM 1525 O  O   . HOH E 5 .   ? -12.656 -0.828  0.916   1.00 31.76 ? 495 HOH A O   1 
HETATM 1526 O  O   . HOH E 5 .   ? -5.883  11.800  -16.666 1.00 27.95 ? 496 HOH A O   1 
HETATM 1527 O  O   . HOH E 5 .   ? -7.886  -20.478 -2.374  1.00 38.51 ? 497 HOH A O   1 
HETATM 1528 O  O   . HOH E 5 .   ? -14.625 2.954   -15.176 1.00 29.82 ? 498 HOH A O   1 
HETATM 1529 O  O   . HOH E 5 .   ? -14.858 -1.342  -0.755  1.00 37.03 ? 499 HOH A O   1 
HETATM 1530 O  O   . HOH E 5 .   ? 5.016   -14.164 -9.699  1.00 23.33 ? 500 HOH A O   1 
HETATM 1531 O  O   . HOH E 5 .   ? -3.071  -0.816  12.933  1.00 28.28 ? 501 HOH A O   1 
HETATM 1532 O  O   . HOH E 5 .   ? -14.493 -7.829  2.890   1.00 30.97 ? 502 HOH A O   1 
HETATM 1533 O  O   . HOH E 5 .   ? 13.652  2.371   -11.451 1.00 35.65 ? 503 HOH A O   1 
HETATM 1534 O  O   . HOH E 5 .   ? 10.469  9.262   -16.117 1.00 27.15 ? 504 HOH A O   1 
HETATM 1535 O  O   . HOH E 5 .   ? -4.412  -14.723 3.521   1.00 35.19 ? 505 HOH A O   1 
HETATM 1536 O  O   . HOH E 5 .   ? -13.087 -0.347  6.805   1.00 36.92 ? 506 HOH A O   1 
HETATM 1537 O  O   . HOH E 5 .   ? -11.364 1.051   10.277  1.00 38.51 ? 507 HOH A O   1 
HETATM 1538 O  O   . HOH E 5 .   ? 12.516  -13.764 4.527   1.00 43.71 ? 508 HOH A O   1 
HETATM 1539 O  O   . HOH E 5 .   ? 3.936   16.429  -4.401  1.00 52.20 ? 509 HOH A O   1 
HETATM 1540 O  O   . HOH E 5 .   ? 10.063  -3.321  -10.410 1.00 28.64 ? 510 HOH A O   1 
HETATM 1541 O  O   . HOH E 5 .   ? -10.488 -8.495  14.807  1.00 43.18 ? 511 HOH A O   1 
HETATM 1542 O  O   . HOH E 5 .   ? 13.072  1.032   -14.254 1.00 41.28 ? 512 HOH A O   1 
HETATM 1543 O  O   . HOH E 5 .   ? -11.158 0.459   8.204   1.00 34.94 ? 513 HOH A O   1 
HETATM 1544 O  O   . HOH E 5 .   ? -8.635  -9.799  12.752  1.00 31.10 ? 514 HOH A O   1 
HETATM 1545 O  O   . HOH E 5 .   ? 2.948   14.693  6.292   1.00 30.57 ? 515 HOH A O   1 
HETATM 1546 O  O   . HOH E 5 .   ? 15.668  2.966   -8.264  1.00 37.14 ? 516 HOH A O   1 
HETATM 1547 O  O   . HOH E 5 .   ? -14.296 1.263   -0.389  1.00 38.43 ? 517 HOH A O   1 
HETATM 1548 O  O   . HOH E 5 .   ? -15.811 -9.469  -7.757  1.00 37.81 ? 518 HOH A O   1 
HETATM 1549 O  O   . HOH E 5 .   ? -2.869  15.053  -17.114 1.00 28.84 ? 519 HOH A O   1 
HETATM 1550 O  O   . HOH E 5 .   ? -6.977  -21.380 -0.094  1.00 34.00 ? 520 HOH A O   1 
HETATM 1551 O  O   . HOH E 5 .   ? -2.627  -18.008 1.013   1.00 44.59 ? 521 HOH A O   1 
HETATM 1552 O  O   . HOH E 5 .   ? -4.741  -3.741  -10.202 1.00 32.97 ? 522 HOH A O   1 
HETATM 1553 O  O   . HOH E 5 .   ? -7.851  -3.581  12.009  1.00 25.41 ? 523 HOH A O   1 
HETATM 1554 O  O   . HOH E 5 .   ? 5.706   15.123  -18.160 1.00 44.98 ? 524 HOH A O   1 
HETATM 1555 O  O   . HOH E 5 .   ? 12.545  -7.167  -2.083  1.00 45.04 ? 525 HOH A O   1 
HETATM 1556 O  O   . HOH E 5 .   ? 7.583   -4.249  -10.000 1.00 16.42 ? 526 HOH A O   1 
HETATM 1557 O  O   . HOH E 5 .   ? -16.547 2.421   -3.889  1.00 40.12 ? 527 HOH A O   1 
HETATM 1558 O  O   . HOH E 5 .   ? 6.705   -17.351 9.905   1.00 44.44 ? 528 HOH A O   1 
HETATM 1559 O  O   . HOH E 5 .   ? 0.111   -17.821 -0.920  1.00 37.52 ? 529 HOH A O   1 
HETATM 1560 O  O   . HOH E 5 .   ? -12.996 3.016   -16.553 1.00 36.69 ? 530 HOH A O   1 
HETATM 1561 O  O   . HOH E 5 .   ? 1.726   11.753  -2.947  1.00 30.75 ? 531 HOH A O   1 
HETATM 1562 O  O   . HOH E 5 .   ? -2.572  -16.114 2.054   1.00 33.26 ? 532 HOH A O   1 
HETATM 1563 O  O   . HOH E 5 .   ? 17.193  -7.853  1.922   1.00 46.23 ? 533 HOH A O   1 
HETATM 1564 O  O   . HOH E 5 .   ? -4.177  9.053   1.332   1.00 29.78 ? 534 HOH A O   1 
HETATM 1565 O  O   . HOH E 5 .   ? 3.455   16.040  -2.352  1.00 38.32 ? 535 HOH A O   1 
HETATM 1566 O  O   . HOH E 5 .   ? 12.482  0.420   -12.131 1.00 36.96 ? 536 HOH A O   1 
HETATM 1567 O  O   . HOH E 5 .   ? -1.219  -19.401 -0.832  1.00 36.26 ? 537 HOH A O   1 
HETATM 1568 O  O   . HOH E 5 .   ? 1.582   -17.596 1.940   1.00 36.45 ? 538 HOH A O   1 
HETATM 1569 O  O   . HOH E 5 .   ? -4.812  3.542   -18.859 1.00 35.08 ? 539 HOH A O   1 
HETATM 1570 O  O   . HOH E 5 .   ? 14.051  -9.380  1.257   1.00 42.64 ? 540 HOH A O   1 
HETATM 1571 O  O   . HOH E 5 .   ? -16.288 -1.474  -7.994  1.00 34.70 ? 541 HOH A O   1 
HETATM 1572 O  O   . HOH E 5 .   ? -2.383  5.034   -18.975 1.00 28.79 ? 542 HOH A O   1 
HETATM 1573 O  O   . HOH E 5 .   ? 12.700  -10.692 -0.201  1.00 41.27 ? 543 HOH A O   1 
HETATM 1574 O  O   . HOH E 5 .   ? 4.300   -2.636  -15.236 1.00 20.04 ? 544 HOH A O   1 
HETATM 1575 O  O   . HOH E 5 .   ? 13.019  -11.958 -2.753  1.00 40.69 ? 545 HOH A O   1 
HETATM 1576 O  O   . HOH E 5 .   ? -8.966  -16.937 0.114   1.00 44.09 ? 546 HOH A O   1 
HETATM 1577 O  O   . HOH E 5 .   ? 11.903  10.343  -14.029 1.00 37.30 ? 547 HOH A O   1 
HETATM 1578 O  O   . HOH E 5 .   ? 1.214   16.282  6.149   1.00 38.28 ? 548 HOH A O   1 
HETATM 1579 O  O   . HOH E 5 .   ? 2.501   9.616   2.220   1.00 37.87 ? 549 HOH A O   1 
HETATM 1580 O  O   . HOH E 5 .   ? 7.324   15.292  0.281   1.00 43.76 ? 550 HOH A O   1 
HETATM 1581 O  O   . HOH E 5 .   ? 3.955   11.413  -0.364  1.00 42.97 ? 551 HOH A O   1 
HETATM 1582 O  O   . HOH E 5 .   ? 2.653   16.991  2.841   1.00 46.72 ? 552 HOH A O   1 
HETATM 1583 O  O   . HOH E 5 .   ? 1.535   12.701  3.406   1.00 43.88 ? 553 HOH A O   1 
HETATM 1584 O  O   . HOH E 5 .   ? 1.604   15.017  3.588   1.00 37.22 ? 554 HOH A O   1 
HETATM 1585 O  O   . HOH E 5 .   ? -7.233  -21.231 2.771   1.00 45.04 ? 555 HOH A O   1 
HETATM 1586 O  O   . HOH E 5 .   ? 1.323   16.278  0.931   1.00 47.62 ? 556 HOH A O   1 
HETATM 1587 O  O   . HOH F 5 .   ? 13.511  9.559   9.654   1.00 38.64 ? 301 HOH B O   1 
HETATM 1588 O  O   . HOH F 5 .   ? 15.441  16.160  -5.553  1.00 36.33 ? 302 HOH B O   1 
HETATM 1589 O  O   . HOH F 5 .   ? 19.917  -16.266 16.742  1.00 43.04 ? 303 HOH B O   1 
HETATM 1590 O  O   . HOH F 5 .   ? 6.669   -17.153 15.844  1.00 31.82 ? 304 HOH B O   1 
HETATM 1591 O  O   . HOH F 5 .   ? 10.270  16.399  5.916   1.00 40.34 ? 305 HOH B O   1 
HETATM 1592 O  O   . HOH F 5 .   ? 11.253  -21.302 18.464  1.00 29.12 ? 306 HOH B O   1 
HETATM 1593 O  O   . HOH F 5 .   ? 13.528  13.548  6.330   1.00 25.81 ? 307 HOH B O   1 
HETATM 1594 O  O   . HOH F 5 .   ? 12.212  -12.794 19.671  1.00 19.69 ? 308 HOH B O   1 
HETATM 1595 O  O   . HOH F 5 .   ? 14.151  2.923   9.869   1.00 27.92 ? 309 HOH B O   1 
HETATM 1596 O  O   . HOH F 5 .   ? 12.308  -16.178 13.585  1.00 32.30 ? 310 HOH B O   1 
HETATM 1597 O  O   . HOH F 5 .   ? 16.202  -20.505 17.350  1.00 35.40 ? 311 HOH B O   1 
HETATM 1598 O  O   . HOH F 5 .   ? 14.268  -0.700  11.326  1.00 38.73 ? 312 HOH B O   1 
HETATM 1599 O  O   . HOH F 5 .   ? 13.236  -8.162  14.266  1.00 40.04 ? 313 HOH B O   1 
HETATM 1600 O  O   . HOH F 5 .   ? 6.890   -3.771  18.195  1.00 35.59 ? 314 HOH B O   1 
HETATM 1601 O  O   . HOH F 5 .   ? 8.656   8.870   14.224  1.00 30.45 ? 315 HOH B O   1 
HETATM 1602 O  O   . HOH F 5 .   ? 20.674  8.788   4.058   1.00 48.49 ? 316 HOH B O   1 
HETATM 1603 O  O   . HOH F 5 .   ? 15.201  -12.874 19.934  1.00 20.46 ? 317 HOH B O   1 
HETATM 1604 O  O   . HOH F 5 .   ? 7.502   -7.765  9.708   1.00 20.85 ? 318 HOH B O   1 
HETATM 1605 O  O   . HOH F 5 .   ? 3.667   -8.002  18.176  1.00 24.89 ? 319 HOH B O   1 
HETATM 1606 O  O   . HOH F 5 .   ? 14.245  4.861   7.479   1.00 30.36 ? 320 HOH B O   1 
HETATM 1607 O  O   . HOH F 5 .   ? 16.142  11.840  -5.251  1.00 39.49 ? 321 HOH B O   1 
HETATM 1608 O  O   . HOH F 5 .   ? 17.476  -9.043  17.860  1.00 27.96 ? 322 HOH B O   1 
HETATM 1609 O  O   . HOH F 5 .   ? 4.914   -13.429 14.757  1.00 31.06 ? 323 HOH B O   1 
HETATM 1610 O  O   . HOH F 5 .   ? 14.503  13.102  -6.503  1.00 38.85 ? 324 HOH B O   1 
HETATM 1611 O  O   . HOH F 5 .   ? 18.760  -13.007 17.952  1.00 39.54 ? 325 HOH B O   1 
HETATM 1612 O  O   . HOH F 5 .   ? 3.962   -0.264  16.794  1.00 39.65 ? 326 HOH B O   1 
HETATM 1613 O  O   . HOH F 5 .   ? 13.350  -6.530  15.685  1.00 36.76 ? 327 HOH B O   1 
HETATM 1614 O  O   . HOH F 5 .   ? 17.008  1.945   9.390   1.00 37.25 ? 328 HOH B O   1 
HETATM 1615 O  O   . HOH F 5 .   ? 14.362  9.947   7.368   1.00 35.76 ? 329 HOH B O   1 
# 
loop_
_pdbx_poly_seq_scheme.asym_id 
_pdbx_poly_seq_scheme.entity_id 
_pdbx_poly_seq_scheme.seq_id 
_pdbx_poly_seq_scheme.mon_id 
_pdbx_poly_seq_scheme.ndb_seq_num 
_pdbx_poly_seq_scheme.pdb_seq_num 
_pdbx_poly_seq_scheme.auth_seq_num 
_pdbx_poly_seq_scheme.pdb_mon_id 
_pdbx_poly_seq_scheme.auth_mon_id 
_pdbx_poly_seq_scheme.pdb_strand_id 
_pdbx_poly_seq_scheme.pdb_ins_code 
_pdbx_poly_seq_scheme.hetero 
A 1 1   GLY 1   -2  ?   ?   ?   A . n 
A 1 2   SER 2   -1  ?   ?   ?   A . n 
A 1 3   HIS 3   0   ?   ?   ?   A . n 
A 1 4   MET 4   1   ?   ?   ?   A . n 
A 1 5   SER 5   2   2   SER SER A . n 
A 1 6   GLN 6   3   3   GLN GLN A . n 
A 1 7   SER 7   4   4   SER SER A . n 
A 1 8   ASN 8   5   5   ASN ASN A . n 
A 1 9   ARG 9   6   6   ARG ARG A . n 
A 1 10  GLU 10  7   7   GLU GLU A . n 
A 1 11  LEU 11  8   8   LEU LEU A . n 
A 1 12  VAL 12  9   9   VAL VAL A . n 
A 1 13  VAL 13  10  10  VAL VAL A . n 
A 1 14  ASP 14  11  11  ASP ASP A . n 
A 1 15  PHE 15  12  12  PHE PHE A . n 
A 1 16  LEU 16  13  13  LEU LEU A . n 
A 1 17  SER 17  14  14  SER SER A . n 
A 1 18  TYR 18  15  15  TYR TYR A . n 
A 1 19  LYS 19  16  16  LYS LYS A . n 
A 1 20  LEU 20  17  17  LEU LEU A . n 
A 1 21  SER 21  18  18  SER SER A . n 
A 1 22  GLN 22  19  19  GLN GLN A . n 
A 1 23  LYS 23  20  20  LYS LYS A . n 
A 1 24  GLY 24  21  21  GLY GLY A . n 
A 1 25  TYR 25  22  22  TYR TYR A . n 
A 1 26  SER 26  23  23  SER SER A . n 
A 1 27  TRP 27  24  24  TRP TRP A . n 
A 1 28  SER 28  25  25  SER SER A . n 
A 1 29  GLN 29  26  26  GLN GLN A . n 
A 1 30  PHE 30  27  27  PHE PHE A . n 
A 1 31  SER 31  28  28  SER SER A . n 
A 1 32  ASP 32  29  29  ASP ASP A . n 
A 1 33  VAL 33  30  30  VAL VAL A . n 
A 1 34  GLU 34  31  31  GLU GLU A . n 
A 1 35  GLU 35  32  32  GLU GLU A . n 
A 1 36  ASN 36  33  33  ASN ASN A . n 
A 1 37  ARG 37  34  34  ARG ARG A . n 
A 1 38  THR 38  35  35  THR THR A . n 
A 1 39  GLU 39  36  36  GLU GLU A . n 
A 1 40  ALA 40  37  37  ALA ALA A . n 
A 1 41  PRO 41  38  38  PRO PRO A . n 
A 1 42  GLU 42  39  39  GLU GLU A . n 
A 1 43  GLU 43  40  40  GLU GLU A . n 
A 1 44  THR 44  41  41  THR THR A . n 
A 1 45  GLU 45  42  42  GLU GLU A . n 
A 1 46  SER 46  84  84  SER SER A . n 
A 1 47  ALA 47  85  85  ALA ALA A . n 
A 1 48  VAL 48  86  86  VAL VAL A . n 
A 1 49  LYS 49  87  87  LYS LYS A . n 
A 1 50  GLN 50  88  88  GLN GLN A . n 
A 1 51  ALA 51  89  89  ALA ALA A . n 
A 1 52  LEU 52  90  90  LEU LEU A . n 
A 1 53  ARG 53  91  91  ARG ARG A . n 
A 1 54  GLU 54  92  92  GLU GLU A . n 
A 1 55  ALA 55  93  93  ALA ALA A . n 
A 1 56  GLY 56  94  94  GLY GLY A . n 
A 1 57  ASP 57  95  95  ASP ASP A . n 
A 1 58  GLU 58  96  96  GLU GLU A . n 
A 1 59  PHE 59  97  97  PHE PHE A . n 
A 1 60  GLU 60  98  98  GLU GLU A . n 
A 1 61  LEU 61  99  99  LEU LEU A . n 
A 1 62  ARG 62  100 100 ARG ARG A . n 
A 1 63  TYR 63  101 101 TYR TYR A . n 
A 1 64  ARG 64  102 102 ARG ARG A . n 
A 1 65  ARG 65  103 103 ARG ARG A . n 
A 1 66  ALA 66  104 104 ALA ALA A . n 
A 1 67  PHE 67  105 105 PHE PHE A . n 
A 1 68  SER 68  106 ?   ?   ?   A . n 
A 1 69  ASP 69  107 ?   ?   ?   A . n 
A 1 70  LEU 70  108 ?   ?   ?   A . n 
A 1 71  THR 71  109 ?   ?   ?   A . n 
A 1 72  SER 72  110 ?   ?   ?   A . n 
A 1 73  GLN 73  111 111 GLN GLN A . n 
A 1 74  LEU 74  112 112 LEU LEU A . n 
A 1 75  HIS 75  113 113 HIS HIS A . n 
A 1 76  ILE 76  114 114 ILE ILE A . n 
A 1 77  THR 77  115 115 THR THR A . n 
A 1 78  PRO 78  116 116 PRO PRO A . n 
A 1 79  GLY 79  117 117 GLY GLY A . n 
A 1 80  THR 80  118 118 THR THR A . n 
A 1 81  ALA 81  119 119 ALA ALA A . n 
A 1 82  TYR 82  120 120 TYR TYR A . n 
A 1 83  GLN 83  121 121 GLN GLN A . n 
A 1 84  SER 84  122 122 SER SER A . n 
A 1 85  PHE 85  123 123 PHE PHE A . n 
A 1 86  GLU 86  124 124 GLU GLU A . n 
A 1 87  GLN 87  125 125 GLN GLN A . n 
A 1 88  VAL 88  126 126 VAL VAL A . n 
A 1 89  VAL 89  127 127 VAL VAL A . n 
A 1 90  ASN 90  128 128 ASN ASN A . n 
A 1 91  GLU 91  129 129 GLU GLU A . n 
A 1 92  LEU 92  130 130 LEU LEU A . n 
A 1 93  PHE 93  131 131 PHE PHE A . n 
A 1 94  ARG 94  132 132 ARG ARG A . n 
A 1 95  ASP 95  133 133 ASP ASP A . n 
A 1 96  GLY 96  134 134 GLY GLY A . n 
A 1 97  VAL 97  135 135 VAL VAL A . n 
A 1 98  ASN 98  136 136 ASN ASN A . n 
A 1 99  TRP 99  137 137 TRP TRP A . n 
A 1 100 GLY 100 138 138 GLY GLY A . n 
A 1 101 ARG 101 139 139 ARG ARG A . n 
A 1 102 ILE 102 140 140 ILE ILE A . n 
A 1 103 VAL 103 141 141 VAL VAL A . n 
A 1 104 ALA 104 142 142 ALA ALA A . n 
A 1 105 PHE 105 143 143 PHE PHE A . n 
A 1 106 PHE 106 144 144 PHE PHE A . n 
A 1 107 SER 107 145 145 SER SER A . n 
A 1 108 PHE 108 146 146 PHE PHE A . n 
A 1 109 GLY 109 147 147 GLY GLY A . n 
A 1 110 GLY 110 148 148 GLY GLY A . n 
A 1 111 ALA 111 149 149 ALA ALA A . n 
A 1 112 LEU 112 150 150 LEU LEU A . n 
A 1 113 CYS 113 151 151 CYS CYS A . n 
A 1 114 VAL 114 152 152 VAL VAL A . n 
A 1 115 GLU 115 153 153 GLU GLU A . n 
A 1 116 SER 116 154 154 SER SER A . n 
A 1 117 VAL 117 155 155 VAL VAL A . n 
A 1 118 ASP 118 156 156 ASP ASP A . n 
A 1 119 LYS 119 157 157 LYS LYS A . n 
A 1 120 GLU 120 158 158 GLU GLU A . n 
A 1 121 MET 121 159 159 MET MET A . n 
A 1 122 GLN 122 160 160 GLN GLN A . n 
A 1 123 VAL 123 161 161 VAL VAL A . n 
A 1 124 LEU 124 162 162 LEU LEU A . n 
A 1 125 VAL 125 163 163 VAL VAL A . n 
A 1 126 SER 126 164 164 SER SER A . n 
A 1 127 ARG 127 165 165 ARG ARG A . n 
A 1 128 ILE 128 166 166 ILE ILE A . n 
A 1 129 ALA 129 167 167 ALA ALA A . n 
A 1 130 SER 130 168 168 SER SER A . n 
A 1 131 TRP 131 169 169 TRP TRP A . n 
A 1 132 MET 132 170 170 MET MET A . n 
A 1 133 ALA 133 171 171 ALA ALA A . n 
A 1 134 THR 134 172 172 THR THR A . n 
A 1 135 TYR 135 173 173 TYR TYR A . n 
A 1 136 LEU 136 174 174 LEU LEU A . n 
A 1 137 ASN 137 175 175 ASN ASN A . n 
A 1 138 ASP 138 176 176 ASP ASP A . n 
A 1 139 HIS 139 177 177 HIS HIS A . n 
A 1 140 LEU 140 178 178 LEU LEU A . n 
A 1 141 GLU 141 179 179 GLU GLU A . n 
A 1 142 PRO 142 180 180 PRO PRO A . n 
A 1 143 TRP 143 181 181 TRP TRP A . n 
A 1 144 ILE 144 182 182 ILE ILE A . n 
A 1 145 GLN 145 183 183 GLN GLN A . n 
A 1 146 GLU 146 184 184 GLU GLU A . n 
A 1 147 ASN 147 185 185 ASN ASN A . n 
A 1 148 GLY 148 186 186 GLY GLY A . n 
A 1 149 GLY 149 187 187 GLY GLY A . n 
A 1 150 TRP 150 188 188 TRP TRP A . n 
A 1 151 ASP 151 189 189 ASP ASP A . n 
A 1 152 THR 152 190 190 THR THR A . n 
A 1 153 PHE 153 191 191 PHE PHE A . n 
A 1 154 VAL 154 192 192 VAL VAL A . n 
A 1 155 ASP 155 193 193 ASP ASP A . n 
A 1 156 LEU 156 194 194 LEU LEU A . n 
A 1 157 TYR 157 195 195 TYR TYR A . n 
A 1 158 GLY 158 196 196 GLY GLY A . n 
B 2 1   GLU 1   76  ?   ?   ?   B . n 
B 2 2   GLU 2   77  77  GLU GLU B . n 
B 2 3   ILE 3   78  78  ILE ILE B . n 
B 2 4   ILE 4   79  79  ILE ILE B . n 
B 2 5   HIS 5   80  80  HIS HIS B . n 
B 2 6   LYS 6   81  81  LYS LYS B . n 
B 2 7   LEU 7   82  82  LEU LEU B . n 
B 2 8   ALA 8   83  83  ALA ALA B . n 
B 2 9   MET 9   84  84  MET MET B . n 
B 2 10  GLN 10  85  85  GLN GLN B . n 
B 2 11  LEU 11  86  86  LEU LEU B . n 
B 2 12  ARG 12  87  87  ARG ARG B . n 
B 2 13  HIS 13  88  88  HIS HIS B . n 
B 2 14  ILE 14  89  89  ILE ILE B . n 
B 2 15  GLY 15  90  90  GLY GLY B . n 
B 2 16  ASP 16  91  91  ASP ASP B . n 
B 2 17  ASN 17  92  92  ASN ASN B . n 
B 2 18  ILE 18  93  93  ILE ILE B . n 
B 2 19  ASP 19  94  94  ASP ASP B . n 
B 2 20  HIS 20  95  95  HIS HIS B . n 
B 2 21  ARG 21  96  96  ARG ARG B . n 
B 2 22  MET 22  97  97  MET MET B . n 
B 2 23  VAL 23  98  98  VAL VAL B . n 
B 2 24  ARG 24  99  99  ARG ARG B . n 
B 2 25  GLU 25  100 100 GLU GLU B . n 
B 2 26  ASP 26  101 101 ASP ASP B . n 
# 
_pdbx_contact_author.id                 2 
_pdbx_contact_author.email              bku@kribb.re.kr 
_pdbx_contact_author.name_first         Bonsu 
_pdbx_contact_author.name_last          Ku 
_pdbx_contact_author.name_mi            ? 
_pdbx_contact_author.role               'principal investigator/group leader' 
_pdbx_contact_author.identifier_ORCID   0000-0003-1784-8975 
# 
loop_
_pdbx_nonpoly_scheme.asym_id 
_pdbx_nonpoly_scheme.entity_id 
_pdbx_nonpoly_scheme.mon_id 
_pdbx_nonpoly_scheme.ndb_seq_num 
_pdbx_nonpoly_scheme.pdb_seq_num 
_pdbx_nonpoly_scheme.auth_seq_num 
_pdbx_nonpoly_scheme.pdb_mon_id 
_pdbx_nonpoly_scheme.auth_mon_id 
_pdbx_nonpoly_scheme.pdb_strand_id 
_pdbx_nonpoly_scheme.pdb_ins_code 
C 3 SO4 1   301 1   SO4 SO4 A . 
D 4 MG  1   201 1   MG  MG  B . 
E 5 HOH 1   401 34  HOH HOH A . 
E 5 HOH 2   402 131 HOH HOH A . 
E 5 HOH 3   403 167 HOH HOH A . 
E 5 HOH 4   404 172 HOH HOH A . 
E 5 HOH 5   405 53  HOH HOH A . 
E 5 HOH 6   406 73  HOH HOH A . 
E 5 HOH 7   407 155 HOH HOH A . 
E 5 HOH 8   408 122 HOH HOH A . 
E 5 HOH 9   409 57  HOH HOH A . 
E 5 HOH 10  410 48  HOH HOH A . 
E 5 HOH 11  411 27  HOH HOH A . 
E 5 HOH 12  412 126 HOH HOH A . 
E 5 HOH 13  413 42  HOH HOH A . 
E 5 HOH 14  414 46  HOH HOH A . 
E 5 HOH 15  415 31  HOH HOH A . 
E 5 HOH 16  416 118 HOH HOH A . 
E 5 HOH 17  417 13  HOH HOH A . 
E 5 HOH 18  418 63  HOH HOH A . 
E 5 HOH 19  419 9   HOH HOH A . 
E 5 HOH 20  420 44  HOH HOH A . 
E 5 HOH 21  421 94  HOH HOH A . 
E 5 HOH 22  422 116 HOH HOH A . 
E 5 HOH 23  423 25  HOH HOH A . 
E 5 HOH 24  424 4   HOH HOH A . 
E 5 HOH 25  425 123 HOH HOH A . 
E 5 HOH 26  426 10  HOH HOH A . 
E 5 HOH 27  427 1   HOH HOH A . 
E 5 HOH 28  428 20  HOH HOH A . 
E 5 HOH 29  429 50  HOH HOH A . 
E 5 HOH 30  430 16  HOH HOH A . 
E 5 HOH 31  431 74  HOH HOH A . 
E 5 HOH 32  432 135 HOH HOH A . 
E 5 HOH 33  433 7   HOH HOH A . 
E 5 HOH 34  434 39  HOH HOH A . 
E 5 HOH 35  435 95  HOH HOH A . 
E 5 HOH 36  436 21  HOH HOH A . 
E 5 HOH 37  437 75  HOH HOH A . 
E 5 HOH 38  438 158 HOH HOH A . 
E 5 HOH 39  439 65  HOH HOH A . 
E 5 HOH 40  440 177 HOH HOH A . 
E 5 HOH 41  441 24  HOH HOH A . 
E 5 HOH 42  442 6   HOH HOH A . 
E 5 HOH 43  443 51  HOH HOH A . 
E 5 HOH 44  444 117 HOH HOH A . 
E 5 HOH 45  445 144 HOH HOH A . 
E 5 HOH 46  446 62  HOH HOH A . 
E 5 HOH 47  447 8   HOH HOH A . 
E 5 HOH 48  448 76  HOH HOH A . 
E 5 HOH 49  449 49  HOH HOH A . 
E 5 HOH 50  450 97  HOH HOH A . 
E 5 HOH 51  451 18  HOH HOH A . 
E 5 HOH 52  452 107 HOH HOH A . 
E 5 HOH 53  453 11  HOH HOH A . 
E 5 HOH 54  454 40  HOH HOH A . 
E 5 HOH 55  455 22  HOH HOH A . 
E 5 HOH 56  456 98  HOH HOH A . 
E 5 HOH 57  457 143 HOH HOH A . 
E 5 HOH 58  458 3   HOH HOH A . 
E 5 HOH 59  459 59  HOH HOH A . 
E 5 HOH 60  460 15  HOH HOH A . 
E 5 HOH 61  461 83  HOH HOH A . 
E 5 HOH 62  462 160 HOH HOH A . 
E 5 HOH 63  463 72  HOH HOH A . 
E 5 HOH 64  464 154 HOH HOH A . 
E 5 HOH 65  465 33  HOH HOH A . 
E 5 HOH 66  466 111 HOH HOH A . 
E 5 HOH 67  467 108 HOH HOH A . 
E 5 HOH 68  468 71  HOH HOH A . 
E 5 HOH 69  469 41  HOH HOH A . 
E 5 HOH 70  470 28  HOH HOH A . 
E 5 HOH 71  471 138 HOH HOH A . 
E 5 HOH 72  472 5   HOH HOH A . 
E 5 HOH 73  473 139 HOH HOH A . 
E 5 HOH 74  474 47  HOH HOH A . 
E 5 HOH 75  475 145 HOH HOH A . 
E 5 HOH 76  476 2   HOH HOH A . 
E 5 HOH 77  477 128 HOH HOH A . 
E 5 HOH 78  478 79  HOH HOH A . 
E 5 HOH 79  479 173 HOH HOH A . 
E 5 HOH 80  480 52  HOH HOH A . 
E 5 HOH 81  481 110 HOH HOH A . 
E 5 HOH 82  482 148 HOH HOH A . 
E 5 HOH 83  483 171 HOH HOH A . 
E 5 HOH 84  484 66  HOH HOH A . 
E 5 HOH 85  485 54  HOH HOH A . 
E 5 HOH 86  486 12  HOH HOH A . 
E 5 HOH 87  487 168 HOH HOH A . 
E 5 HOH 88  488 23  HOH HOH A . 
E 5 HOH 89  489 91  HOH HOH A . 
E 5 HOH 90  490 56  HOH HOH A . 
E 5 HOH 91  491 19  HOH HOH A . 
E 5 HOH 92  492 14  HOH HOH A . 
E 5 HOH 93  493 69  HOH HOH A . 
E 5 HOH 94  494 165 HOH HOH A . 
E 5 HOH 95  495 156 HOH HOH A . 
E 5 HOH 96  496 77  HOH HOH A . 
E 5 HOH 97  497 150 HOH HOH A . 
E 5 HOH 98  498 17  HOH HOH A . 
E 5 HOH 99  499 147 HOH HOH A . 
E 5 HOH 100 500 58  HOH HOH A . 
E 5 HOH 101 501 32  HOH HOH A . 
E 5 HOH 102 502 78  HOH HOH A . 
E 5 HOH 103 503 162 HOH HOH A . 
E 5 HOH 104 504 36  HOH HOH A . 
E 5 HOH 105 505 152 HOH HOH A . 
E 5 HOH 106 506 30  HOH HOH A . 
E 5 HOH 107 507 114 HOH HOH A . 
E 5 HOH 108 508 169 HOH HOH A . 
E 5 HOH 109 509 80  HOH HOH A . 
E 5 HOH 110 510 81  HOH HOH A . 
E 5 HOH 111 511 153 HOH HOH A . 
E 5 HOH 112 512 101 HOH HOH A . 
E 5 HOH 113 513 115 HOH HOH A . 
E 5 HOH 114 514 109 HOH HOH A . 
E 5 HOH 115 515 92  HOH HOH A . 
E 5 HOH 116 516 163 HOH HOH A . 
E 5 HOH 117 517 146 HOH HOH A . 
E 5 HOH 118 518 149 HOH HOH A . 
E 5 HOH 119 519 121 HOH HOH A . 
E 5 HOH 120 520 151 HOH HOH A . 
E 5 HOH 121 521 134 HOH HOH A . 
E 5 HOH 122 522 132 HOH HOH A . 
E 5 HOH 123 523 112 HOH HOH A . 
E 5 HOH 124 524 82  HOH HOH A . 
E 5 HOH 125 525 129 HOH HOH A . 
E 5 HOH 126 526 43  HOH HOH A . 
E 5 HOH 127 527 67  HOH HOH A . 
E 5 HOH 128 528 133 HOH HOH A . 
E 5 HOH 129 529 29  HOH HOH A . 
E 5 HOH 130 530 70  HOH HOH A . 
E 5 HOH 131 531 88  HOH HOH A . 
E 5 HOH 132 532 185 HOH HOH A . 
E 5 HOH 133 533 170 HOH HOH A . 
E 5 HOH 134 534 64  HOH HOH A . 
E 5 HOH 135 535 96  HOH HOH A . 
E 5 HOH 136 536 99  HOH HOH A . 
E 5 HOH 137 537 142 HOH HOH A . 
E 5 HOH 138 538 178 HOH HOH A . 
E 5 HOH 139 539 130 HOH HOH A . 
E 5 HOH 140 540 127 HOH HOH A . 
E 5 HOH 141 541 68  HOH HOH A . 
E 5 HOH 142 542 106 HOH HOH A . 
E 5 HOH 143 543 184 HOH HOH A . 
E 5 HOH 144 544 45  HOH HOH A . 
E 5 HOH 145 545 26  HOH HOH A . 
E 5 HOH 146 546 87  HOH HOH A . 
E 5 HOH 147 547 161 HOH HOH A . 
E 5 HOH 148 548 181 HOH HOH A . 
E 5 HOH 149 549 90  HOH HOH A . 
E 5 HOH 150 550 182 HOH HOH A . 
E 5 HOH 151 551 89  HOH HOH A . 
E 5 HOH 152 552 180 HOH HOH A . 
E 5 HOH 153 553 157 HOH HOH A . 
E 5 HOH 154 554 93  HOH HOH A . 
E 5 HOH 155 555 179 HOH HOH A . 
E 5 HOH 156 556 159 HOH HOH A . 
F 5 HOH 1   301 61  HOH HOH B . 
F 5 HOH 2   302 166 HOH HOH B . 
F 5 HOH 3   303 175 HOH HOH B . 
F 5 HOH 4   304 104 HOH HOH B . 
F 5 HOH 5   305 183 HOH HOH B . 
F 5 HOH 6   306 103 HOH HOH B . 
F 5 HOH 7   307 86  HOH HOH B . 
F 5 HOH 8   308 37  HOH HOH B . 
F 5 HOH 9   309 60  HOH HOH B . 
F 5 HOH 10  310 113 HOH HOH B . 
F 5 HOH 11  311 102 HOH HOH B . 
F 5 HOH 12  312 125 HOH HOH B . 
F 5 HOH 13  313 176 HOH HOH B . 
F 5 HOH 14  314 137 HOH HOH B . 
F 5 HOH 15  315 141 HOH HOH B . 
F 5 HOH 16  316 55  HOH HOH B . 
F 5 HOH 17  317 38  HOH HOH B . 
F 5 HOH 18  318 140 HOH HOH B . 
F 5 HOH 19  319 120 HOH HOH B . 
F 5 HOH 20  320 84  HOH HOH B . 
F 5 HOH 21  321 164 HOH HOH B . 
F 5 HOH 22  322 35  HOH HOH B . 
F 5 HOH 23  323 105 HOH HOH B . 
F 5 HOH 24  324 136 HOH HOH B . 
F 5 HOH 25  325 100 HOH HOH B . 
F 5 HOH 26  326 174 HOH HOH B . 
F 5 HOH 27  327 119 HOH HOH B . 
F 5 HOH 28  328 124 HOH HOH B . 
F 5 HOH 29  329 85  HOH HOH B . 
# 
_pdbx_struct_assembly.id                   1 
_pdbx_struct_assembly.details              author_and_software_defined_assembly 
_pdbx_struct_assembly.method_details       PISA 
_pdbx_struct_assembly.oligomeric_details   dimeric 
_pdbx_struct_assembly.oligomeric_count     2 
# 
_pdbx_struct_assembly_gen.assembly_id       1 
_pdbx_struct_assembly_gen.oper_expression   1 
_pdbx_struct_assembly_gen.asym_id_list      A,B,C,D,E,F 
# 
loop_
_pdbx_struct_assembly_prop.biol_id 
_pdbx_struct_assembly_prop.type 
_pdbx_struct_assembly_prop.value 
_pdbx_struct_assembly_prop.details 
1 'ABSA (A^2)' 2370 ? 
1 MORE         -37  ? 
1 'SSA (A^2)'  9290 ? 
# 
_pdbx_struct_oper_list.id                   1 
_pdbx_struct_oper_list.type                 'identity operation' 
_pdbx_struct_oper_list.name                 1_555 
_pdbx_struct_oper_list.symmetry_operation   x,y,z 
_pdbx_struct_oper_list.matrix[1][1]         1.0000000000 
_pdbx_struct_oper_list.matrix[1][2]         0.0000000000 
_pdbx_struct_oper_list.matrix[1][3]         0.0000000000 
_pdbx_struct_oper_list.vector[1]            0.0000000000 
_pdbx_struct_oper_list.matrix[2][1]         0.0000000000 
_pdbx_struct_oper_list.matrix[2][2]         1.0000000000 
_pdbx_struct_oper_list.matrix[2][3]         0.0000000000 
_pdbx_struct_oper_list.vector[2]            0.0000000000 
_pdbx_struct_oper_list.matrix[3][1]         0.0000000000 
_pdbx_struct_oper_list.matrix[3][2]         0.0000000000 
_pdbx_struct_oper_list.matrix[3][3]         1.0000000000 
_pdbx_struct_oper_list.vector[3]            0.0000000000 
# 
loop_
_pdbx_struct_special_symmetry.id 
_pdbx_struct_special_symmetry.PDB_model_num 
_pdbx_struct_special_symmetry.auth_asym_id 
_pdbx_struct_special_symmetry.auth_comp_id 
_pdbx_struct_special_symmetry.auth_seq_id 
_pdbx_struct_special_symmetry.PDB_ins_code 
_pdbx_struct_special_symmetry.label_asym_id 
_pdbx_struct_special_symmetry.label_comp_id 
_pdbx_struct_special_symmetry.label_seq_id 
1 1 A SO4 301 ? C SO4 . 
2 1 A HOH 422 ? E HOH . 
3 1 A HOH 471 ? E HOH . 
# 
loop_
_pdbx_audit_revision_history.ordinal 
_pdbx_audit_revision_history.data_content_type 
_pdbx_audit_revision_history.major_revision 
_pdbx_audit_revision_history.minor_revision 
_pdbx_audit_revision_history.revision_date 
1 'Structure model' 1 0 2022-09-14 
2 'Structure model' 1 1 2023-11-29 
# 
_pdbx_audit_revision_details.ordinal             1 
_pdbx_audit_revision_details.revision_ordinal    1 
_pdbx_audit_revision_details.data_content_type   'Structure model' 
_pdbx_audit_revision_details.provider            repository 
_pdbx_audit_revision_details.type                'Initial release' 
_pdbx_audit_revision_details.description         ? 
_pdbx_audit_revision_details.details             ? 
# 
loop_
_pdbx_audit_revision_group.ordinal 
_pdbx_audit_revision_group.revision_ordinal 
_pdbx_audit_revision_group.data_content_type 
_pdbx_audit_revision_group.group 
1 2 'Structure model' 'Data collection'        
2 2 'Structure model' 'Refinement description' 
# 
loop_
_pdbx_audit_revision_category.ordinal 
_pdbx_audit_revision_category.revision_ordinal 
_pdbx_audit_revision_category.data_content_type 
_pdbx_audit_revision_category.category 
1 2 'Structure model' chem_comp_atom                
2 2 'Structure model' chem_comp_bond                
3 2 'Structure model' pdbx_initial_refinement_model 
# 
loop_
_software.citation_id 
_software.classification 
_software.compiler_name 
_software.compiler_version 
_software.contact_author 
_software.contact_author_email 
_software.date 
_software.description 
_software.dependencies 
_software.hardware 
_software.language 
_software.location 
_software.mods 
_software.name 
_software.os 
_software.os_version 
_software.type 
_software.version 
_software.pdbx_ordinal 
? refinement       ? ? ? ? ? ? ? ? ? ? ? PHENIX   ? ? ? '(1.10.1_2155: ???)' 1 
? 'data reduction' ? ? ? ? ? ? ? ? ? ? ? HKL-2000 ? ? ? .                    2 
? 'data scaling'   ? ? ? ? ? ? ? ? ? ? ? HKL-2000 ? ? ? .                    3 
? phasing          ? ? ? ? ? ? ? ? ? ? ? PHENIX   ? ? ? .                    4 
# 
_pdbx_entry_details.entry_id                 7WJH 
_pdbx_entry_details.nonpolymer_details       ? 
_pdbx_entry_details.sequence_details         ? 
_pdbx_entry_details.compound_details         ? 
_pdbx_entry_details.source_details           ? 
_pdbx_entry_details.has_ligand_of_interest   N 
# 
loop_
_pdbx_validate_close_contact.id 
_pdbx_validate_close_contact.PDB_model_num 
_pdbx_validate_close_contact.auth_atom_id_1 
_pdbx_validate_close_contact.auth_asym_id_1 
_pdbx_validate_close_contact.auth_comp_id_1 
_pdbx_validate_close_contact.auth_seq_id_1 
_pdbx_validate_close_contact.PDB_ins_code_1 
_pdbx_validate_close_contact.label_alt_id_1 
_pdbx_validate_close_contact.auth_atom_id_2 
_pdbx_validate_close_contact.auth_asym_id_2 
_pdbx_validate_close_contact.auth_comp_id_2 
_pdbx_validate_close_contact.auth_seq_id_2 
_pdbx_validate_close_contact.PDB_ins_code_2 
_pdbx_validate_close_contact.label_alt_id_2 
_pdbx_validate_close_contact.dist 
1  1 OD1 B ASP 94  ? ? MG B MG  201 ? ? 1.70 
2  1 O   A HOH 444 ? ? O  A HOH 524 ? ? 2.01 
3  1 O   A HOH 529 ? ? O  A HOH 537 ? ? 2.07 
4  1 O   A HOH 416 ? ? O  A HOH 524 ? ? 2.13 
5  1 O   A HOH 498 ? ? O  A HOH 530 ? ? 2.13 
6  1 O   A HOH 509 ? ? O  A HOH 535 ? ? 2.14 
7  1 O   A HOH 521 ? ? O  A HOH 532 ? ? 2.16 
8  1 O   A HOH 507 ? ? O  A HOH 513 ? ? 2.17 
9  1 O   B HOH 313 ? ? O  B HOH 327 ? ? 2.17 
10 1 O   A HOH 418 ? ? O  A HOH 462 ? ? 2.17 
11 1 O   A HOH 407 ? ? O  A HOH 464 ? ? 2.18 
# 
loop_
_pdbx_validate_symm_contact.id 
_pdbx_validate_symm_contact.PDB_model_num 
_pdbx_validate_symm_contact.auth_atom_id_1 
_pdbx_validate_symm_contact.auth_asym_id_1 
_pdbx_validate_symm_contact.auth_comp_id_1 
_pdbx_validate_symm_contact.auth_seq_id_1 
_pdbx_validate_symm_contact.PDB_ins_code_1 
_pdbx_validate_symm_contact.label_alt_id_1 
_pdbx_validate_symm_contact.site_symmetry_1 
_pdbx_validate_symm_contact.auth_atom_id_2 
_pdbx_validate_symm_contact.auth_asym_id_2 
_pdbx_validate_symm_contact.auth_comp_id_2 
_pdbx_validate_symm_contact.auth_seq_id_2 
_pdbx_validate_symm_contact.PDB_ins_code_2 
_pdbx_validate_symm_contact.label_alt_id_2 
_pdbx_validate_symm_contact.site_symmetry_2 
_pdbx_validate_symm_contact.dist 
1 1 O A HOH 409 ? ? 1_555 O A HOH 522 ? ? 4_555 1.97 
2 1 O A HOH 524 ? ? 1_555 O B HOH 327 ? ? 5_555 2.08 
3 1 O A HOH 500 ? ? 1_555 O A HOH 522 ? ? 4_555 2.10 
4 1 O A HOH 415 ? ? 1_555 O A HOH 501 ? ? 3_455 2.16 
# 
_pdbx_validate_torsion.id              1 
_pdbx_validate_torsion.PDB_model_num   1 
_pdbx_validate_torsion.auth_comp_id    ASP 
_pdbx_validate_torsion.auth_asym_id    B 
_pdbx_validate_torsion.auth_seq_id     94 
_pdbx_validate_torsion.PDB_ins_code    ? 
_pdbx_validate_torsion.label_alt_id    ? 
_pdbx_validate_torsion.phi             -93.27 
_pdbx_validate_torsion.psi             -138.48 
# 
_pdbx_distant_solvent_atoms.id                                1 
_pdbx_distant_solvent_atoms.PDB_model_num                     1 
_pdbx_distant_solvent_atoms.auth_atom_id                      O 
_pdbx_distant_solvent_atoms.label_alt_id                      ? 
_pdbx_distant_solvent_atoms.auth_asym_id                      A 
_pdbx_distant_solvent_atoms.auth_comp_id                      HOH 
_pdbx_distant_solvent_atoms.auth_seq_id                       556 
_pdbx_distant_solvent_atoms.PDB_ins_code                      ? 
_pdbx_distant_solvent_atoms.neighbor_macromolecule_distance   6.30 
_pdbx_distant_solvent_atoms.neighbor_ligand_distance          . 
# 
loop_
_pdbx_unobs_or_zero_occ_atoms.id 
_pdbx_unobs_or_zero_occ_atoms.PDB_model_num 
_pdbx_unobs_or_zero_occ_atoms.polymer_flag 
_pdbx_unobs_or_zero_occ_atoms.occupancy_flag 
_pdbx_unobs_or_zero_occ_atoms.auth_asym_id 
_pdbx_unobs_or_zero_occ_atoms.auth_comp_id 
_pdbx_unobs_or_zero_occ_atoms.auth_seq_id 
_pdbx_unobs_or_zero_occ_atoms.PDB_ins_code 
_pdbx_unobs_or_zero_occ_atoms.auth_atom_id 
_pdbx_unobs_or_zero_occ_atoms.label_alt_id 
_pdbx_unobs_or_zero_occ_atoms.label_asym_id 
_pdbx_unobs_or_zero_occ_atoms.label_comp_id 
_pdbx_unobs_or_zero_occ_atoms.label_seq_id 
_pdbx_unobs_or_zero_occ_atoms.label_atom_id 
1 1 Y 1 A GLN 111 ? CG  ? A GLN 73 CG  
2 1 Y 1 A GLN 111 ? CD  ? A GLN 73 CD  
3 1 Y 1 A GLN 111 ? OE1 ? A GLN 73 OE1 
4 1 Y 1 A GLN 111 ? NE2 ? A GLN 73 NE2 
# 
loop_
_pdbx_unobs_or_zero_occ_residues.id 
_pdbx_unobs_or_zero_occ_residues.PDB_model_num 
_pdbx_unobs_or_zero_occ_residues.polymer_flag 
_pdbx_unobs_or_zero_occ_residues.occupancy_flag 
_pdbx_unobs_or_zero_occ_residues.auth_asym_id 
_pdbx_unobs_or_zero_occ_residues.auth_comp_id 
_pdbx_unobs_or_zero_occ_residues.auth_seq_id 
_pdbx_unobs_or_zero_occ_residues.PDB_ins_code 
_pdbx_unobs_or_zero_occ_residues.label_asym_id 
_pdbx_unobs_or_zero_occ_residues.label_comp_id 
_pdbx_unobs_or_zero_occ_residues.label_seq_id 
1  1 Y 1 A GLY -2  ? A GLY 1  
2  1 Y 1 A SER -1  ? A SER 2  
3  1 Y 1 A HIS 0   ? A HIS 3  
4  1 Y 1 A MET 1   ? A MET 4  
5  1 Y 1 A SER 106 ? A SER 68 
6  1 Y 1 A ASP 107 ? A ASP 69 
7  1 Y 1 A LEU 108 ? A LEU 70 
8  1 Y 1 A THR 109 ? A THR 71 
9  1 Y 1 A SER 110 ? A SER 72 
10 1 Y 1 B GLU 76  ? B GLU 1  
# 
loop_
_chem_comp_atom.comp_id 
_chem_comp_atom.atom_id 
_chem_comp_atom.type_symbol 
_chem_comp_atom.pdbx_aromatic_flag 
_chem_comp_atom.pdbx_stereo_config 
_chem_comp_atom.pdbx_ordinal 
ALA N    N  N N 1   
ALA CA   C  N S 2   
ALA C    C  N N 3   
ALA O    O  N N 4   
ALA CB   C  N N 5   
ALA OXT  O  N N 6   
ALA H    H  N N 7   
ALA H2   H  N N 8   
ALA HA   H  N N 9   
ALA HB1  H  N N 10  
ALA HB2  H  N N 11  
ALA HB3  H  N N 12  
ALA HXT  H  N N 13  
ARG N    N  N N 14  
ARG CA   C  N S 15  
ARG C    C  N N 16  
ARG O    O  N N 17  
ARG CB   C  N N 18  
ARG CG   C  N N 19  
ARG CD   C  N N 20  
ARG NE   N  N N 21  
ARG CZ   C  N N 22  
ARG NH1  N  N N 23  
ARG NH2  N  N N 24  
ARG OXT  O  N N 25  
ARG H    H  N N 26  
ARG H2   H  N N 27  
ARG HA   H  N N 28  
ARG HB2  H  N N 29  
ARG HB3  H  N N 30  
ARG HG2  H  N N 31  
ARG HG3  H  N N 32  
ARG HD2  H  N N 33  
ARG HD3  H  N N 34  
ARG HE   H  N N 35  
ARG HH11 H  N N 36  
ARG HH12 H  N N 37  
ARG HH21 H  N N 38  
ARG HH22 H  N N 39  
ARG HXT  H  N N 40  
ASN N    N  N N 41  
ASN CA   C  N S 42  
ASN C    C  N N 43  
ASN O    O  N N 44  
ASN CB   C  N N 45  
ASN CG   C  N N 46  
ASN OD1  O  N N 47  
ASN ND2  N  N N 48  
ASN OXT  O  N N 49  
ASN H    H  N N 50  
ASN H2   H  N N 51  
ASN HA   H  N N 52  
ASN HB2  H  N N 53  
ASN HB3  H  N N 54  
ASN HD21 H  N N 55  
ASN HD22 H  N N 56  
ASN HXT  H  N N 57  
ASP N    N  N N 58  
ASP CA   C  N S 59  
ASP C    C  N N 60  
ASP O    O  N N 61  
ASP CB   C  N N 62  
ASP CG   C  N N 63  
ASP OD1  O  N N 64  
ASP OD2  O  N N 65  
ASP OXT  O  N N 66  
ASP H    H  N N 67  
ASP H2   H  N N 68  
ASP HA   H  N N 69  
ASP HB2  H  N N 70  
ASP HB3  H  N N 71  
ASP HD2  H  N N 72  
ASP HXT  H  N N 73  
CYS N    N  N N 74  
CYS CA   C  N R 75  
CYS C    C  N N 76  
CYS O    O  N N 77  
CYS CB   C  N N 78  
CYS SG   S  N N 79  
CYS OXT  O  N N 80  
CYS H    H  N N 81  
CYS H2   H  N N 82  
CYS HA   H  N N 83  
CYS HB2  H  N N 84  
CYS HB3  H  N N 85  
CYS HG   H  N N 86  
CYS HXT  H  N N 87  
GLN N    N  N N 88  
GLN CA   C  N S 89  
GLN C    C  N N 90  
GLN O    O  N N 91  
GLN CB   C  N N 92  
GLN CG   C  N N 93  
GLN CD   C  N N 94  
GLN OE1  O  N N 95  
GLN NE2  N  N N 96  
GLN OXT  O  N N 97  
GLN H    H  N N 98  
GLN H2   H  N N 99  
GLN HA   H  N N 100 
GLN HB2  H  N N 101 
GLN HB3  H  N N 102 
GLN HG2  H  N N 103 
GLN HG3  H  N N 104 
GLN HE21 H  N N 105 
GLN HE22 H  N N 106 
GLN HXT  H  N N 107 
GLU N    N  N N 108 
GLU CA   C  N S 109 
GLU C    C  N N 110 
GLU O    O  N N 111 
GLU CB   C  N N 112 
GLU CG   C  N N 113 
GLU CD   C  N N 114 
GLU OE1  O  N N 115 
GLU OE2  O  N N 116 
GLU OXT  O  N N 117 
GLU H    H  N N 118 
GLU H2   H  N N 119 
GLU HA   H  N N 120 
GLU HB2  H  N N 121 
GLU HB3  H  N N 122 
GLU HG2  H  N N 123 
GLU HG3  H  N N 124 
GLU HE2  H  N N 125 
GLU HXT  H  N N 126 
GLY N    N  N N 127 
GLY CA   C  N N 128 
GLY C    C  N N 129 
GLY O    O  N N 130 
GLY OXT  O  N N 131 
GLY H    H  N N 132 
GLY H2   H  N N 133 
GLY HA2  H  N N 134 
GLY HA3  H  N N 135 
GLY HXT  H  N N 136 
HIS N    N  N N 137 
HIS CA   C  N S 138 
HIS C    C  N N 139 
HIS O    O  N N 140 
HIS CB   C  N N 141 
HIS CG   C  Y N 142 
HIS ND1  N  Y N 143 
HIS CD2  C  Y N 144 
HIS CE1  C  Y N 145 
HIS NE2  N  Y N 146 
HIS OXT  O  N N 147 
HIS H    H  N N 148 
HIS H2   H  N N 149 
HIS HA   H  N N 150 
HIS HB2  H  N N 151 
HIS HB3  H  N N 152 
HIS HD1  H  N N 153 
HIS HD2  H  N N 154 
HIS HE1  H  N N 155 
HIS HE2  H  N N 156 
HIS HXT  H  N N 157 
HOH O    O  N N 158 
HOH H1   H  N N 159 
HOH H2   H  N N 160 
ILE N    N  N N 161 
ILE CA   C  N S 162 
ILE C    C  N N 163 
ILE O    O  N N 164 
ILE CB   C  N S 165 
ILE CG1  C  N N 166 
ILE CG2  C  N N 167 
ILE CD1  C  N N 168 
ILE OXT  O  N N 169 
ILE H    H  N N 170 
ILE H2   H  N N 171 
ILE HA   H  N N 172 
ILE HB   H  N N 173 
ILE HG12 H  N N 174 
ILE HG13 H  N N 175 
ILE HG21 H  N N 176 
ILE HG22 H  N N 177 
ILE HG23 H  N N 178 
ILE HD11 H  N N 179 
ILE HD12 H  N N 180 
ILE HD13 H  N N 181 
ILE HXT  H  N N 182 
LEU N    N  N N 183 
LEU CA   C  N S 184 
LEU C    C  N N 185 
LEU O    O  N N 186 
LEU CB   C  N N 187 
LEU CG   C  N N 188 
LEU CD1  C  N N 189 
LEU CD2  C  N N 190 
LEU OXT  O  N N 191 
LEU H    H  N N 192 
LEU H2   H  N N 193 
LEU HA   H  N N 194 
LEU HB2  H  N N 195 
LEU HB3  H  N N 196 
LEU HG   H  N N 197 
LEU HD11 H  N N 198 
LEU HD12 H  N N 199 
LEU HD13 H  N N 200 
LEU HD21 H  N N 201 
LEU HD22 H  N N 202 
LEU HD23 H  N N 203 
LEU HXT  H  N N 204 
LYS N    N  N N 205 
LYS CA   C  N S 206 
LYS C    C  N N 207 
LYS O    O  N N 208 
LYS CB   C  N N 209 
LYS CG   C  N N 210 
LYS CD   C  N N 211 
LYS CE   C  N N 212 
LYS NZ   N  N N 213 
LYS OXT  O  N N 214 
LYS H    H  N N 215 
LYS H2   H  N N 216 
LYS HA   H  N N 217 
LYS HB2  H  N N 218 
LYS HB3  H  N N 219 
LYS HG2  H  N N 220 
LYS HG3  H  N N 221 
LYS HD2  H  N N 222 
LYS HD3  H  N N 223 
LYS HE2  H  N N 224 
LYS HE3  H  N N 225 
LYS HZ1  H  N N 226 
LYS HZ2  H  N N 227 
LYS HZ3  H  N N 228 
LYS HXT  H  N N 229 
MET N    N  N N 230 
MET CA   C  N S 231 
MET C    C  N N 232 
MET O    O  N N 233 
MET CB   C  N N 234 
MET CG   C  N N 235 
MET SD   S  N N 236 
MET CE   C  N N 237 
MET OXT  O  N N 238 
MET H    H  N N 239 
MET H2   H  N N 240 
MET HA   H  N N 241 
MET HB2  H  N N 242 
MET HB3  H  N N 243 
MET HG2  H  N N 244 
MET HG3  H  N N 245 
MET HE1  H  N N 246 
MET HE2  H  N N 247 
MET HE3  H  N N 248 
MET HXT  H  N N 249 
MG  MG   MG N N 250 
PHE N    N  N N 251 
PHE CA   C  N S 252 
PHE C    C  N N 253 
PHE O    O  N N 254 
PHE CB   C  N N 255 
PHE CG   C  Y N 256 
PHE CD1  C  Y N 257 
PHE CD2  C  Y N 258 
PHE CE1  C  Y N 259 
PHE CE2  C  Y N 260 
PHE CZ   C  Y N 261 
PHE OXT  O  N N 262 
PHE H    H  N N 263 
PHE H2   H  N N 264 
PHE HA   H  N N 265 
PHE HB2  H  N N 266 
PHE HB3  H  N N 267 
PHE HD1  H  N N 268 
PHE HD2  H  N N 269 
PHE HE1  H  N N 270 
PHE HE2  H  N N 271 
PHE HZ   H  N N 272 
PHE HXT  H  N N 273 
PRO N    N  N N 274 
PRO CA   C  N S 275 
PRO C    C  N N 276 
PRO O    O  N N 277 
PRO CB   C  N N 278 
PRO CG   C  N N 279 
PRO CD   C  N N 280 
PRO OXT  O  N N 281 
PRO H    H  N N 282 
PRO HA   H  N N 283 
PRO HB2  H  N N 284 
PRO HB3  H  N N 285 
PRO HG2  H  N N 286 
PRO HG3  H  N N 287 
PRO HD2  H  N N 288 
PRO HD3  H  N N 289 
PRO HXT  H  N N 290 
SER N    N  N N 291 
SER CA   C  N S 292 
SER C    C  N N 293 
SER O    O  N N 294 
SER CB   C  N N 295 
SER OG   O  N N 296 
SER OXT  O  N N 297 
SER H    H  N N 298 
SER H2   H  N N 299 
SER HA   H  N N 300 
SER HB2  H  N N 301 
SER HB3  H  N N 302 
SER HG   H  N N 303 
SER HXT  H  N N 304 
SO4 S    S  N N 305 
SO4 O1   O  N N 306 
SO4 O2   O  N N 307 
SO4 O3   O  N N 308 
SO4 O4   O  N N 309 
THR N    N  N N 310 
THR CA   C  N S 311 
THR C    C  N N 312 
THR O    O  N N 313 
THR CB   C  N R 314 
THR OG1  O  N N 315 
THR CG2  C  N N 316 
THR OXT  O  N N 317 
THR H    H  N N 318 
THR H2   H  N N 319 
THR HA   H  N N 320 
THR HB   H  N N 321 
THR HG1  H  N N 322 
THR HG21 H  N N 323 
THR HG22 H  N N 324 
THR HG23 H  N N 325 
THR HXT  H  N N 326 
TRP N    N  N N 327 
TRP CA   C  N S 328 
TRP C    C  N N 329 
TRP O    O  N N 330 
TRP CB   C  N N 331 
TRP CG   C  Y N 332 
TRP CD1  C  Y N 333 
TRP CD2  C  Y N 334 
TRP NE1  N  Y N 335 
TRP CE2  C  Y N 336 
TRP CE3  C  Y N 337 
TRP CZ2  C  Y N 338 
TRP CZ3  C  Y N 339 
TRP CH2  C  Y N 340 
TRP OXT  O  N N 341 
TRP H    H  N N 342 
TRP H2   H  N N 343 
TRP HA   H  N N 344 
TRP HB2  H  N N 345 
TRP HB3  H  N N 346 
TRP HD1  H  N N 347 
TRP HE1  H  N N 348 
TRP HE3  H  N N 349 
TRP HZ2  H  N N 350 
TRP HZ3  H  N N 351 
TRP HH2  H  N N 352 
TRP HXT  H  N N 353 
TYR N    N  N N 354 
TYR CA   C  N S 355 
TYR C    C  N N 356 
TYR O    O  N N 357 
TYR CB   C  N N 358 
TYR CG   C  Y N 359 
TYR CD1  C  Y N 360 
TYR CD2  C  Y N 361 
TYR CE1  C  Y N 362 
TYR CE2  C  Y N 363 
TYR CZ   C  Y N 364 
TYR OH   O  N N 365 
TYR OXT  O  N N 366 
TYR H    H  N N 367 
TYR H2   H  N N 368 
TYR HA   H  N N 369 
TYR HB2  H  N N 370 
TYR HB3  H  N N 371 
TYR HD1  H  N N 372 
TYR HD2  H  N N 373 
TYR HE1  H  N N 374 
TYR HE2  H  N N 375 
TYR HH   H  N N 376 
TYR HXT  H  N N 377 
VAL N    N  N N 378 
VAL CA   C  N S 379 
VAL C    C  N N 380 
VAL O    O  N N 381 
VAL CB   C  N N 382 
VAL CG1  C  N N 383 
VAL CG2  C  N N 384 
VAL OXT  O  N N 385 
VAL H    H  N N 386 
VAL H2   H  N N 387 
VAL HA   H  N N 388 
VAL HB   H  N N 389 
VAL HG11 H  N N 390 
VAL HG12 H  N N 391 
VAL HG13 H  N N 392 
VAL HG21 H  N N 393 
VAL HG22 H  N N 394 
VAL HG23 H  N N 395 
VAL HXT  H  N N 396 
# 
loop_
_chem_comp_bond.comp_id 
_chem_comp_bond.atom_id_1 
_chem_comp_bond.atom_id_2 
_chem_comp_bond.value_order 
_chem_comp_bond.pdbx_aromatic_flag 
_chem_comp_bond.pdbx_stereo_config 
_chem_comp_bond.pdbx_ordinal 
ALA N   CA   sing N N 1   
ALA N   H    sing N N 2   
ALA N   H2   sing N N 3   
ALA CA  C    sing N N 4   
ALA CA  CB   sing N N 5   
ALA CA  HA   sing N N 6   
ALA C   O    doub N N 7   
ALA C   OXT  sing N N 8   
ALA CB  HB1  sing N N 9   
ALA CB  HB2  sing N N 10  
ALA CB  HB3  sing N N 11  
ALA OXT HXT  sing N N 12  
ARG N   CA   sing N N 13  
ARG N   H    sing N N 14  
ARG N   H2   sing N N 15  
ARG CA  C    sing N N 16  
ARG CA  CB   sing N N 17  
ARG CA  HA   sing N N 18  
ARG C   O    doub N N 19  
ARG C   OXT  sing N N 20  
ARG CB  CG   sing N N 21  
ARG CB  HB2  sing N N 22  
ARG CB  HB3  sing N N 23  
ARG CG  CD   sing N N 24  
ARG CG  HG2  sing N N 25  
ARG CG  HG3  sing N N 26  
ARG CD  NE   sing N N 27  
ARG CD  HD2  sing N N 28  
ARG CD  HD3  sing N N 29  
ARG NE  CZ   sing N N 30  
ARG NE  HE   sing N N 31  
ARG CZ  NH1  sing N N 32  
ARG CZ  NH2  doub N N 33  
ARG NH1 HH11 sing N N 34  
ARG NH1 HH12 sing N N 35  
ARG NH2 HH21 sing N N 36  
ARG NH2 HH22 sing N N 37  
ARG OXT HXT  sing N N 38  
ASN N   CA   sing N N 39  
ASN N   H    sing N N 40  
ASN N   H2   sing N N 41  
ASN CA  C    sing N N 42  
ASN CA  CB   sing N N 43  
ASN CA  HA   sing N N 44  
ASN C   O    doub N N 45  
ASN C   OXT  sing N N 46  
ASN CB  CG   sing N N 47  
ASN CB  HB2  sing N N 48  
ASN CB  HB3  sing N N 49  
ASN CG  OD1  doub N N 50  
ASN CG  ND2  sing N N 51  
ASN ND2 HD21 sing N N 52  
ASN ND2 HD22 sing N N 53  
ASN OXT HXT  sing N N 54  
ASP N   CA   sing N N 55  
ASP N   H    sing N N 56  
ASP N   H2   sing N N 57  
ASP CA  C    sing N N 58  
ASP CA  CB   sing N N 59  
ASP CA  HA   sing N N 60  
ASP C   O    doub N N 61  
ASP C   OXT  sing N N 62  
ASP CB  CG   sing N N 63  
ASP CB  HB2  sing N N 64  
ASP CB  HB3  sing N N 65  
ASP CG  OD1  doub N N 66  
ASP CG  OD2  sing N N 67  
ASP OD2 HD2  sing N N 68  
ASP OXT HXT  sing N N 69  
CYS N   CA   sing N N 70  
CYS N   H    sing N N 71  
CYS N   H2   sing N N 72  
CYS CA  C    sing N N 73  
CYS CA  CB   sing N N 74  
CYS CA  HA   sing N N 75  
CYS C   O    doub N N 76  
CYS C   OXT  sing N N 77  
CYS CB  SG   sing N N 78  
CYS CB  HB2  sing N N 79  
CYS CB  HB3  sing N N 80  
CYS SG  HG   sing N N 81  
CYS OXT HXT  sing N N 82  
GLN N   CA   sing N N 83  
GLN N   H    sing N N 84  
GLN N   H2   sing N N 85  
GLN CA  C    sing N N 86  
GLN CA  CB   sing N N 87  
GLN CA  HA   sing N N 88  
GLN C   O    doub N N 89  
GLN C   OXT  sing N N 90  
GLN CB  CG   sing N N 91  
GLN CB  HB2  sing N N 92  
GLN CB  HB3  sing N N 93  
GLN CG  CD   sing N N 94  
GLN CG  HG2  sing N N 95  
GLN CG  HG3  sing N N 96  
GLN CD  OE1  doub N N 97  
GLN CD  NE2  sing N N 98  
GLN NE2 HE21 sing N N 99  
GLN NE2 HE22 sing N N 100 
GLN OXT HXT  sing N N 101 
GLU N   CA   sing N N 102 
GLU N   H    sing N N 103 
GLU N   H2   sing N N 104 
GLU CA  C    sing N N 105 
GLU CA  CB   sing N N 106 
GLU CA  HA   sing N N 107 
GLU C   O    doub N N 108 
GLU C   OXT  sing N N 109 
GLU CB  CG   sing N N 110 
GLU CB  HB2  sing N N 111 
GLU CB  HB3  sing N N 112 
GLU CG  CD   sing N N 113 
GLU CG  HG2  sing N N 114 
GLU CG  HG3  sing N N 115 
GLU CD  OE1  doub N N 116 
GLU CD  OE2  sing N N 117 
GLU OE2 HE2  sing N N 118 
GLU OXT HXT  sing N N 119 
GLY N   CA   sing N N 120 
GLY N   H    sing N N 121 
GLY N   H2   sing N N 122 
GLY CA  C    sing N N 123 
GLY CA  HA2  sing N N 124 
GLY CA  HA3  sing N N 125 
GLY C   O    doub N N 126 
GLY C   OXT  sing N N 127 
GLY OXT HXT  sing N N 128 
HIS N   CA   sing N N 129 
HIS N   H    sing N N 130 
HIS N   H2   sing N N 131 
HIS CA  C    sing N N 132 
HIS CA  CB   sing N N 133 
HIS CA  HA   sing N N 134 
HIS C   O    doub N N 135 
HIS C   OXT  sing N N 136 
HIS CB  CG   sing N N 137 
HIS CB  HB2  sing N N 138 
HIS CB  HB3  sing N N 139 
HIS CG  ND1  sing Y N 140 
HIS CG  CD2  doub Y N 141 
HIS ND1 CE1  doub Y N 142 
HIS ND1 HD1  sing N N 143 
HIS CD2 NE2  sing Y N 144 
HIS CD2 HD2  sing N N 145 
HIS CE1 NE2  sing Y N 146 
HIS CE1 HE1  sing N N 147 
HIS NE2 HE2  sing N N 148 
HIS OXT HXT  sing N N 149 
HOH O   H1   sing N N 150 
HOH O   H2   sing N N 151 
ILE N   CA   sing N N 152 
ILE N   H    sing N N 153 
ILE N   H2   sing N N 154 
ILE CA  C    sing N N 155 
ILE CA  CB   sing N N 156 
ILE CA  HA   sing N N 157 
ILE C   O    doub N N 158 
ILE C   OXT  sing N N 159 
ILE CB  CG1  sing N N 160 
ILE CB  CG2  sing N N 161 
ILE CB  HB   sing N N 162 
ILE CG1 CD1  sing N N 163 
ILE CG1 HG12 sing N N 164 
ILE CG1 HG13 sing N N 165 
ILE CG2 HG21 sing N N 166 
ILE CG2 HG22 sing N N 167 
ILE CG2 HG23 sing N N 168 
ILE CD1 HD11 sing N N 169 
ILE CD1 HD12 sing N N 170 
ILE CD1 HD13 sing N N 171 
ILE OXT HXT  sing N N 172 
LEU N   CA   sing N N 173 
LEU N   H    sing N N 174 
LEU N   H2   sing N N 175 
LEU CA  C    sing N N 176 
LEU CA  CB   sing N N 177 
LEU CA  HA   sing N N 178 
LEU C   O    doub N N 179 
LEU C   OXT  sing N N 180 
LEU CB  CG   sing N N 181 
LEU CB  HB2  sing N N 182 
LEU CB  HB3  sing N N 183 
LEU CG  CD1  sing N N 184 
LEU CG  CD2  sing N N 185 
LEU CG  HG   sing N N 186 
LEU CD1 HD11 sing N N 187 
LEU CD1 HD12 sing N N 188 
LEU CD1 HD13 sing N N 189 
LEU CD2 HD21 sing N N 190 
LEU CD2 HD22 sing N N 191 
LEU CD2 HD23 sing N N 192 
LEU OXT HXT  sing N N 193 
LYS N   CA   sing N N 194 
LYS N   H    sing N N 195 
LYS N   H2   sing N N 196 
LYS CA  C    sing N N 197 
LYS CA  CB   sing N N 198 
LYS CA  HA   sing N N 199 
LYS C   O    doub N N 200 
LYS C   OXT  sing N N 201 
LYS CB  CG   sing N N 202 
LYS CB  HB2  sing N N 203 
LYS CB  HB3  sing N N 204 
LYS CG  CD   sing N N 205 
LYS CG  HG2  sing N N 206 
LYS CG  HG3  sing N N 207 
LYS CD  CE   sing N N 208 
LYS CD  HD2  sing N N 209 
LYS CD  HD3  sing N N 210 
LYS CE  NZ   sing N N 211 
LYS CE  HE2  sing N N 212 
LYS CE  HE3  sing N N 213 
LYS NZ  HZ1  sing N N 214 
LYS NZ  HZ2  sing N N 215 
LYS NZ  HZ3  sing N N 216 
LYS OXT HXT  sing N N 217 
MET N   CA   sing N N 218 
MET N   H    sing N N 219 
MET N   H2   sing N N 220 
MET CA  C    sing N N 221 
MET CA  CB   sing N N 222 
MET CA  HA   sing N N 223 
MET C   O    doub N N 224 
MET C   OXT  sing N N 225 
MET CB  CG   sing N N 226 
MET CB  HB2  sing N N 227 
MET CB  HB3  sing N N 228 
MET CG  SD   sing N N 229 
MET CG  HG2  sing N N 230 
MET CG  HG3  sing N N 231 
MET SD  CE   sing N N 232 
MET CE  HE1  sing N N 233 
MET CE  HE2  sing N N 234 
MET CE  HE3  sing N N 235 
MET OXT HXT  sing N N 236 
PHE N   CA   sing N N 237 
PHE N   H    sing N N 238 
PHE N   H2   sing N N 239 
PHE CA  C    sing N N 240 
PHE CA  CB   sing N N 241 
PHE CA  HA   sing N N 242 
PHE C   O    doub N N 243 
PHE C   OXT  sing N N 244 
PHE CB  CG   sing N N 245 
PHE CB  HB2  sing N N 246 
PHE CB  HB3  sing N N 247 
PHE CG  CD1  doub Y N 248 
PHE CG  CD2  sing Y N 249 
PHE CD1 CE1  sing Y N 250 
PHE CD1 HD1  sing N N 251 
PHE CD2 CE2  doub Y N 252 
PHE CD2 HD2  sing N N 253 
PHE CE1 CZ   doub Y N 254 
PHE CE1 HE1  sing N N 255 
PHE CE2 CZ   sing Y N 256 
PHE CE2 HE2  sing N N 257 
PHE CZ  HZ   sing N N 258 
PHE OXT HXT  sing N N 259 
PRO N   CA   sing N N 260 
PRO N   CD   sing N N 261 
PRO N   H    sing N N 262 
PRO CA  C    sing N N 263 
PRO CA  CB   sing N N 264 
PRO CA  HA   sing N N 265 
PRO C   O    doub N N 266 
PRO C   OXT  sing N N 267 
PRO CB  CG   sing N N 268 
PRO CB  HB2  sing N N 269 
PRO CB  HB3  sing N N 270 
PRO CG  CD   sing N N 271 
PRO CG  HG2  sing N N 272 
PRO CG  HG3  sing N N 273 
PRO CD  HD2  sing N N 274 
PRO CD  HD3  sing N N 275 
PRO OXT HXT  sing N N 276 
SER N   CA   sing N N 277 
SER N   H    sing N N 278 
SER N   H2   sing N N 279 
SER CA  C    sing N N 280 
SER CA  CB   sing N N 281 
SER CA  HA   sing N N 282 
SER C   O    doub N N 283 
SER C   OXT  sing N N 284 
SER CB  OG   sing N N 285 
SER CB  HB2  sing N N 286 
SER CB  HB3  sing N N 287 
SER OG  HG   sing N N 288 
SER OXT HXT  sing N N 289 
SO4 S   O1   doub N N 290 
SO4 S   O2   doub N N 291 
SO4 S   O3   sing N N 292 
SO4 S   O4   sing N N 293 
THR N   CA   sing N N 294 
THR N   H    sing N N 295 
THR N   H2   sing N N 296 
THR CA  C    sing N N 297 
THR CA  CB   sing N N 298 
THR CA  HA   sing N N 299 
THR C   O    doub N N 300 
THR C   OXT  sing N N 301 
THR CB  OG1  sing N N 302 
THR CB  CG2  sing N N 303 
THR CB  HB   sing N N 304 
THR OG1 HG1  sing N N 305 
THR CG2 HG21 sing N N 306 
THR CG2 HG22 sing N N 307 
THR CG2 HG23 sing N N 308 
THR OXT HXT  sing N N 309 
TRP N   CA   sing N N 310 
TRP N   H    sing N N 311 
TRP N   H2   sing N N 312 
TRP CA  C    sing N N 313 
TRP CA  CB   sing N N 314 
TRP CA  HA   sing N N 315 
TRP C   O    doub N N 316 
TRP C   OXT  sing N N 317 
TRP CB  CG   sing N N 318 
TRP CB  HB2  sing N N 319 
TRP CB  HB3  sing N N 320 
TRP CG  CD1  doub Y N 321 
TRP CG  CD2  sing Y N 322 
TRP CD1 NE1  sing Y N 323 
TRP CD1 HD1  sing N N 324 
TRP CD2 CE2  doub Y N 325 
TRP CD2 CE3  sing Y N 326 
TRP NE1 CE2  sing Y N 327 
TRP NE1 HE1  sing N N 328 
TRP CE2 CZ2  sing Y N 329 
TRP CE3 CZ3  doub Y N 330 
TRP CE3 HE3  sing N N 331 
TRP CZ2 CH2  doub Y N 332 
TRP CZ2 HZ2  sing N N 333 
TRP CZ3 CH2  sing Y N 334 
TRP CZ3 HZ3  sing N N 335 
TRP CH2 HH2  sing N N 336 
TRP OXT HXT  sing N N 337 
TYR N   CA   sing N N 338 
TYR N   H    sing N N 339 
TYR N   H2   sing N N 340 
TYR CA  C    sing N N 341 
TYR CA  CB   sing N N 342 
TYR CA  HA   sing N N 343 
TYR C   O    doub N N 344 
TYR C   OXT  sing N N 345 
TYR CB  CG   sing N N 346 
TYR CB  HB2  sing N N 347 
TYR CB  HB3  sing N N 348 
TYR CG  CD1  doub Y N 349 
TYR CG  CD2  sing Y N 350 
TYR CD1 CE1  sing Y N 351 
TYR CD1 HD1  sing N N 352 
TYR CD2 CE2  doub Y N 353 
TYR CD2 HD2  sing N N 354 
TYR CE1 CZ   doub Y N 355 
TYR CE1 HE1  sing N N 356 
TYR CE2 CZ   sing Y N 357 
TYR CE2 HE2  sing N N 358 
TYR CZ  OH   sing N N 359 
TYR OH  HH   sing N N 360 
TYR OXT HXT  sing N N 361 
VAL N   CA   sing N N 362 
VAL N   H    sing N N 363 
VAL N   H2   sing N N 364 
VAL CA  C    sing N N 365 
VAL CA  CB   sing N N 366 
VAL CA  HA   sing N N 367 
VAL C   O    doub N N 368 
VAL C   OXT  sing N N 369 
VAL CB  CG1  sing N N 370 
VAL CB  CG2  sing N N 371 
VAL CB  HB   sing N N 372 
VAL CG1 HG11 sing N N 373 
VAL CG1 HG12 sing N N 374 
VAL CG1 HG13 sing N N 375 
VAL CG2 HG21 sing N N 376 
VAL CG2 HG22 sing N N 377 
VAL CG2 HG23 sing N N 378 
VAL OXT HXT  sing N N 379 
# 
_pdbx_audit_support.funding_organization   'National Research Foundation (NRF, Korea)' 
_pdbx_audit_support.country                'Korea, Republic Of' 
_pdbx_audit_support.grant_number           2019M3E5D6063955 
_pdbx_audit_support.ordinal                1 
# 
loop_
_pdbx_entity_nonpoly.entity_id 
_pdbx_entity_nonpoly.name 
_pdbx_entity_nonpoly.comp_id 
3 'SULFATE ION'   SO4 
4 'MAGNESIUM ION' MG  
5 water           HOH 
# 
_pdbx_initial_refinement_model.id               1 
_pdbx_initial_refinement_model.entity_id_list   ? 
_pdbx_initial_refinement_model.type             'experimental model' 
_pdbx_initial_refinement_model.source_name      PDB 
_pdbx_initial_refinement_model.accession_code   2BZW 
_pdbx_initial_refinement_model.details          ? 
# 
_pdbx_struct_assembly_auth_evidence.id                     1 
_pdbx_struct_assembly_auth_evidence.assembly_id            1 
_pdbx_struct_assembly_auth_evidence.experimental_support   none 
_pdbx_struct_assembly_auth_evidence.details                ? 
# 
